data_1U2B
# 
_entry.id   1U2B 
# 
_audit_conform.dict_name       mmcif_pdbx.dic 
_audit_conform.dict_version    5.376 
_audit_conform.dict_location   http://mmcif.pdb.org/dictionaries/ascii/mmcif_pdbx.dic 
# 
loop_
_database_2.database_id 
_database_2.database_code 
_database_2.pdbx_database_accession 
_database_2.pdbx_DOI 
PDB   1U2B         pdb_00001u2b 10.2210/pdb1u2b/pdb 
RCSB  RCSB023156   ?            ?                   
WWPDB D_1000023156 ?            ?                   
# 
loop_
_pdbx_database_related.db_name 
_pdbx_database_related.db_id 
_pdbx_database_related.details 
_pdbx_database_related.content_type 
PDB 1U27 . unspecified 
PDB 1U29 . unspecified 
# 
_pdbx_database_status.status_code                     REL 
_pdbx_database_status.entry_id                        1U2B 
_pdbx_database_status.recvd_initial_deposition_date   2004-07-16 
_pdbx_database_status.deposit_site                    RCSB 
_pdbx_database_status.process_site                    RCSB 
_pdbx_database_status.status_code_sf                  REL 
_pdbx_database_status.status_code_mr                  ? 
_pdbx_database_status.SG_entry                        ? 
_pdbx_database_status.pdb_format_compatible           Y 
_pdbx_database_status.status_code_cs                  ? 
_pdbx_database_status.status_code_nmr_data            ? 
_pdbx_database_status.methods_development_category    ? 
# 
loop_
_audit_author.name 
_audit_author.pdbx_ordinal 
'Cronin, T.C.'    1 
'DiNitto, J.P.'   2 
'Czech, M.P.'     3 
'Lambright, D.G.' 4 
# 
_citation.id                        primary 
_citation.title                     
'Structural determinants of phosphoinositide selectivity in splice variants of Grp1 family PH domains' 
_citation.journal_abbrev            'Embo J.' 
_citation.journal_volume            23 
_citation.page_first                3711 
_citation.page_last                 3720 
_citation.year                      2004 
_citation.journal_id_ASTM           EMJODG 
_citation.country                   UK 
_citation.journal_id_ISSN           0261-4189 
_citation.journal_id_CSD            0897 
_citation.book_publisher            ? 
_citation.pdbx_database_id_PubMed   15359279 
_citation.pdbx_database_id_DOI      10.1038/sj.emboj.7600388 
# 
loop_
_citation_author.citation_id 
_citation_author.name 
_citation_author.ordinal 
_citation_author.identifier_ORCID 
primary 'Cronin, T.C.'    1 ? 
primary 'DiNitto, J.P.'   2 ? 
primary 'Czech, M.P.'     3 ? 
primary 'Lambright, D.G.' 4 ? 
# 
_cell.entry_id           1U2B 
_cell.length_a           40.794 
_cell.length_b           107.514 
_cell.length_c           37.359 
_cell.angle_alpha        90.00 
_cell.angle_beta         90.00 
_cell.angle_gamma        90.00 
_cell.Z_PDB              4 
_cell.pdbx_unique_axis   ? 
# 
_symmetry.entry_id                         1U2B 
_symmetry.space_group_name_H-M             'P 21 21 2' 
_symmetry.pdbx_full_space_group_name_H-M   ? 
_symmetry.cell_setting                     ? 
_symmetry.Int_Tables_number                18 
_symmetry.space_group_name_Hall            ? 
# 
loop_
_entity.id 
_entity.type 
_entity.src_method 
_entity.pdbx_description 
_entity.formula_weight 
_entity.pdbx_number_of_molecules 
_entity.pdbx_ec 
_entity.pdbx_mutation 
_entity.pdbx_fragment 
_entity.details 
1 polymer     man 'Cytohesin 3' 16259.445 1  ? ? PH ? 
2 non-polymer syn 'SULFATE ION' 96.063    2  ? ? ?  ? 
3 water       nat water         18.015    76 ? ? ?  ? 
# 
_entity_name_com.entity_id   1 
_entity_name_com.name        
'ARF nucleotide-binding site opener 3, ARNO3 protein, General receptor of phosphoinositides 1, Grp1, CLM-3' 
# 
_entity_poly.entity_id                      1 
_entity_poly.type                           'polypeptide(L)' 
_entity_poly.nstd_linkage                   no 
_entity_poly.nstd_monomer                   no 
_entity_poly.pdbx_seq_one_letter_code       
;MGHHHHHHGSTFFNPDREGWLLKLGGGRVKTWKRRWFILTDNCLYYFEYTTDKEPRGIIPLENLSIREVEDPRKPNCFEL
YNPSHKGQVIKACKTEADGRVVEGNHVVYRISAPSPEEKEEWMKSIKASISRDPFYDM
;
_entity_poly.pdbx_seq_one_letter_code_can   
;MGHHHHHHGSTFFNPDREGWLLKLGGGRVKTWKRRWFILTDNCLYYFEYTTDKEPRGIIPLENLSIREVEDPRKPNCFEL
YNPSHKGQVIKACKTEADGRVVEGNHVVYRISAPSPEEKEEWMKSIKASISRDPFYDM
;
_entity_poly.pdbx_strand_id                 A 
_entity_poly.pdbx_target_identifier         ? 
# 
loop_
_entity_poly_seq.entity_id 
_entity_poly_seq.num 
_entity_poly_seq.mon_id 
_entity_poly_seq.hetero 
1 1   MET n 
1 2   GLY n 
1 3   HIS n 
1 4   HIS n 
1 5   HIS n 
1 6   HIS n 
1 7   HIS n 
1 8   HIS n 
1 9   GLY n 
1 10  SER n 
1 11  THR n 
1 12  PHE n 
1 13  PHE n 
1 14  ASN n 
1 15  PRO n 
1 16  ASP n 
1 17  ARG n 
1 18  GLU n 
1 19  GLY n 
1 20  TRP n 
1 21  LEU n 
1 22  LEU n 
1 23  LYS n 
1 24  LEU n 
1 25  GLY n 
1 26  GLY n 
1 27  GLY n 
1 28  ARG n 
1 29  VAL n 
1 30  LYS n 
1 31  THR n 
1 32  TRP n 
1 33  LYS n 
1 34  ARG n 
1 35  ARG n 
1 36  TRP n 
1 37  PHE n 
1 38  ILE n 
1 39  LEU n 
1 40  THR n 
1 41  ASP n 
1 42  ASN n 
1 43  CYS n 
1 44  LEU n 
1 45  TYR n 
1 46  TYR n 
1 47  PHE n 
1 48  GLU n 
1 49  TYR n 
1 50  THR n 
1 51  THR n 
1 52  ASP n 
1 53  LYS n 
1 54  GLU n 
1 55  PRO n 
1 56  ARG n 
1 57  GLY n 
1 58  ILE n 
1 59  ILE n 
1 60  PRO n 
1 61  LEU n 
1 62  GLU n 
1 63  ASN n 
1 64  LEU n 
1 65  SER n 
1 66  ILE n 
1 67  ARG n 
1 68  GLU n 
1 69  VAL n 
1 70  GLU n 
1 71  ASP n 
1 72  PRO n 
1 73  ARG n 
1 74  LYS n 
1 75  PRO n 
1 76  ASN n 
1 77  CYS n 
1 78  PHE n 
1 79  GLU n 
1 80  LEU n 
1 81  TYR n 
1 82  ASN n 
1 83  PRO n 
1 84  SER n 
1 85  HIS n 
1 86  LYS n 
1 87  GLY n 
1 88  GLN n 
1 89  VAL n 
1 90  ILE n 
1 91  LYS n 
1 92  ALA n 
1 93  CYS n 
1 94  LYS n 
1 95  THR n 
1 96  GLU n 
1 97  ALA n 
1 98  ASP n 
1 99  GLY n 
1 100 ARG n 
1 101 VAL n 
1 102 VAL n 
1 103 GLU n 
1 104 GLY n 
1 105 ASN n 
1 106 HIS n 
1 107 VAL n 
1 108 VAL n 
1 109 TYR n 
1 110 ARG n 
1 111 ILE n 
1 112 SER n 
1 113 ALA n 
1 114 PRO n 
1 115 SER n 
1 116 PRO n 
1 117 GLU n 
1 118 GLU n 
1 119 LYS n 
1 120 GLU n 
1 121 GLU n 
1 122 TRP n 
1 123 MET n 
1 124 LYS n 
1 125 SER n 
1 126 ILE n 
1 127 LYS n 
1 128 ALA n 
1 129 SER n 
1 130 ILE n 
1 131 SER n 
1 132 ARG n 
1 133 ASP n 
1 134 PRO n 
1 135 PHE n 
1 136 TYR n 
1 137 ASP n 
1 138 MET n 
# 
_entity_src_gen.entity_id                          1 
_entity_src_gen.pdbx_src_id                        1 
_entity_src_gen.pdbx_alt_source_flag               sample 
_entity_src_gen.pdbx_seq_type                      ? 
_entity_src_gen.pdbx_beg_seq_num                   ? 
_entity_src_gen.pdbx_end_seq_num                   ? 
_entity_src_gen.gene_src_common_name               'house mouse' 
_entity_src_gen.gene_src_genus                     Mus 
_entity_src_gen.pdbx_gene_src_gene                 'Pscd3, Grp1' 
_entity_src_gen.gene_src_species                   ? 
_entity_src_gen.gene_src_strain                    ? 
_entity_src_gen.gene_src_tissue                    ? 
_entity_src_gen.gene_src_tissue_fraction           ? 
_entity_src_gen.gene_src_details                   ? 
_entity_src_gen.pdbx_gene_src_fragment             ? 
_entity_src_gen.pdbx_gene_src_scientific_name      'Mus musculus' 
_entity_src_gen.pdbx_gene_src_ncbi_taxonomy_id     10090 
_entity_src_gen.pdbx_gene_src_variant              ? 
_entity_src_gen.pdbx_gene_src_cell_line            ? 
_entity_src_gen.pdbx_gene_src_atcc                 ? 
_entity_src_gen.pdbx_gene_src_organ                ? 
_entity_src_gen.pdbx_gene_src_organelle            ? 
_entity_src_gen.pdbx_gene_src_cell                 ? 
_entity_src_gen.pdbx_gene_src_cellular_location    ? 
_entity_src_gen.host_org_common_name               ? 
_entity_src_gen.pdbx_host_org_scientific_name      'Escherichia coli BL21(DE3)' 
_entity_src_gen.pdbx_host_org_ncbi_taxonomy_id     469008 
_entity_src_gen.host_org_genus                     Escherichia 
_entity_src_gen.pdbx_host_org_gene                 ? 
_entity_src_gen.pdbx_host_org_organ                ? 
_entity_src_gen.host_org_species                   'Escherichia coli' 
_entity_src_gen.pdbx_host_org_tissue               ? 
_entity_src_gen.pdbx_host_org_tissue_fraction      ? 
_entity_src_gen.pdbx_host_org_strain               'BL21(DE3)' 
_entity_src_gen.pdbx_host_org_variant              ? 
_entity_src_gen.pdbx_host_org_cell_line            ? 
_entity_src_gen.pdbx_host_org_atcc                 ? 
_entity_src_gen.pdbx_host_org_culture_collection   ? 
_entity_src_gen.pdbx_host_org_cell                 ? 
_entity_src_gen.pdbx_host_org_organelle            ? 
_entity_src_gen.pdbx_host_org_cellular_location    ? 
_entity_src_gen.pdbx_host_org_vector_type          Plasmid 
_entity_src_gen.pdbx_host_org_vector               ? 
_entity_src_gen.host_org_details                   ? 
_entity_src_gen.expression_system_id               ? 
_entity_src_gen.plasmid_name                       pET15b 
_entity_src_gen.plasmid_details                    ? 
_entity_src_gen.pdbx_description                   ? 
# 
_struct_ref.id                         1 
_struct_ref.db_name                    UNP 
_struct_ref.db_code                    CYH3_MOUSE 
_struct_ref.pdbx_db_accession          O08967 
_struct_ref.entity_id                  1 
_struct_ref.pdbx_seq_one_letter_code   
;TFFNPDREGWLLKLGG-RVKTWKRRWFILTDNCLYYFEYTTDKEPRGIIPLENLSIREVEDPRKPNCFELYNPSHKGQVI
KACKTEADGRVVEGNHVVYRISAPSPEEKEEWMKSIKASISRDPFYDM
;
_struct_ref.pdbx_align_begin           261 
_struct_ref.pdbx_db_isoform            ? 
# 
_struct_ref_seq.align_id                      1 
_struct_ref_seq.ref_id                        1 
_struct_ref_seq.pdbx_PDB_id_code              1U2B 
_struct_ref_seq.pdbx_strand_id                A 
_struct_ref_seq.seq_align_beg                 11 
_struct_ref_seq.pdbx_seq_align_beg_ins_code   ? 
_struct_ref_seq.seq_align_end                 138 
_struct_ref_seq.pdbx_seq_align_end_ins_code   ? 
_struct_ref_seq.pdbx_db_accession             O08967 
_struct_ref_seq.db_align_beg                  261 
_struct_ref_seq.pdbx_db_align_beg_ins_code    ? 
_struct_ref_seq.db_align_end                  388 
_struct_ref_seq.pdbx_db_align_end_ins_code    ? 
_struct_ref_seq.pdbx_auth_seq_align_beg       261 
_struct_ref_seq.pdbx_auth_seq_align_end       388 
# 
loop_
_struct_ref_seq_dif.align_id 
_struct_ref_seq_dif.pdbx_pdb_id_code 
_struct_ref_seq_dif.mon_id 
_struct_ref_seq_dif.pdbx_pdb_strand_id 
_struct_ref_seq_dif.seq_num 
_struct_ref_seq_dif.pdbx_pdb_ins_code 
_struct_ref_seq_dif.pdbx_seq_db_name 
_struct_ref_seq_dif.pdbx_seq_db_accession_code 
_struct_ref_seq_dif.db_mon_id 
_struct_ref_seq_dif.pdbx_seq_db_seq_num 
_struct_ref_seq_dif.details 
_struct_ref_seq_dif.pdbx_auth_seq_num 
_struct_ref_seq_dif.pdbx_ordinal 
1 1U2B MET A 1  ? UNP O08967 ? ?   'cloning artifact' 251 1  
1 1U2B GLY A 2  ? UNP O08967 ? ?   'cloning artifact' 252 2  
1 1U2B HIS A 3  ? UNP O08967 ? ?   'cloning artifact' 253 3  
1 1U2B HIS A 4  ? UNP O08967 ? ?   'cloning artifact' 254 4  
1 1U2B HIS A 5  ? UNP O08967 ? ?   'cloning artifact' 255 5  
1 1U2B HIS A 6  ? UNP O08967 ? ?   'cloning artifact' 256 6  
1 1U2B HIS A 7  ? UNP O08967 ? ?   'cloning artifact' 257 7  
1 1U2B HIS A 8  ? UNP O08967 ? ?   'cloning artifact' 258 8  
1 1U2B GLY A 9  ? UNP O08967 ? ?   'cloning artifact' 259 9  
1 1U2B SER A 10 ? UNP O08967 ? ?   'cloning artifact' 260 10 
1 1U2B GLY A 27 ? UNP O08967 ? 277 insertion          277 11 
# 
loop_
_chem_comp.id 
_chem_comp.type 
_chem_comp.mon_nstd_flag 
_chem_comp.name 
_chem_comp.pdbx_synonyms 
_chem_comp.formula 
_chem_comp.formula_weight 
ALA 'L-peptide linking' y ALANINE         ? 'C3 H7 N O2'     89.093  
ARG 'L-peptide linking' y ARGININE        ? 'C6 H15 N4 O2 1' 175.209 
ASN 'L-peptide linking' y ASPARAGINE      ? 'C4 H8 N2 O3'    132.118 
ASP 'L-peptide linking' y 'ASPARTIC ACID' ? 'C4 H7 N O4'     133.103 
CYS 'L-peptide linking' y CYSTEINE        ? 'C3 H7 N O2 S'   121.158 
GLN 'L-peptide linking' y GLUTAMINE       ? 'C5 H10 N2 O3'   146.144 
GLU 'L-peptide linking' y 'GLUTAMIC ACID' ? 'C5 H9 N O4'     147.129 
GLY 'peptide linking'   y GLYCINE         ? 'C2 H5 N O2'     75.067  
HIS 'L-peptide linking' y HISTIDINE       ? 'C6 H10 N3 O2 1' 156.162 
HOH non-polymer         . WATER           ? 'H2 O'           18.015  
ILE 'L-peptide linking' y ISOLEUCINE      ? 'C6 H13 N O2'    131.173 
LEU 'L-peptide linking' y LEUCINE         ? 'C6 H13 N O2'    131.173 
LYS 'L-peptide linking' y LYSINE          ? 'C6 H15 N2 O2 1' 147.195 
MET 'L-peptide linking' y METHIONINE      ? 'C5 H11 N O2 S'  149.211 
PHE 'L-peptide linking' y PHENYLALANINE   ? 'C9 H11 N O2'    165.189 
PRO 'L-peptide linking' y PROLINE         ? 'C5 H9 N O2'     115.130 
SER 'L-peptide linking' y SERINE          ? 'C3 H7 N O3'     105.093 
SO4 non-polymer         . 'SULFATE ION'   ? 'O4 S -2'        96.063  
THR 'L-peptide linking' y THREONINE       ? 'C4 H9 N O3'     119.119 
TRP 'L-peptide linking' y TRYPTOPHAN      ? 'C11 H12 N2 O2'  204.225 
TYR 'L-peptide linking' y TYROSINE        ? 'C9 H11 N O3'    181.189 
VAL 'L-peptide linking' y VALINE          ? 'C5 H11 N O2'    117.146 
# 
_exptl.entry_id          1U2B 
_exptl.method            'X-RAY DIFFRACTION' 
_exptl.crystals_number   1 
# 
_exptl_crystal.id                    1 
_exptl_crystal.density_meas          ? 
_exptl_crystal.density_Matthews      2.73 
_exptl_crystal.density_percent_sol   55.0 
_exptl_crystal.description           ? 
_exptl_crystal.F_000                 ? 
_exptl_crystal.preparation           ? 
# 
_exptl_crystal_grow.crystal_id      1 
_exptl_crystal_grow.method          'VAPOR DIFFUSION, HANGING DROP' 
_exptl_crystal_grow.temp            293 
_exptl_crystal_grow.temp_details    ? 
_exptl_crystal_grow.pH              4.2 
_exptl_crystal_grow.pdbx_details    
'PEG 4000, sodium acetate, 10% glycerol, lithium sulfate, pH 4.2, VAPOR DIFFUSION, HANGING DROP, temperature 293K' 
_exptl_crystal_grow.pdbx_pH_range   . 
# 
_diffrn.id                     1 
_diffrn.ambient_temp           100 
_diffrn.ambient_temp_details   ? 
_diffrn.crystal_id             1 
# 
_diffrn_detector.diffrn_id              1 
_diffrn_detector.detector               'IMAGE PLATE' 
_diffrn_detector.type                   MARRESEARCH 
_diffrn_detector.pdbx_collection_date   2000-09-19 
_diffrn_detector.details                ? 
# 
_diffrn_radiation.diffrn_id                        1 
_diffrn_radiation.wavelength_id                    1 
_diffrn_radiation.pdbx_monochromatic_or_laue_m_l   M 
_diffrn_radiation.monochromator                    ? 
_diffrn_radiation.pdbx_diffrn_protocol             'SINGLE WAVELENGTH' 
_diffrn_radiation.pdbx_scattering_type             x-ray 
# 
_diffrn_radiation_wavelength.id           1 
_diffrn_radiation_wavelength.wavelength   1.54 
_diffrn_radiation_wavelength.wt           1.0 
# 
_diffrn_source.diffrn_id                   1 
_diffrn_source.source                      'ROTATING ANODE' 
_diffrn_source.type                        ? 
_diffrn_source.pdbx_synchrotron_site       ? 
_diffrn_source.pdbx_synchrotron_beamline   ? 
_diffrn_source.pdbx_wavelength             ? 
_diffrn_source.pdbx_wavelength_list        1.54 
# 
_reflns.entry_id                     1U2B 
_reflns.observed_criterion_sigma_F   0 
_reflns.observed_criterion_sigma_I   -3 
_reflns.d_resolution_high            1.8 
_reflns.d_resolution_low             50.0 
_reflns.number_all                   15937 
_reflns.number_obs                   15719 
_reflns.percent_possible_obs         98.6 
_reflns.pdbx_Rmerge_I_obs            ? 
_reflns.pdbx_Rsym_value              ? 
_reflns.pdbx_netI_over_sigmaI        ? 
_reflns.B_iso_Wilson_estimate        ? 
_reflns.pdbx_redundancy              ? 
_reflns.R_free_details               ? 
_reflns.limit_h_max                  ? 
_reflns.limit_h_min                  ? 
_reflns.limit_k_max                  ? 
_reflns.limit_k_min                  ? 
_reflns.limit_l_max                  ? 
_reflns.limit_l_min                  ? 
_reflns.observed_criterion_F_max     ? 
_reflns.observed_criterion_F_min     ? 
_reflns.pdbx_chi_squared             ? 
_reflns.pdbx_scaling_rejects         ? 
_reflns.pdbx_diffrn_id               1 
_reflns.pdbx_ordinal                 1 
# 
_reflns_shell.d_res_high             1.80 
_reflns_shell.d_res_low              1.85 
_reflns_shell.percent_possible_all   96.8 
_reflns_shell.Rmerge_I_obs           ? 
_reflns_shell.pdbx_Rsym_value        ? 
_reflns_shell.meanI_over_sigI_obs    ? 
_reflns_shell.pdbx_redundancy        ? 
_reflns_shell.percent_possible_obs   ? 
_reflns_shell.number_unique_all      ? 
_reflns_shell.number_measured_all    ? 
_reflns_shell.number_measured_obs    ? 
_reflns_shell.number_unique_obs      ? 
_reflns_shell.pdbx_chi_squared       ? 
_reflns_shell.pdbx_diffrn_id         ? 
_reflns_shell.pdbx_ordinal           1 
# 
_refine.entry_id                                 1U2B 
_refine.ls_number_reflns_obs                     14899 
_refine.ls_number_reflns_all                     15086 
_refine.pdbx_ls_sigma_I                          0 
_refine.pdbx_ls_sigma_F                          0 
_refine.pdbx_data_cutoff_high_absF               ? 
_refine.pdbx_data_cutoff_low_absF                ? 
_refine.pdbx_data_cutoff_high_rms_absF           ? 
_refine.ls_d_res_low                             20.00 
_refine.ls_d_res_high                            1.80 
_refine.ls_percent_reflns_obs                    98.76 
_refine.ls_R_factor_obs                          0.21897 
_refine.ls_R_factor_all                          0.21897 
_refine.ls_R_factor_R_work                       0.21786 
_refine.ls_R_factor_R_free                       0.24004 
_refine.ls_R_factor_R_free_error                 ? 
_refine.ls_R_factor_R_free_error_details         ? 
_refine.ls_percent_reflns_R_free                 5.0 
_refine.ls_number_reflns_R_free                  784 
_refine.ls_number_parameters                     ? 
_refine.ls_number_restraints                     ? 
_refine.occupancy_min                            ? 
_refine.occupancy_max                            ? 
_refine.correlation_coeff_Fo_to_Fc               0.939 
_refine.correlation_coeff_Fo_to_Fc_free          0.924 
_refine.B_iso_mean                               23.028 
_refine.aniso_B[1][1]                            -0.60 
_refine.aniso_B[2][2]                            0.82 
_refine.aniso_B[3][3]                            -0.23 
_refine.aniso_B[1][2]                            0.00 
_refine.aniso_B[1][3]                            0.00 
_refine.aniso_B[2][3]                            0.00 
_refine.solvent_model_details                    'BABINET MODEL WITH MASK' 
_refine.solvent_model_param_ksol                 ? 
_refine.solvent_model_param_bsol                 ? 
_refine.pdbx_solvent_vdw_probe_radii             1.40 
_refine.pdbx_solvent_ion_probe_radii             0.80 
_refine.pdbx_solvent_shrinkage_radii             0.80 
_refine.pdbx_ls_cross_valid_method               THROUGHOUT 
_refine.details                                  
;Hydrogens have been added in the riding positions.
Several atoms for residues 280, 323, 334, 335, 336,
353, 355, 370 and 387 were modeled into this 
structure with zero occupancy because they are part
of the PH domain and were not deleted or mutated.
;
_refine.pdbx_starting_model                      1FGY 
_refine.pdbx_method_to_determine_struct          'MOLECULAR REPLACEMENT' 
_refine.pdbx_isotropic_thermal_model             ? 
_refine.pdbx_stereochemistry_target_values       'MAXIMUM LIKELIHOOD' 
_refine.pdbx_stereochem_target_val_spec_case     ? 
_refine.pdbx_R_Free_selection_details            RANDOM 
_refine.pdbx_overall_ESU_R                       0.128 
_refine.pdbx_overall_ESU_R_Free                  0.119 
_refine.overall_SU_ML                            0.086 
_refine.overall_SU_B                             2.746 
_refine.ls_redundancy_reflns_obs                 ? 
_refine.B_iso_min                                ? 
_refine.B_iso_max                                ? 
_refine.overall_SU_R_Cruickshank_DPI             ? 
_refine.overall_SU_R_free                        ? 
_refine.ls_wR_factor_R_free                      ? 
_refine.ls_wR_factor_R_work                      ? 
_refine.overall_FOM_free_R_set                   ? 
_refine.overall_FOM_work_R_set                   ? 
_refine.pdbx_refine_id                           'X-RAY DIFFRACTION' 
_refine.pdbx_diffrn_id                           1 
_refine.pdbx_TLS_residual_ADP_flag               ? 
_refine.pdbx_overall_phase_error                 ? 
_refine.pdbx_overall_SU_R_free_Cruickshank_DPI   ? 
_refine.pdbx_overall_SU_R_Blow_DPI               ? 
_refine.pdbx_overall_SU_R_free_Blow_DPI          ? 
# 
_refine_hist.pdbx_refine_id                   'X-RAY DIFFRACTION' 
_refine_hist.cycle_id                         LAST 
_refine_hist.pdbx_number_atoms_protein        1057 
_refine_hist.pdbx_number_atoms_nucleic_acid   0 
_refine_hist.pdbx_number_atoms_ligand         10 
_refine_hist.number_atoms_solvent             76 
_refine_hist.number_atoms_total               1143 
_refine_hist.d_res_high                       1.80 
_refine_hist.d_res_low                        20.00 
# 
loop_
_refine_ls_restr.type 
_refine_ls_restr.dev_ideal 
_refine_ls_restr.dev_ideal_target 
_refine_ls_restr.weight 
_refine_ls_restr.number 
_refine_ls_restr.pdbx_refine_id 
_refine_ls_restr.pdbx_restraint_function 
r_bond_refined_d         0.009 0.022 ? 1032 'X-RAY DIFFRACTION' ? 
r_bond_other_d           0.002 0.020 ? 918  'X-RAY DIFFRACTION' ? 
r_angle_refined_deg      1.136 1.956 ? 1401 'X-RAY DIFFRACTION' ? 
r_angle_other_deg        0.724 3.000 ? 2139 'X-RAY DIFFRACTION' ? 
r_dihedral_angle_1_deg   5.985 5.000 ? 122  'X-RAY DIFFRACTION' ? 
r_chiral_restr           0.070 0.200 ? 146  'X-RAY DIFFRACTION' ? 
r_gen_planes_refined     0.004 0.020 ? 1124 'X-RAY DIFFRACTION' ? 
r_gen_planes_other       0.002 0.020 ? 216  'X-RAY DIFFRACTION' ? 
r_nbd_refined            0.190 0.200 ? 170  'X-RAY DIFFRACTION' ? 
r_nbd_other              0.243 0.200 ? 976  'X-RAY DIFFRACTION' ? 
r_nbtor_other            0.082 0.200 ? 619  'X-RAY DIFFRACTION' ? 
r_xyhbond_nbd_refined    0.170 0.200 ? 55   'X-RAY DIFFRACTION' ? 
r_symmetry_vdw_refined   0.158 0.200 ? 5    'X-RAY DIFFRACTION' ? 
r_symmetry_vdw_other     0.267 0.200 ? 52   'X-RAY DIFFRACTION' ? 
r_symmetry_hbond_refined 0.096 0.200 ? 4    'X-RAY DIFFRACTION' ? 
r_mcbond_it              0.766 1.500 ? 621  'X-RAY DIFFRACTION' ? 
r_mcangle_it             1.424 2.000 ? 1001 'X-RAY DIFFRACTION' ? 
r_scbond_it              1.618 3.000 ? 411  'X-RAY DIFFRACTION' ? 
r_scangle_it             2.660 4.500 ? 400  'X-RAY DIFFRACTION' ? 
# 
_refine_ls_shell.pdbx_total_number_of_bins_used   20 
_refine_ls_shell.d_res_high                       1.800 
_refine_ls_shell.d_res_low                        1.846 
_refine_ls_shell.number_reflns_R_work             1052 
_refine_ls_shell.R_factor_R_work                  0.27 
_refine_ls_shell.percent_reflns_obs               ? 
_refine_ls_shell.R_factor_R_free                  0.22 
_refine_ls_shell.R_factor_R_free_error            ? 
_refine_ls_shell.percent_reflns_R_free            ? 
_refine_ls_shell.number_reflns_R_free             59 
_refine_ls_shell.number_reflns_obs                ? 
_refine_ls_shell.redundancy_reflns_obs            ? 
_refine_ls_shell.number_reflns_all                ? 
_refine_ls_shell.pdbx_refine_id                   'X-RAY DIFFRACTION' 
_refine_ls_shell.R_factor_all                     ? 
# 
_struct.entry_id                  1U2B 
_struct.title                     'Triglycine variant of the Grp1 Pleckstrin Homology Domain unliganded' 
_struct.pdbx_model_details        ? 
_struct.pdbx_CASP_flag            ? 
_struct.pdbx_model_type_details   ? 
# 
_struct_keywords.entry_id        1U2B 
_struct_keywords.pdbx_keywords   'LIPID BINDING PROTEIN' 
_struct_keywords.text            'PH domain, lipid binding, phosphoinositides, LIPID BINDING PROTEIN' 
# 
loop_
_struct_asym.id 
_struct_asym.pdbx_blank_PDB_chainid_flag 
_struct_asym.pdbx_modified 
_struct_asym.entity_id 
_struct_asym.details 
A N N 1 ? 
B N N 2 ? 
C N N 2 ? 
D N N 3 ? 
# 
_struct_biol.id                    1 
_struct_biol.pdbx_parent_biol_id   ? 
_struct_biol.details               ? 
# 
_struct_conf.conf_type_id            HELX_P 
_struct_conf.id                      HELX_P1 
_struct_conf.pdbx_PDB_helix_id       1 
_struct_conf.beg_label_comp_id       SER 
_struct_conf.beg_label_asym_id       A 
_struct_conf.beg_label_seq_id        115 
_struct_conf.pdbx_beg_PDB_ins_code   ? 
_struct_conf.end_label_comp_id       ASP 
_struct_conf.end_label_asym_id       A 
_struct_conf.end_label_seq_id        133 
_struct_conf.pdbx_end_PDB_ins_code   ? 
_struct_conf.beg_auth_comp_id        SER 
_struct_conf.beg_auth_asym_id        A 
_struct_conf.beg_auth_seq_id         365 
_struct_conf.end_auth_comp_id        ASP 
_struct_conf.end_auth_asym_id        A 
_struct_conf.end_auth_seq_id         383 
_struct_conf.pdbx_PDB_helix_class    1 
_struct_conf.details                 ? 
_struct_conf.pdbx_PDB_helix_length   19 
# 
_struct_conf_type.id          HELX_P 
_struct_conf_type.criteria    ? 
_struct_conf_type.reference   ? 
# 
_struct_sheet.id               A 
_struct_sheet.type             ? 
_struct_sheet.number_strands   9 
_struct_sheet.details          ? 
# 
loop_
_struct_sheet_order.sheet_id 
_struct_sheet_order.range_id_1 
_struct_sheet_order.range_id_2 
_struct_sheet_order.offset 
_struct_sheet_order.sense 
A 1 2 ? anti-parallel 
A 2 3 ? anti-parallel 
A 3 4 ? anti-parallel 
A 4 5 ? anti-parallel 
A 5 6 ? anti-parallel 
A 6 7 ? anti-parallel 
A 7 8 ? anti-parallel 
A 8 9 ? anti-parallel 
# 
loop_
_struct_sheet_range.sheet_id 
_struct_sheet_range.id 
_struct_sheet_range.beg_label_comp_id 
_struct_sheet_range.beg_label_asym_id 
_struct_sheet_range.beg_label_seq_id 
_struct_sheet_range.pdbx_beg_PDB_ins_code 
_struct_sheet_range.end_label_comp_id 
_struct_sheet_range.end_label_asym_id 
_struct_sheet_range.end_label_seq_id 
_struct_sheet_range.pdbx_end_PDB_ins_code 
_struct_sheet_range.beg_auth_comp_id 
_struct_sheet_range.beg_auth_asym_id 
_struct_sheet_range.beg_auth_seq_id 
_struct_sheet_range.end_auth_comp_id 
_struct_sheet_range.end_auth_asym_id 
_struct_sheet_range.end_auth_seq_id 
A 1 SER A 65  ? GLU A 68  ? SER A 315 GLU A 318 
A 2 CYS A 77  ? TYR A 81  ? CYS A 327 TYR A 331 
A 3 VAL A 108 ? SER A 112 ? VAL A 358 SER A 362 
A 4 ARG A 17  ? LEU A 24  ? ARG A 267 LEU A 274 
A 5 TRP A 32  ? THR A 40  ? TRP A 282 THR A 290 
A 6 CYS A 43  ? PHE A 47  ? CYS A 293 PHE A 297 
A 7 GLY A 57  ? PRO A 60  ? GLY A 307 PRO A 310 
A 8 CYS A 93  ? THR A 95  ? CYS A 343 THR A 345 
A 9 VAL A 101 ? GLU A 103 ? VAL A 351 GLU A 353 
# 
loop_
_pdbx_struct_sheet_hbond.sheet_id 
_pdbx_struct_sheet_hbond.range_id_1 
_pdbx_struct_sheet_hbond.range_id_2 
_pdbx_struct_sheet_hbond.range_1_label_atom_id 
_pdbx_struct_sheet_hbond.range_1_label_comp_id 
_pdbx_struct_sheet_hbond.range_1_label_asym_id 
_pdbx_struct_sheet_hbond.range_1_label_seq_id 
_pdbx_struct_sheet_hbond.range_1_PDB_ins_code 
_pdbx_struct_sheet_hbond.range_1_auth_atom_id 
_pdbx_struct_sheet_hbond.range_1_auth_comp_id 
_pdbx_struct_sheet_hbond.range_1_auth_asym_id 
_pdbx_struct_sheet_hbond.range_1_auth_seq_id 
_pdbx_struct_sheet_hbond.range_2_label_atom_id 
_pdbx_struct_sheet_hbond.range_2_label_comp_id 
_pdbx_struct_sheet_hbond.range_2_label_asym_id 
_pdbx_struct_sheet_hbond.range_2_label_seq_id 
_pdbx_struct_sheet_hbond.range_2_PDB_ins_code 
_pdbx_struct_sheet_hbond.range_2_auth_atom_id 
_pdbx_struct_sheet_hbond.range_2_auth_comp_id 
_pdbx_struct_sheet_hbond.range_2_auth_asym_id 
_pdbx_struct_sheet_hbond.range_2_auth_seq_id 
A 1 2 N ARG A 67  ? N ARG A 317 O GLU A 79  ? O GLU A 329 
A 2 3 N PHE A 78  ? N PHE A 328 O ILE A 111 ? O ILE A 361 
A 3 4 O SER A 112 ? O SER A 362 N LEU A 22  ? N LEU A 272 
A 4 5 N ARG A 17  ? N ARG A 267 O LEU A 39  ? O LEU A 289 
A 5 6 N ILE A 38  ? N ILE A 288 O TYR A 45  ? O TYR A 295 
A 6 7 N LEU A 44  ? N LEU A 294 O ILE A 59  ? O ILE A 309 
A 7 8 N ILE A 58  ? N ILE A 308 O CYS A 93  ? O CYS A 343 
A 8 9 N LYS A 94  ? N LYS A 344 O VAL A 102 ? O VAL A 352 
# 
loop_
_struct_site.id 
_struct_site.pdbx_evidence_code 
_struct_site.pdbx_auth_asym_id 
_struct_site.pdbx_auth_comp_id 
_struct_site.pdbx_auth_seq_id 
_struct_site.pdbx_auth_ins_code 
_struct_site.pdbx_num_residues 
_struct_site.details 
AC1 Software A SO4 501 ? 6 'BINDING SITE FOR RESIDUE SO4 A 501' 
AC2 Software A SO4 502 ? 6 'BINDING SITE FOR RESIDUE SO4 A 502' 
# 
loop_
_struct_site_gen.id 
_struct_site_gen.site_id 
_struct_site_gen.pdbx_num_res 
_struct_site_gen.label_comp_id 
_struct_site_gen.label_asym_id 
_struct_site_gen.label_seq_id 
_struct_site_gen.pdbx_auth_ins_code 
_struct_site_gen.auth_comp_id 
_struct_site_gen.auth_asym_id 
_struct_site_gen.auth_seq_id 
_struct_site_gen.label_atom_id 
_struct_site_gen.label_alt_id 
_struct_site_gen.symmetry 
_struct_site_gen.details 
1  AC1 6 LYS A 23  ? LYS A 273 . ? 1_555 ? 
2  AC1 6 LYS A 33  ? LYS A 283 . ? 1_555 ? 
3  AC1 6 ARG A 35  ? ARG A 285 . ? 1_555 ? 
4  AC1 6 TYR A 46  ? TYR A 296 . ? 1_555 ? 
5  AC1 6 ARG A 56  ? ARG A 306 . ? 1_555 ? 
6  AC1 6 SO4 C .   ? SO4 A 502 . ? 1_555 ? 
7  AC2 6 LYS A 23  ? LYS A 273 . ? 1_555 ? 
8  AC2 6 GLY A 25  ? GLY A 275 . ? 1_555 ? 
9  AC2 6 LYS A 94  ? LYS A 344 . ? 1_555 ? 
10 AC2 6 HIS A 106 ? HIS A 356 . ? 1_555 ? 
11 AC2 6 SO4 B .   ? SO4 A 501 . ? 1_555 ? 
12 AC2 6 HOH D .   ? HOH A 541 . ? 1_555 ? 
# 
_atom_sites.entry_id                    1U2B 
_atom_sites.fract_transf_matrix[1][1]   -0.02002141 
_atom_sites.fract_transf_matrix[1][2]   0.01289182 
_atom_sites.fract_transf_matrix[1][3]   0.00581648 
_atom_sites.fract_transf_matrix[2][1]   -0.00519472 
_atom_sites.fract_transf_matrix[2][2]   -0.00574338 
_atom_sites.fract_transf_matrix[2][3]   -0.00515141 
_atom_sites.fract_transf_matrix[3][1]   -0.00387482 
_atom_sites.fract_transf_matrix[3][2]   -0.01565590 
_atom_sites.fract_transf_matrix[3][3]   0.02136237 
_atom_sites.fract_transf_vector[1]      0.618120 
_atom_sites.fract_transf_vector[2]      0.333189 
_atom_sites.fract_transf_vector[3]      0.246372 
# 
loop_
_atom_type.symbol 
C 
N 
O 
S 
# 
loop_
_atom_site.group_PDB 
_atom_site.id 
_atom_site.type_symbol 
_atom_site.label_atom_id 
_atom_site.label_alt_id 
_atom_site.label_comp_id 
_atom_site.label_asym_id 
_atom_site.label_entity_id 
_atom_site.label_seq_id 
_atom_site.pdbx_PDB_ins_code 
_atom_site.Cartn_x 
_atom_site.Cartn_y 
_atom_site.Cartn_z 
_atom_site.occupancy 
_atom_site.B_iso_or_equiv 
_atom_site.pdbx_formal_charge 
_atom_site.auth_seq_id 
_atom_site.auth_comp_id 
_atom_site.auth_asym_id 
_atom_site.auth_atom_id 
_atom_site.pdbx_PDB_model_num 
ATOM   1    N N   . THR A 1 11  ? 7.771   13.248  8.964   1.00 38.78 ? 261 THR A N   1 
ATOM   2    C CA  . THR A 1 11  ? 6.594   12.790  8.171   1.00 38.55 ? 261 THR A CA  1 
ATOM   3    C C   . THR A 1 11  ? 5.804   11.730  8.946   1.00 37.90 ? 261 THR A C   1 
ATOM   4    O O   . THR A 1 11  ? 4.569   11.700  8.882   1.00 37.88 ? 261 THR A O   1 
ATOM   5    C CB  . THR A 1 11  ? 7.054   12.244  6.788   1.00 38.90 ? 261 THR A CB  1 
ATOM   6    O OG1 . THR A 1 11  ? 7.542   13.321  5.973   1.00 40.02 ? 261 THR A OG1 1 
ATOM   7    C CG2 . THR A 1 11  ? 5.879   11.682  5.974   1.00 38.90 ? 261 THR A CG2 1 
ATOM   8    N N   . PHE A 1 12  ? 6.520   10.891  9.701   1.00 36.75 ? 262 PHE A N   1 
ATOM   9    C CA  . PHE A 1 12  ? 5.925   9.720   10.353  1.00 35.83 ? 262 PHE A CA  1 
ATOM   10   C C   . PHE A 1 12  ? 5.401   9.979   11.758  1.00 35.17 ? 262 PHE A C   1 
ATOM   11   O O   . PHE A 1 12  ? 5.041   9.031   12.465  1.00 35.31 ? 262 PHE A O   1 
ATOM   12   C CB  . PHE A 1 12  ? 6.915   8.551   10.354  1.00 35.52 ? 262 PHE A CB  1 
ATOM   13   C CG  . PHE A 1 12  ? 7.560   8.331   9.016   1.00 35.16 ? 262 PHE A CG  1 
ATOM   14   C CD1 . PHE A 1 12  ? 8.935   8.476   8.851   1.00 34.03 ? 262 PHE A CD1 1 
ATOM   15   C CD2 . PHE A 1 12  ? 6.779   8.034   7.908   1.00 34.56 ? 262 PHE A CD2 1 
ATOM   16   C CE1 . PHE A 1 12  ? 9.519   8.298   7.610   1.00 34.08 ? 262 PHE A CE1 1 
ATOM   17   C CE2 . PHE A 1 12  ? 7.358   7.864   6.667   1.00 34.21 ? 262 PHE A CE2 1 
ATOM   18   C CZ  . PHE A 1 12  ? 8.726   8.000   6.515   1.00 33.64 ? 262 PHE A CZ  1 
ATOM   19   N N   . PHE A 1 13  ? 5.352   11.255  12.147  1.00 34.13 ? 263 PHE A N   1 
ATOM   20   C CA  . PHE A 1 13  ? 4.650   11.686  13.359  1.00 33.09 ? 263 PHE A CA  1 
ATOM   21   C C   . PHE A 1 13  ? 3.155   11.740  13.072  1.00 31.44 ? 263 PHE A C   1 
ATOM   22   O O   . PHE A 1 13  ? 2.740   12.059  11.962  1.00 32.26 ? 263 PHE A O   1 
ATOM   23   C CB  . PHE A 1 13  ? 5.148   13.056  13.810  1.00 33.32 ? 263 PHE A CB  1 
ATOM   24   N N   . ASN A 1 14  ? 2.345   11.431  14.079  1.00 29.95 ? 264 ASN A N   1 
ATOM   25   C CA  . ASN A 1 14  ? 0.887   11.410  13.934  1.00 28.05 ? 264 ASN A CA  1 
ATOM   26   C C   . ASN A 1 14  ? 0.384   10.545  12.776  1.00 25.09 ? 264 ASN A C   1 
ATOM   27   O O   . ASN A 1 14  ? -0.378  11.013  11.942  1.00 25.00 ? 264 ASN A O   1 
ATOM   28   C CB  . ASN A 1 14  ? 0.331   12.826  13.764  1.00 28.73 ? 264 ASN A CB  1 
ATOM   29   C CG  . ASN A 1 14  ? 0.535   13.684  14.980  1.00 30.28 ? 264 ASN A CG  1 
ATOM   30   O OD1 . ASN A 1 14  ? 1.177   13.276  15.956  1.00 33.74 ? 264 ASN A OD1 1 
ATOM   31   N ND2 . ASN A 1 14  ? -0.019  14.892  14.936  1.00 35.55 ? 264 ASN A ND2 1 
ATOM   32   N N   . PRO A 1 15  ? 0.777   9.281   12.732  1.00 21.65 ? 265 PRO A N   1 
ATOM   33   C CA  . PRO A 1 15  ? 0.278   8.379   11.697  1.00 19.46 ? 265 PRO A CA  1 
ATOM   34   C C   . PRO A 1 15  ? -1.181  8.027   11.939  1.00 17.45 ? 265 PRO A C   1 
ATOM   35   O O   . PRO A 1 15  ? -1.648  8.055   13.078  1.00 16.09 ? 265 PRO A O   1 
ATOM   36   C CB  . PRO A 1 15  ? 1.150   7.142   11.889  1.00 19.84 ? 265 PRO A CB  1 
ATOM   37   C CG  . PRO A 1 15  ? 1.436   7.144   13.326  1.00 21.31 ? 265 PRO A CG  1 
ATOM   38   C CD  . PRO A 1 15  ? 1.655   8.574   13.666  1.00 21.68 ? 265 PRO A CD  1 
ATOM   39   N N   . ASP A 1 16  ? -1.888  7.667   10.875  1.00 15.81 ? 266 ASP A N   1 
ATOM   40   C CA  . ASP A 1 16  ? -3.276  7.231   10.976  1.00 14.51 ? 266 ASP A CA  1 
ATOM   41   C C   . ASP A 1 16  ? -3.409  5.733   11.299  1.00 13.58 ? 266 ASP A C   1 
ATOM   42   O O   . ASP A 1 16  ? -4.416  5.304   11.839  1.00 13.13 ? 266 ASP A O   1 
ATOM   43   C CB  . ASP A 1 16  ? -4.003  7.554   9.681   1.00 15.08 ? 266 ASP A CB  1 
ATOM   44   C CG  . ASP A 1 16  ? -4.003  9.023   9.401   1.00 15.68 ? 266 ASP A CG  1 
ATOM   45   O OD1 . ASP A 1 16  ? -4.633  9.764   10.183  1.00 17.40 ? 266 ASP A OD1 1 
ATOM   46   O OD2 . ASP A 1 16  ? -3.354  9.509   8.474   1.00 16.57 ? 266 ASP A OD2 1 
ATOM   47   N N   . ARG A 1 17  ? -2.385  4.968   10.962  1.00 12.56 ? 267 ARG A N   1 
ATOM   48   C CA  . ARG A 1 17  ? -2.285  3.547   11.283  1.00 12.50 ? 267 ARG A CA  1 
ATOM   49   C C   . ARG A 1 17  ? -0.882  3.073   10.976  1.00 12.44 ? 267 ARG A C   1 
ATOM   50   O O   . ARG A 1 17  ? -0.233  3.574   10.053  1.00 12.86 ? 267 ARG A O   1 
ATOM   51   C CB  . ARG A 1 17  ? -3.286  2.706   10.487  1.00 12.69 ? 267 ARG A CB  1 
ATOM   52   C CG  . ARG A 1 17  ? -3.320  1.252   10.885  1.00 12.27 ? 267 ARG A CG  1 
ATOM   53   C CD  . ARG A 1 17  ? -4.544  0.500   10.386  1.00 14.24 ? 267 ARG A CD  1 
ATOM   54   N NE  . ARG A 1 17  ? -5.735  0.919   11.107  1.00 12.30 ? 267 ARG A NE  1 
ATOM   55   C CZ  . ARG A 1 17  ? -6.012  0.570   12.363  1.00 14.22 ? 267 ARG A CZ  1 
ATOM   56   N NH1 . ARG A 1 17  ? -5.229  -0.256  13.027  1.00 13.97 ? 267 ARG A NH1 1 
ATOM   57   N NH2 . ARG A 1 17  ? -7.101  1.047   12.944  1.00 13.91 ? 267 ARG A NH2 1 
ATOM   58   N N   . GLU A 1 18  ? -0.413  2.122   11.767  1.00 12.53 ? 268 GLU A N   1 
ATOM   59   C CA  . GLU A 1 18  ? 0.805   1.366   11.474  1.00 12.82 ? 268 GLU A CA  1 
ATOM   60   C C   . GLU A 1 18  ? 0.571   -0.105  11.765  1.00 12.50 ? 268 GLU A C   1 
ATOM   61   O O   . GLU A 1 18  ? -0.210  -0.453  12.643  1.00 12.65 ? 268 GLU A O   1 
ATOM   62   C CB  . GLU A 1 18  ? 1.979   1.811   12.347  1.00 13.35 ? 268 GLU A CB  1 
ATOM   63   C CG  . GLU A 1 18  ? 2.245   3.309   12.329  1.00 14.96 ? 268 GLU A CG  1 
ATOM   64   C CD  . GLU A 1 18  ? 3.559   3.697   12.984  1.00 20.36 ? 268 GLU A CD  1 
ATOM   65   O OE1 . GLU A 1 18  ? 4.344   2.811   13.362  1.00 21.54 ? 268 GLU A OE1 1 
ATOM   66   O OE2 . GLU A 1 18  ? 3.827   4.906   13.080  1.00 19.85 ? 268 GLU A OE2 1 
ATOM   67   N N   . GLY A 1 19  ? 1.291   -0.957  11.062  1.00 12.42 ? 269 GLY A N   1 
ATOM   68   C CA  . GLY A 1 19  ? 1.185   -2.394  11.286  1.00 13.16 ? 269 GLY A CA  1 
ATOM   69   C C   . GLY A 1 19  ? 1.811   -3.211  10.180  1.00 13.25 ? 269 GLY A C   1 
ATOM   70   O O   . GLY A 1 19  ? 2.136   -2.683  9.121   1.00 13.72 ? 269 GLY A O   1 
ATOM   71   N N   . TRP A 1 20  ? 1.959   -4.508  10.435  1.00 13.98 ? 270 TRP A N   1 
ATOM   72   C CA  . TRP A 1 20  ? 2.483   -5.455  9.458   1.00 14.25 ? 270 TRP A CA  1 
ATOM   73   C C   . TRP A 1 20  ? 1.407   -5.801  8.443   1.00 14.77 ? 270 TRP A C   1 
ATOM   74   O O   . TRP A 1 20  ? 0.235   -6.060  8.791   1.00 14.25 ? 270 TRP A O   1 
ATOM   75   C CB  . TRP A 1 20  ? 2.928   -6.751  10.138  1.00 14.94 ? 270 TRP A CB  1 
ATOM   76   C CG  . TRP A 1 20  ? 4.136   -6.613  11.011  1.00 15.61 ? 270 TRP A CG  1 
ATOM   77   C CD1 . TRP A 1 20  ? 4.175   -6.607  12.377  1.00 16.29 ? 270 TRP A CD1 1 
ATOM   78   C CD2 . TRP A 1 20  ? 5.486   -6.460  10.573  1.00 16.53 ? 270 TRP A CD2 1 
ATOM   79   N NE1 . TRP A 1 20  ? 5.472   -6.481  12.816  1.00 15.94 ? 270 TRP A NE1 1 
ATOM   80   C CE2 . TRP A 1 20  ? 6.299   -6.384  11.730  1.00 17.11 ? 270 TRP A CE2 1 
ATOM   81   C CE3 . TRP A 1 20  ? 6.097   -6.392  9.318   1.00 16.39 ? 270 TRP A CE3 1 
ATOM   82   C CZ2 . TRP A 1 20  ? 7.686   -6.221  11.663  1.00 17.13 ? 270 TRP A CZ2 1 
ATOM   83   C CZ3 . TRP A 1 20  ? 7.469   -6.242  9.247   1.00 15.92 ? 270 TRP A CZ3 1 
ATOM   84   C CH2 . TRP A 1 20  ? 8.255   -6.165  10.420  1.00 17.20 ? 270 TRP A CH2 1 
ATOM   85   N N   . LEU A 1 21  ? 1.838   -5.797  7.189   1.00 15.26 ? 271 LEU A N   1 
ATOM   86   C CA  . LEU A 1 21  ? 1.068   -6.324  6.074   1.00 15.69 ? 271 LEU A CA  1 
ATOM   87   C C   . LEU A 1 21  ? 1.984   -7.121  5.152   1.00 16.40 ? 271 LEU A C   1 
ATOM   88   O O   . LEU A 1 21  ? 3.196   -6.897  5.125   1.00 15.94 ? 271 LEU A O   1 
ATOM   89   C CB  . LEU A 1 21  ? 0.426   -5.180  5.297   1.00 15.12 ? 271 LEU A CB  1 
ATOM   90   C CG  . LEU A 1 21  ? -0.588  -4.273  6.015   1.00 14.70 ? 271 LEU A CG  1 
ATOM   91   C CD1 . LEU A 1 21  ? -0.948  -3.089  5.144   1.00 14.00 ? 271 LEU A CD1 1 
ATOM   92   C CD2 . LEU A 1 21  ? -1.859  -5.040  6.437   1.00 14.94 ? 271 LEU A CD2 1 
ATOM   93   N N   . LEU A 1 22  ? 1.399   -8.056  4.402   1.00 17.56 ? 272 LEU A N   1 
ATOM   94   C CA  . LEU A 1 22  ? 2.098   -8.703  3.289   1.00 18.85 ? 272 LEU A CA  1 
ATOM   95   C C   . LEU A 1 22  ? 1.726   -8.012  1.996   1.00 19.53 ? 272 LEU A C   1 
ATOM   96   O O   . LEU A 1 22  ? 0.565   -7.669  1.784   1.00 19.75 ? 272 LEU A O   1 
ATOM   97   C CB  . LEU A 1 22  ? 1.769   -10.197 3.189   1.00 19.24 ? 272 LEU A CB  1 
ATOM   98   C CG  . LEU A 1 22  ? 1.879   -11.057 4.441   1.00 21.52 ? 272 LEU A CG  1 
ATOM   99   C CD1 . LEU A 1 22  ? 1.621   -12.529 4.101   1.00 23.19 ? 272 LEU A CD1 1 
ATOM   100  C CD2 . LEU A 1 22  ? 3.238   -10.894 5.108   1.00 22.73 ? 272 LEU A CD2 1 
ATOM   101  N N   . LYS A 1 23  ? 2.715   -7.796  1.133   1.00 20.28 ? 273 LYS A N   1 
ATOM   102  C CA  . LYS A 1 23  ? 2.518   -7.114  -0.139  1.00 21.77 ? 273 LYS A CA  1 
ATOM   103  C C   . LYS A 1 23  ? 2.978   -8.040  -1.254  1.00 22.64 ? 273 LYS A C   1 
ATOM   104  O O   . LYS A 1 23  ? 4.059   -8.609  -1.176  1.00 21.28 ? 273 LYS A O   1 
ATOM   105  C CB  . LYS A 1 23  ? 3.343   -5.827  -0.160  1.00 22.52 ? 273 LYS A CB  1 
ATOM   106  C CG  . LYS A 1 23  ? 3.377   -5.055  -1.475  1.00 24.43 ? 273 LYS A CG  1 
ATOM   107  C CD  . LYS A 1 23  ? 4.279   -3.806  -1.348  1.00 28.10 ? 273 LYS A CD  1 
ATOM   108  C CE  . LYS A 1 23  ? 5.512   -3.861  -2.261  1.00 28.95 ? 273 LYS A CE  1 
ATOM   109  N NZ  . LYS A 1 23  ? 6.630   -4.724  -1.737  1.00 31.56 ? 273 LYS A NZ  1 
ATOM   110  N N   . LEU A 1 24  ? 2.158   -8.170  -2.291  1.00 23.58 ? 274 LEU A N   1 
ATOM   111  C CA  . LEU A 1 24  ? 2.492   -9.021  -3.435  1.00 24.84 ? 274 LEU A CA  1 
ATOM   112  C C   . LEU A 1 24  ? 3.314   -8.205  -4.416  1.00 25.36 ? 274 LEU A C   1 
ATOM   113  O O   . LEU A 1 24  ? 2.925   -7.108  -4.803  1.00 25.27 ? 274 LEU A O   1 
ATOM   114  C CB  . LEU A 1 24  ? 1.220   -9.556  -4.097  1.00 25.12 ? 274 LEU A CB  1 
ATOM   115  C CG  . LEU A 1 24  ? 1.400   -10.476 -5.321  1.00 26.59 ? 274 LEU A CG  1 
ATOM   116  C CD1 . LEU A 1 24  ? 2.192   -11.718 -4.966  1.00 27.31 ? 274 LEU A CD1 1 
ATOM   117  C CD2 . LEU A 1 24  ? 0.035   -10.850 -5.905  1.00 28.34 ? 274 LEU A CD2 1 
ATOM   118  N N   . GLY A 1 25  ? 4.463   -8.745  -4.817  1.00 26.79 ? 275 GLY A N   1 
ATOM   119  C CA  . GLY A 1 25  ? 5.399   -8.042  -5.676  1.00 28.10 ? 275 GLY A CA  1 
ATOM   120  C C   . GLY A 1 25  ? 4.955   -8.144  -7.116  1.00 29.26 ? 275 GLY A C   1 
ATOM   121  O O   . GLY A 1 25  ? 3.979   -8.855  -7.396  1.00 31.09 ? 275 GLY A O   1 
ATOM   122  N N   . GLY A 1 26  ? 5.032   -6.968  -7.858  0.00 20.00 ? 276 GLY A N   1 
ATOM   123  C CA  . GLY A 1 26  ? 4.387   -6.496  -9.084  0.00 20.00 ? 276 GLY A CA  1 
ATOM   124  C C   . GLY A 1 26  ? 4.973   -7.040  -10.385 0.00 20.00 ? 276 GLY A C   1 
ATOM   125  O O   . GLY A 1 26  ? 4.475   -6.697  -11.483 0.00 20.00 ? 276 GLY A O   1 
ATOM   126  N N   . GLY A 1 27  ? 6.021   -7.818  -10.249 0.00 20.00 ? 277 GLY A N   1 
ATOM   127  C CA  . GLY A 1 27  ? 6.825   -8.227  -11.395 0.00 20.00 ? 277 GLY A CA  1 
ATOM   128  C C   . GLY A 1 27  ? 6.462   -9.591  -12.017 0.00 20.00 ? 277 GLY A C   1 
ATOM   129  O O   . GLY A 1 27  ? 5.330   -10.066 -11.902 0.00 20.00 ? 277 GLY A O   1 
ATOM   130  N N   . ARG A 1 28  ? 7.414   -10.178 -12.767 0.00 20.00 ? 278 ARG A N   1 
ATOM   131  C CA  . ARG A 1 28  ? 7.101   -11.422 -13.486 0.00 20.00 ? 278 ARG A CA  1 
ATOM   132  C C   . ARG A 1 28  ? 6.762   -12.598 -12.527 0.00 20.00 ? 278 ARG A C   1 
ATOM   133  O O   . ARG A 1 28  ? 5.817   -13.366 -12.792 0.00 20.00 ? 278 ARG A O   1 
ATOM   134  C CB  . ARG A 1 28  ? 8.272   -11.854 -14.380 0.00 20.00 ? 278 ARG A CB  1 
ATOM   135  C CG  . ARG A 1 28  ? 8.083   -13.296 -14.952 0.00 20.00 ? 278 ARG A CG  1 
ATOM   136  C CD  . ARG A 1 28  ? 6.993   -13.422 -15.926 0.00 20.00 ? 278 ARG A CD  1 
ATOM   137  N NE  . ARG A 1 28  ? 6.819   -14.798 -16.441 0.00 20.00 ? 278 ARG A NE  1 
ATOM   138  C CZ  . ARG A 1 28  ? 6.098   -15.748 -15.859 0.00 20.00 ? 278 ARG A CZ  1 
ATOM   139  N NH1 . ARG A 1 28  ? 5.507   -15.548 -14.669 0.00 20.00 ? 278 ARG A NH1 1 
ATOM   140  N NH2 . ARG A 1 28  ? 6.037   -16.945 -16.430 0.00 20.00 ? 278 ARG A NH2 1 
ATOM   141  N N   . VAL A 1 29  ? 7.570   -12.820 -11.493 0.00 20.00 ? 279 VAL A N   1 
ATOM   142  C CA  . VAL A 1 29  ? 7.228   -13.885 -10.552 0.00 20.00 ? 279 VAL A CA  1 
ATOM   143  C C   . VAL A 1 29  ? 6.676   -13.207 -9.282  0.00 20.00 ? 279 VAL A C   1 
ATOM   144  O O   . VAL A 1 29  ? 7.467   -12.634 -8.463  0.00 20.00 ? 279 VAL A O   1 
ATOM   145  C CB  . VAL A 1 29  ? 8.419   -14.739 -10.192 0.00 20.00 ? 279 VAL A CB  1 
ATOM   146  C CG1 . VAL A 1 29  ? 7.977   -15.883 -9.346  0.00 20.00 ? 279 VAL A CG1 1 
ATOM   147  C CG2 . VAL A 1 29  ? 9.067   -15.240 -11.538 0.00 20.00 ? 279 VAL A CG2 1 
ATOM   148  N N   . LYS A 1 30  ? 6.314   -13.201 -9.073  1.00 33.76 ? 280 LYS A N   1 
ATOM   149  C CA  . LYS A 1 30  ? 5.625   -12.436 -8.022  1.00 33.24 ? 280 LYS A CA  1 
ATOM   150  C C   . LYS A 1 30  ? 5.682   -13.175 -6.686  1.00 32.68 ? 280 LYS A C   1 
ATOM   151  O O   . LYS A 1 30  ? 5.202   -14.305 -6.563  1.00 32.96 ? 280 LYS A O   1 
ATOM   152  C CB  . LYS A 1 30  ? 4.174   -12.161 -8.424  1.00 33.72 ? 280 LYS A CB  1 
ATOM   153  C CG  . LYS A 1 30  ? 4.027   -11.362 -9.708  0.00 20.00 ? 280 LYS A CG  1 
ATOM   154  C CD  . LYS A 1 30  ? 2.589   -10.917 -9.920  0.00 20.00 ? 280 LYS A CD  1 
ATOM   155  C CE  . LYS A 1 30  ? 2.442   -10.117 -11.205 0.00 20.00 ? 280 LYS A CE  1 
ATOM   156  N NZ  . LYS A 1 30  ? 1.038   -9.674  -11.424 0.00 20.00 ? 280 LYS A NZ  1 
ATOM   157  N N   . THR A 1 31  ? 6.269   -12.523 -5.683  1.00 31.42 ? 281 THR A N   1 
ATOM   158  C CA  . THR A 1 31  ? 6.406   -13.095 -4.352  1.00 30.45 ? 281 THR A CA  1 
ATOM   159  C C   . THR A 1 31  ? 5.841   -12.145 -3.291  1.00 28.93 ? 281 THR A C   1 
ATOM   160  O O   . THR A 1 31  ? 5.820   -10.927 -3.481  1.00 28.23 ? 281 THR A O   1 
ATOM   161  C CB  . THR A 1 31  ? 7.884   -13.353 -4.039  1.00 30.87 ? 281 THR A CB  1 
ATOM   162  O OG1 . THR A 1 31  ? 8.590   -12.110 -4.046  1.00 31.95 ? 281 THR A OG1 1 
ATOM   163  C CG2 . THR A 1 31  ? 8.562   -14.173 -5.144  1.00 31.34 ? 281 THR A CG2 1 
ATOM   164  N N   . TRP A 1 32  ? 5.411   -12.719 -2.177  1.00 27.18 ? 282 TRP A N   1 
ATOM   165  C CA  . TRP A 1 32  ? 4.880   -11.952 -1.052  1.00 25.91 ? 282 TRP A CA  1 
ATOM   166  C C   . TRP A 1 32  ? 6.031   -11.534 -0.141  1.00 24.61 ? 282 TRP A C   1 
ATOM   167  O O   . TRP A 1 32  ? 6.953   -12.312 0.103   1.00 23.73 ? 282 TRP A O   1 
ATOM   168  C CB  . TRP A 1 32  ? 3.878   -12.784 -0.258  1.00 25.95 ? 282 TRP A CB  1 
ATOM   169  C CG  . TRP A 1 32  ? 2.588   -13.066 -0.986  1.00 26.19 ? 282 TRP A CG  1 
ATOM   170  C CD1 . TRP A 1 32  ? 2.308   -14.150 -1.774  1.00 27.67 ? 282 TRP A CD1 1 
ATOM   171  C CD2 . TRP A 1 32  ? 1.400   -12.269 -0.973  1.00 26.65 ? 282 TRP A CD2 1 
ATOM   172  N NE1 . TRP A 1 32  ? 1.025   -14.067 -2.259  1.00 27.05 ? 282 TRP A NE1 1 
ATOM   173  C CE2 . TRP A 1 32  ? 0.444   -12.921 -1.783  1.00 27.62 ? 282 TRP A CE2 1 
ATOM   174  C CE3 . TRP A 1 32  ? 1.041   -11.061 -0.360  1.00 25.43 ? 282 TRP A CE3 1 
ATOM   175  C CZ2 . TRP A 1 32  ? -0.837  -12.412 -1.984  1.00 26.86 ? 282 TRP A CZ2 1 
ATOM   176  C CZ3 . TRP A 1 32  ? -0.225  -10.549 -0.573  1.00 25.92 ? 282 TRP A CZ3 1 
ATOM   177  C CH2 . TRP A 1 32  ? -1.150  -11.224 -1.373  1.00 26.64 ? 282 TRP A CH2 1 
ATOM   178  N N   . LYS A 1 33  ? 5.986   -10.302 0.349   1.00 23.24 ? 283 LYS A N   1 
ATOM   179  C CA  . LYS A 1 33  ? 6.986   -9.826  1.294   1.00 22.15 ? 283 LYS A CA  1 
ATOM   180  C C   . LYS A 1 33  ? 6.291   -9.167  2.470   1.00 20.91 ? 283 LYS A C   1 
ATOM   181  O O   . LYS A 1 33  ? 5.275   -8.496  2.303   1.00 19.79 ? 283 LYS A O   1 
ATOM   182  C CB  . LYS A 1 33  ? 7.926   -8.857  0.600   1.00 23.03 ? 283 LYS A CB  1 
ATOM   183  C CG  . LYS A 1 33  ? 8.834   -9.552  -0.442  1.00 24.74 ? 283 LYS A CG  1 
ATOM   184  C CD  . LYS A 1 33  ? 9.516   -8.552  -1.319  1.00 28.45 ? 283 LYS A CD  1 
ATOM   185  C CE  . LYS A 1 33  ? 10.509  -9.216  -2.258  1.00 29.10 ? 283 LYS A CE  1 
ATOM   186  N NZ  . LYS A 1 33  ? 11.234  -8.177  -3.025  1.00 31.87 ? 283 LYS A NZ  1 
ATOM   187  N N   . ARG A 1 34  ? 6.842   -9.389  3.652   1.00 19.56 ? 284 ARG A N   1 
ATOM   188  C CA  . ARG A 1 34  ? 6.304   -8.842  4.880   1.00 18.62 ? 284 ARG A CA  1 
ATOM   189  C C   . ARG A 1 34  ? 6.963   -7.508  5.139   1.00 17.41 ? 284 ARG A C   1 
ATOM   190  O O   . ARG A 1 34  ? 8.184   -7.413  5.223   1.00 17.07 ? 284 ARG A O   1 
ATOM   191  C CB  . ARG A 1 34  ? 6.572   -9.794  6.031   1.00 18.63 ? 284 ARG A CB  1 
ATOM   192  C CG  . ARG A 1 34  ? 5.906   -9.397  7.324   1.00 19.33 ? 284 ARG A CG  1 
ATOM   193  C CD  . ARG A 1 34  ? 6.017   -10.461 8.369   1.00 20.29 ? 284 ARG A CD  1 
ATOM   194  N NE  . ARG A 1 34  ? 5.280   -10.188 9.602   1.00 20.50 ? 284 ARG A NE  1 
ATOM   195  C CZ  . ARG A 1 34  ? 5.835   -9.861  10.763  1.00 20.81 ? 284 ARG A CZ  1 
ATOM   196  N NH1 . ARG A 1 34  ? 7.147   -9.704  10.881  1.00 20.00 ? 284 ARG A NH1 1 
ATOM   197  N NH2 . ARG A 1 34  ? 5.071   -9.704  11.831  1.00 21.93 ? 284 ARG A NH2 1 
ATOM   198  N N   . ARG A 1 35  ? 6.142   -6.475  5.258   1.00 16.82 ? 285 ARG A N   1 
ATOM   199  C CA  . ARG A 1 35  ? 6.620   -5.116  5.466   1.00 15.69 ? 285 ARG A CA  1 
ATOM   200  C C   . ARG A 1 35  ? 5.819   -4.408  6.544   1.00 14.89 ? 285 ARG A C   1 
ATOM   201  O O   . ARG A 1 35  ? 4.646   -4.700  6.764   1.00 14.54 ? 285 ARG A O   1 
ATOM   202  C CB  . ARG A 1 35  ? 6.542   -4.315  4.165   1.00 15.94 ? 285 ARG A CB  1 
ATOM   203  C CG  . ARG A 1 35  ? 7.349   -4.904  3.001   1.00 16.20 ? 285 ARG A CG  1 
ATOM   204  C CD  . ARG A 1 35  ? 8.837   -4.736  3.168   1.00 17.19 ? 285 ARG A CD  1 
ATOM   205  N NE  . ARG A 1 35  ? 9.676   -5.335  2.122   1.00 18.48 ? 285 ARG A NE  1 
ATOM   206  C CZ  . ARG A 1 35  ? 10.393  -6.449  2.254   1.00 19.28 ? 285 ARG A CZ  1 
ATOM   207  N NH1 . ARG A 1 35  ? 10.365  -7.165  3.361   1.00 18.54 ? 285 ARG A NH1 1 
ATOM   208  N NH2 . ARG A 1 35  ? 11.157  -6.868  1.249   1.00 22.46 ? 285 ARG A NH2 1 
ATOM   209  N N   . TRP A 1 36  ? 6.475   -3.466  7.212   1.00 13.91 ? 286 TRP A N   1 
ATOM   210  C CA  . TRP A 1 36  ? 5.835   -2.631  8.216   1.00 13.15 ? 286 TRP A CA  1 
ATOM   211  C C   . TRP A 1 36  ? 5.313   -1.377  7.514   1.00 13.34 ? 286 TRP A C   1 
ATOM   212  O O   . TRP A 1 36  ? 6.095   -0.623  6.925   1.00 12.99 ? 286 TRP A O   1 
ATOM   213  C CB  . TRP A 1 36  ? 6.869   -2.256  9.279   1.00 13.18 ? 286 TRP A CB  1 
ATOM   214  C CG  . TRP A 1 36  ? 6.340   -1.390  10.343  1.00 11.99 ? 286 TRP A CG  1 
ATOM   215  C CD1 . TRP A 1 36  ? 6.581   -0.051  10.499  1.00 13.88 ? 286 TRP A CD1 1 
ATOM   216  C CD2 . TRP A 1 36  ? 5.510   -1.779  11.429  1.00 12.97 ? 286 TRP A CD2 1 
ATOM   217  N NE1 . TRP A 1 36  ? 5.930   0.413   11.609  1.00 14.10 ? 286 TRP A NE1 1 
ATOM   218  C CE2 . TRP A 1 36  ? 5.253   -0.622  12.195  1.00 13.42 ? 286 TRP A CE2 1 
ATOM   219  C CE3 . TRP A 1 36  ? 4.934   -2.988  11.832  1.00 13.98 ? 286 TRP A CE3 1 
ATOM   220  C CZ2 . TRP A 1 36  ? 4.468   -0.644  13.345  1.00 15.94 ? 286 TRP A CZ2 1 
ATOM   221  C CZ3 . TRP A 1 36  ? 4.147   -3.009  12.983  1.00 15.58 ? 286 TRP A CZ3 1 
ATOM   222  C CH2 . TRP A 1 36  ? 3.926   -1.843  13.726  1.00 15.67 ? 286 TRP A CH2 1 
ATOM   223  N N   . PHE A 1 37  ? 4.011   -1.139  7.605   1.00 13.32 ? 287 PHE A N   1 
ATOM   224  C CA  . PHE A 1 37  ? 3.373   -0.069  6.875   1.00 13.95 ? 287 PHE A CA  1 
ATOM   225  C C   . PHE A 1 37  ? 3.010   1.063   7.816   1.00 13.81 ? 287 PHE A C   1 
ATOM   226  O O   . PHE A 1 37  ? 2.601   0.833   8.958   1.00 13.34 ? 287 PHE A O   1 
ATOM   227  C CB  . PHE A 1 37  ? 2.093   -0.565  6.180   1.00 14.02 ? 287 PHE A CB  1 
ATOM   228  C CG  . PHE A 1 37  ? 2.328   -1.190  4.839   1.00 14.62 ? 287 PHE A CG  1 
ATOM   229  C CD1 . PHE A 1 37  ? 2.833   -2.487  4.733   1.00 14.33 ? 287 PHE A CD1 1 
ATOM   230  C CD2 . PHE A 1 37  ? 2.016   -0.508  3.678   1.00 14.05 ? 287 PHE A CD2 1 
ATOM   231  C CE1 . PHE A 1 37  ? 3.034   -3.086  3.485   1.00 15.20 ? 287 PHE A CE1 1 
ATOM   232  C CE2 . PHE A 1 37  ? 2.225   -1.112  2.423   1.00 14.18 ? 287 PHE A CE2 1 
ATOM   233  C CZ  . PHE A 1 37  ? 2.732   -2.394  2.339   1.00 15.32 ? 287 PHE A CZ  1 
ATOM   234  N N   . ILE A 1 38  ? 3.138   2.280   7.308   1.00 13.82 ? 288 ILE A N   1 
ATOM   235  C CA  . ILE A 1 38  ? 2.675   3.469   8.004   1.00 13.58 ? 288 ILE A CA  1 
ATOM   236  C C   . ILE A 1 38  ? 1.776   4.235   7.043   1.00 13.92 ? 288 ILE A C   1 
ATOM   237  O O   . ILE A 1 38  ? 2.209   4.602   5.947   1.00 13.96 ? 288 ILE A O   1 
ATOM   238  C CB  . ILE A 1 38  ? 3.866   4.339   8.469   1.00 13.84 ? 288 ILE A CB  1 
ATOM   239  C CG1 . ILE A 1 38  ? 4.765   3.543   9.428   1.00 14.43 ? 288 ILE A CG1 1 
ATOM   240  C CG2 . ILE A 1 38  ? 3.375   5.612   9.098   1.00 13.17 ? 288 ILE A CG2 1 
ATOM   241  C CD1 . ILE A 1 38  ? 5.888   4.339   10.050  1.00 15.00 ? 288 ILE A CD1 1 
ATOM   242  N N   . LEU A 1 39  ? 0.529   4.445   7.451   1.00 13.72 ? 289 LEU A N   1 
ATOM   243  C CA  . LEU A 1 39  ? -0.404  5.312   6.744   1.00 13.70 ? 289 LEU A CA  1 
ATOM   244  C C   . LEU A 1 39  ? -0.293  6.707   7.332   1.00 14.21 ? 289 LEU A C   1 
ATOM   245  O O   . LEU A 1 39  ? -0.575  6.905   8.497   1.00 14.63 ? 289 LEU A O   1 
ATOM   246  C CB  . LEU A 1 39  ? -1.844  4.810   6.891   1.00 13.52 ? 289 LEU A CB  1 
ATOM   247  C CG  . LEU A 1 39  ? -2.930  5.718   6.329   1.00 13.63 ? 289 LEU A CG  1 
ATOM   248  C CD1 . LEU A 1 39  ? -2.763  5.849   4.836   1.00 15.03 ? 289 LEU A CD1 1 
ATOM   249  C CD2 . LEU A 1 39  ? -4.299  5.186   6.709   1.00 15.55 ? 289 LEU A CD2 1 
ATOM   250  N N   . THR A 1 40  ? 0.130   7.669   6.515   1.00 14.98 ? 290 THR A N   1 
ATOM   251  C CA  . THR A 1 40  ? 0.226   9.057   6.939   1.00 15.75 ? 290 THR A CA  1 
ATOM   252  C C   . THR A 1 40  ? 0.255   9.974   5.735   1.00 16.24 ? 290 THR A C   1 
ATOM   253  O O   . THR A 1 40  ? 0.767   9.605   4.695   1.00 15.69 ? 290 THR A O   1 
ATOM   254  C CB  . THR A 1 40  ? 1.474   9.272   7.816   1.00 15.53 ? 290 THR A CB  1 
ATOM   255  O OG1 . THR A 1 40  ? 1.476   10.600  8.344   1.00 17.44 ? 290 THR A OG1 1 
ATOM   256  C CG2 . THR A 1 40  ? 2.780   9.178   7.003   1.00 16.43 ? 290 THR A CG2 1 
ATOM   257  N N   . ASP A 1 41  ? -0.291  11.177  5.871   1.00 17.29 ? 291 ASP A N   1 
ATOM   258  C CA  . ASP A 1 41  ? -0.272  12.140  4.754   1.00 17.54 ? 291 ASP A CA  1 
ATOM   259  C C   . ASP A 1 41  ? -0.865  11.552  3.465   1.00 17.08 ? 291 ASP A C   1 
ATOM   260  O O   . ASP A 1 41  ? -0.403  11.843  2.358   1.00 16.99 ? 291 ASP A O   1 
ATOM   261  C CB  . ASP A 1 41  ? 1.152   12.605  4.459   1.00 18.13 ? 291 ASP A CB  1 
ATOM   262  C CG  . ASP A 1 41  ? 1.772   13.388  5.592   1.00 20.13 ? 291 ASP A CG  1 
ATOM   263  O OD1 . ASP A 1 41  ? 1.051   13.850  6.497   1.00 20.50 ? 291 ASP A OD1 1 
ATOM   264  O OD2 . ASP A 1 41  ? 2.997   13.587  5.630   1.00 24.36 ? 291 ASP A OD2 1 
ATOM   265  N N   . ASN A 1 42  ? -1.878  10.713  3.616   1.00 16.61 ? 292 ASN A N   1 
ATOM   266  C CA  . ASN A 1 42  ? -2.545  10.038  2.508   1.00 17.13 ? 292 ASN A CA  1 
ATOM   267  C C   . ASN A 1 42  ? -1.624  9.158   1.640   1.00 17.24 ? 292 ASN A C   1 
ATOM   268  O O   . ASN A 1 42  ? -1.878  8.950   0.461   1.00 17.31 ? 292 ASN A O   1 
ATOM   269  C CB  . ASN A 1 42  ? -3.313  11.050  1.638   1.00 17.09 ? 292 ASN A CB  1 
ATOM   270  C CG  . ASN A 1 42  ? -4.481  10.419  0.909   1.00 16.69 ? 292 ASN A CG  1 
ATOM   271  O OD1 . ASN A 1 42  ? -5.140  9.520   1.434   1.00 17.22 ? 292 ASN A OD1 1 
ATOM   272  N ND2 . ASN A 1 42  ? -4.744  10.878  -0.320  1.00 18.59 ? 292 ASN A ND2 1 
ATOM   273  N N   . CYS A 1 43  ? -0.585  8.608   2.257   1.00 17.26 ? 293 CYS A N   1 
ATOM   274  C CA  . CYS A 1 43  ? 0.332   7.696   1.594   1.00 16.69 ? 293 CYS A CA  1 
ATOM   275  C C   . CYS A 1 43  ? 0.548   6.477   2.474   1.00 16.42 ? 293 CYS A C   1 
ATOM   276  O O   . CYS A 1 43  ? 0.482   6.570   3.686   1.00 15.82 ? 293 CYS A O   1 
ATOM   277  C CB  . CYS A 1 43  ? 1.688   8.349   1.355   1.00 17.23 ? 293 CYS A CB  1 
ATOM   278  S SG  . CYS A 1 43  ? 1.683   9.804   0.256   1.00 18.82 ? 293 CYS A SG  1 
ATOM   279  N N   . LEU A 1 44  ? 0.807   5.345   1.837   1.00 16.08 ? 294 LEU A N   1 
ATOM   280  C CA  . LEU A 1 44  ? 1.273   4.143   2.514   1.00 15.86 ? 294 LEU A CA  1 
ATOM   281  C C   . LEU A 1 44  ? 2.785   4.072   2.347   1.00 16.56 ? 294 LEU A C   1 
ATOM   282  O O   . LEU A 1 44  ? 3.276   3.831   1.243   1.00 16.59 ? 294 LEU A O   1 
ATOM   283  C CB  . LEU A 1 44  ? 0.617   2.897   1.906   1.00 16.05 ? 294 LEU A CB  1 
ATOM   284  C CG  . LEU A 1 44  ? -0.859  2.644   2.226   1.00 16.36 ? 294 LEU A CG  1 
ATOM   285  C CD1 . LEU A 1 44  ? -1.422  1.466   1.449   1.00 17.07 ? 294 LEU A CD1 1 
ATOM   286  C CD2 . LEU A 1 44  ? -1.051  2.409   3.727   1.00 17.27 ? 294 LEU A CD2 1 
ATOM   287  N N   . TYR A 1 45  ? 3.525   4.299   3.430   1.00 16.07 ? 295 TYR A N   1 
ATOM   288  C CA  . TYR A 1 45  ? 4.965   4.068   3.441   1.00 15.94 ? 295 TYR A CA  1 
ATOM   289  C C   . TYR A 1 45  ? 5.184   2.674   3.985   1.00 15.65 ? 295 TYR A C   1 
ATOM   290  O O   . TYR A 1 45  ? 4.428   2.238   4.842   1.00 15.34 ? 295 TYR A O   1 
ATOM   291  C CB  . TYR A 1 45  ? 5.642   5.033   4.377   1.00 16.22 ? 295 TYR A CB  1 
ATOM   292  C CG  . TYR A 1 45  ? 5.714   6.455   3.881   1.00 17.27 ? 295 TYR A CG  1 
ATOM   293  C CD1 . TYR A 1 45  ? 4.671   7.343   4.096   1.00 18.32 ? 295 TYR A CD1 1 
ATOM   294  C CD2 . TYR A 1 45  ? 6.848   6.916   3.228   1.00 18.06 ? 295 TYR A CD2 1 
ATOM   295  C CE1 . TYR A 1 45  ? 4.768   8.670   3.655   1.00 19.34 ? 295 TYR A CE1 1 
ATOM   296  C CE2 . TYR A 1 45  ? 6.944   8.208   2.786   1.00 18.69 ? 295 TYR A CE2 1 
ATOM   297  C CZ  . TYR A 1 45  ? 5.915   9.085   3.007   1.00 19.06 ? 295 TYR A CZ  1 
ATOM   298  O OH  . TYR A 1 45  ? 6.056   10.381  2.562   1.00 20.69 ? 295 TYR A OH  1 
ATOM   299  N N   . TYR A 1 46  ? 6.178   1.960   3.478   1.00 14.83 ? 296 TYR A N   1 
ATOM   300  C CA  . TYR A 1 46  ? 6.490   0.633   4.005   1.00 14.94 ? 296 TYR A CA  1 
ATOM   301  C C   . TYR A 1 46  ? 7.991   0.453   4.210   1.00 14.60 ? 296 TYR A C   1 
ATOM   302  O O   . TYR A 1 46  ? 8.803   1.034   3.484   1.00 14.25 ? 296 TYR A O   1 
ATOM   303  C CB  . TYR A 1 46  ? 5.872   -0.507  3.169   1.00 15.35 ? 296 TYR A CB  1 
ATOM   304  C CG  . TYR A 1 46  ? 6.277   -0.564  1.714   1.00 16.35 ? 296 TYR A CG  1 
ATOM   305  C CD1 . TYR A 1 46  ? 7.333   -1.361  1.281   1.00 18.67 ? 296 TYR A CD1 1 
ATOM   306  C CD2 . TYR A 1 46  ? 5.597   0.183   0.768   1.00 18.06 ? 296 TYR A CD2 1 
ATOM   307  C CE1 . TYR A 1 46  ? 7.697   -1.419  -0.061  1.00 19.13 ? 296 TYR A CE1 1 
ATOM   308  C CE2 . TYR A 1 46  ? 5.947   0.133   -0.571  1.00 18.82 ? 296 TYR A CE2 1 
ATOM   309  C CZ  . TYR A 1 46  ? 6.995   -0.659  -0.984  1.00 20.79 ? 296 TYR A CZ  1 
ATOM   310  O OH  . TYR A 1 46  ? 7.321   -0.668  -2.326  1.00 21.05 ? 296 TYR A OH  1 
ATOM   311  N N   . PHE A 1 47  ? 8.322   -0.337  5.232   1.00 13.66 ? 297 PHE A N   1 
ATOM   312  C CA  . PHE A 1 47  ? 9.678   -0.535  5.745   1.00 13.47 ? 297 PHE A CA  1 
ATOM   313  C C   . PHE A 1 47  ? 9.931   -2.036  5.806   1.00 13.82 ? 297 PHE A C   1 
ATOM   314  O O   . PHE A 1 47  ? 9.017   -2.817  6.064   1.00 13.42 ? 297 PHE A O   1 
ATOM   315  C CB  . PHE A 1 47  ? 9.824   0.041   7.162   1.00 13.28 ? 297 PHE A CB  1 
ATOM   316  C CG  . PHE A 1 47  ? 9.567   1.532   7.250   1.00 13.82 ? 297 PHE A CG  1 
ATOM   317  C CD1 . PHE A 1 47  ? 8.271   2.025   7.193   1.00 13.32 ? 297 PHE A CD1 1 
ATOM   318  C CD2 . PHE A 1 47  ? 10.617  2.434   7.356   1.00 14.12 ? 297 PHE A CD2 1 
ATOM   319  C CE1 . PHE A 1 47  ? 8.014   3.391   7.265   1.00 14.61 ? 297 PHE A CE1 1 
ATOM   320  C CE2 . PHE A 1 47  ? 10.362  3.815   7.417   1.00 16.23 ? 297 PHE A CE2 1 
ATOM   321  C CZ  . PHE A 1 47  ? 9.064   4.283   7.379   1.00 15.33 ? 297 PHE A CZ  1 
ATOM   322  N N   . GLU A 1 48  ? 11.169  -2.437  5.573   1.00 13.42 ? 298 GLU A N   1 
ATOM   323  C CA  . GLU A 1 48  ? 11.543  -3.826  5.745   1.00 13.99 ? 298 GLU A CA  1 
ATOM   324  C C   . GLU A 1 48  ? 11.397  -4.231  7.213   1.00 13.65 ? 298 GLU A C   1 
ATOM   325  O O   . GLU A 1 48  ? 10.805  -5.263  7.509   1.00 13.68 ? 298 GLU A O   1 
ATOM   326  C CB  . GLU A 1 48  ? 12.957  -4.082  5.254   1.00 14.20 ? 298 GLU A CB  1 
ATOM   327  C CG  . GLU A 1 48  ? 13.365  -5.544  5.330   1.00 14.99 ? 298 GLU A CG  1 
ATOM   328  C CD  . GLU A 1 48  ? 14.740  -5.840  4.762   1.00 17.82 ? 298 GLU A CD  1 
ATOM   329  O OE1 . GLU A 1 48  ? 15.582  -4.922  4.681   1.00 18.56 ? 298 GLU A OE1 1 
ATOM   330  O OE2 . GLU A 1 48  ? 14.979  -7.016  4.403   1.00 18.29 ? 298 GLU A OE2 1 
ATOM   331  N N   . TYR A 1 49  ? 11.965  -3.431  8.113   1.00 13.81 ? 299 TYR A N   1 
ATOM   332  C CA  . TYR A 1 49  ? 11.888  -3.667  9.564   1.00 13.61 ? 299 TYR A CA  1 
ATOM   333  C C   . TYR A 1 49  ? 11.385  -2.426  10.288  1.00 14.70 ? 299 TYR A C   1 
ATOM   334  O O   . TYR A 1 49  ? 11.616  -1.302  9.847   1.00 14.87 ? 299 TYR A O   1 
ATOM   335  C CB  . TYR A 1 49  ? 13.253  -4.092  10.121  1.00 14.39 ? 299 TYR A CB  1 
ATOM   336  C CG  . TYR A 1 49  ? 13.835  -5.296  9.446   1.00 11.88 ? 299 TYR A CG  1 
ATOM   337  C CD1 . TYR A 1 49  ? 15.032  -5.219  8.737   1.00 11.41 ? 299 TYR A CD1 1 
ATOM   338  C CD2 . TYR A 1 49  ? 13.171  -6.522  9.473   1.00 13.56 ? 299 TYR A CD2 1 
ATOM   339  C CE1 . TYR A 1 49  ? 15.550  -6.330  8.086   1.00 13.54 ? 299 TYR A CE1 1 
ATOM   340  C CE2 . TYR A 1 49  ? 13.697  -7.637  8.830   1.00 13.56 ? 299 TYR A CE2 1 
ATOM   341  C CZ  . TYR A 1 49  ? 14.877  -7.540  8.148   1.00 13.42 ? 299 TYR A CZ  1 
ATOM   342  O OH  . TYR A 1 49  ? 15.394  -8.649  7.506   1.00 17.60 ? 299 TYR A OH  1 
ATOM   343  N N   . THR A 1 50  ? 10.715  -2.631  11.418  1.00 14.71 ? 300 THR A N   1 
ATOM   344  C CA  . THR A 1 50  ? 9.952   -1.565  12.060  1.00 15.78 ? 300 THR A CA  1 
ATOM   345  C C   . THR A 1 50  ? 10.794  -0.344  12.447  1.00 16.09 ? 300 THR A C   1 
ATOM   346  O O   . THR A 1 50  ? 10.320  0.784   12.365  1.00 16.65 ? 300 THR A O   1 
ATOM   347  C CB  . THR A 1 50  ? 9.218   -2.097  13.291  1.00 15.41 ? 300 THR A CB  1 
ATOM   348  O OG1 . THR A 1 50  ? 8.236   -3.073  12.894  1.00 16.05 ? 300 THR A OG1 1 
ATOM   349  C CG2 . THR A 1 50  ? 8.413   -1.002  13.954  1.00 17.85 ? 300 THR A CG2 1 
ATOM   350  N N   . THR A 1 51  ? 12.035  -0.561  12.873  1.00 16.09 ? 301 THR A N   1 
ATOM   351  C CA  . THR A 1 51  ? 12.871  0.564   13.318  1.00 16.93 ? 301 THR A CA  1 
ATOM   352  C C   . THR A 1 51  ? 13.763  1.157   12.221  1.00 17.23 ? 301 THR A C   1 
ATOM   353  O O   . THR A 1 51  ? 14.595  2.018   12.491  1.00 17.89 ? 301 THR A O   1 
ATOM   354  C CB  . THR A 1 51  ? 13.742  0.164   14.528  1.00 16.62 ? 301 THR A CB  1 
ATOM   355  O OG1 . THR A 1 51  ? 14.633  -0.886  14.165  1.00 16.48 ? 301 THR A OG1 1 
ATOM   356  C CG2 . THR A 1 51  ? 12.903  -0.404  15.678  1.00 16.85 ? 301 THR A CG2 1 
ATOM   357  N N   . ASP A 1 52  ? 13.612  0.691   10.994  1.00 17.33 ? 302 ASP A N   1 
ATOM   358  C CA  . ASP A 1 52  ? 14.317  1.267   9.862   1.00 17.84 ? 302 ASP A CA  1 
ATOM   359  C C   . ASP A 1 52  ? 14.035  2.757   9.780   1.00 19.45 ? 302 ASP A C   1 
ATOM   360  O O   . ASP A 1 52  ? 12.894  3.192   9.942   1.00 19.66 ? 302 ASP A O   1 
ATOM   361  C CB  . ASP A 1 52  ? 13.854  0.634   8.545   1.00 17.11 ? 302 ASP A CB  1 
ATOM   362  C CG  . ASP A 1 52  ? 14.476  -0.700  8.282   1.00 16.58 ? 302 ASP A CG  1 
ATOM   363  O OD1 . ASP A 1 52  ? 15.354  -1.143  9.052   1.00 14.15 ? 302 ASP A OD1 1 
ATOM   364  O OD2 . ASP A 1 52  ? 14.133  -1.393  7.317   1.00 15.29 ? 302 ASP A OD2 1 
ATOM   365  N N   . LYS A 1 53  ? 15.084  3.526   9.536   1.00 21.22 ? 303 LYS A N   1 
ATOM   366  C CA  . LYS A 1 53  ? 14.962  4.961   9.297   1.00 22.93 ? 303 LYS A CA  1 
ATOM   367  C C   . LYS A 1 53  ? 14.371  5.299   7.919   1.00 23.16 ? 303 LYS A C   1 
ATOM   368  O O   . LYS A 1 53  ? 13.573  6.228   7.782   1.00 24.20 ? 303 LYS A O   1 
ATOM   369  C CB  . LYS A 1 53  ? 16.340  5.604   9.431   1.00 23.50 ? 303 LYS A CB  1 
ATOM   370  C CG  . LYS A 1 53  ? 16.896  5.526   10.831  1.00 26.54 ? 303 LYS A CG  1 
ATOM   371  C CD  . LYS A 1 53  ? 17.941  6.606   11.123  1.00 30.64 ? 303 LYS A CD  1 
ATOM   372  C CE  . LYS A 1 53  ? 19.166  6.037   11.845  1.00 32.74 ? 303 LYS A CE  1 
ATOM   373  N NZ  . LYS A 1 53  ? 18.812  5.058   12.920  1.00 35.01 ? 303 LYS A NZ  1 
ATOM   374  N N   . GLU A 1 54  ? 14.778  4.562   6.898   1.00 23.10 ? 304 GLU A N   1 
ATOM   375  C CA  . GLU A 1 54  ? 14.361  4.853   5.535   1.00 23.51 ? 304 GLU A CA  1 
ATOM   376  C C   . GLU A 1 54  ? 13.278  3.882   5.151   1.00 22.29 ? 304 GLU A C   1 
ATOM   377  O O   . GLU A 1 54  ? 13.464  2.692   5.318   1.00 21.95 ? 304 GLU A O   1 
ATOM   378  C CB  . GLU A 1 54  ? 15.522  4.676   4.547   1.00 24.33 ? 304 GLU A CB  1 
ATOM   379  C CG  . GLU A 1 54  ? 16.691  5.643   4.729   1.00 27.79 ? 304 GLU A CG  1 
ATOM   380  C CD  . GLU A 1 54  ? 16.488  6.969   4.015   1.00 31.60 ? 304 GLU A CD  1 
ATOM   381  O OE1 . GLU A 1 54  ? 15.616  7.035   3.121   1.00 33.83 ? 304 GLU A OE1 1 
ATOM   382  O OE2 . GLU A 1 54  ? 17.191  7.953   4.350   1.00 32.14 ? 304 GLU A OE2 1 
ATOM   383  N N   . PRO A 1 55  ? 12.163  4.372   4.612   1.00 21.63 ? 305 PRO A N   1 
ATOM   384  C CA  . PRO A 1 55  ? 11.182  3.490   3.986   1.00 20.59 ? 305 PRO A CA  1 
ATOM   385  C C   . PRO A 1 55  ? 11.775  2.819   2.768   1.00 20.34 ? 305 PRO A C   1 
ATOM   386  O O   . PRO A 1 55  ? 12.695  3.352   2.134   1.00 19.98 ? 305 PRO A O   1 
ATOM   387  C CB  . PRO A 1 55  ? 10.045  4.431   3.547   1.00 20.46 ? 305 PRO A CB  1 
ATOM   388  C CG  . PRO A 1 55  ? 10.350  5.750   4.082   1.00 21.21 ? 305 PRO A CG  1 
ATOM   389  C CD  . PRO A 1 55  ? 11.756  5.789   4.563   1.00 21.35 ? 305 PRO A CD  1 
ATOM   390  N N   . ARG A 1 56  ? 11.239  1.650   2.466   1.00 19.74 ? 306 ARG A N   1 
ATOM   391  C CA  . ARG A 1 56  ? 11.539  0.905   1.263   1.00 20.48 ? 306 ARG A CA  1 
ATOM   392  C C   . ARG A 1 56  ? 10.695  1.426   0.100   1.00 20.09 ? 306 ARG A C   1 
ATOM   393  O O   . ARG A 1 56  ? 11.097  1.354   -1.055  1.00 19.07 ? 306 ARG A O   1 
ATOM   394  C CB  . ARG A 1 56  ? 11.235  -0.561  1.520   1.00 21.07 ? 306 ARG A CB  1 
ATOM   395  C CG  . ARG A 1 56  ? 11.484  -1.498  0.376   1.00 23.97 ? 306 ARG A CG  1 
ATOM   396  C CD  . ARG A 1 56  ? 12.911  -1.516  -0.137  1.00 27.54 ? 306 ARG A CD  1 
ATOM   397  N NE  . ARG A 1 56  ? 13.915  -1.790  0.893   1.00 28.31 ? 306 ARG A NE  1 
ATOM   398  C CZ  . ARG A 1 56  ? 14.199  -2.998  1.383   1.00 29.72 ? 306 ARG A CZ  1 
ATOM   399  N NH1 . ARG A 1 56  ? 13.553  -4.072  0.969   1.00 30.63 ? 306 ARG A NH1 1 
ATOM   400  N NH2 . ARG A 1 56  ? 15.151  -3.128  2.296   1.00 31.24 ? 306 ARG A NH2 1 
ATOM   401  N N   . GLY A 1 57  ? 9.506   1.917   0.413   1.00 19.05 ? 307 GLY A N   1 
ATOM   402  C CA  . GLY A 1 57  ? 8.628   2.447   -0.608  1.00 19.08 ? 307 GLY A CA  1 
ATOM   403  C C   . GLY A 1 57  ? 7.558   3.393   -0.102  1.00 18.46 ? 307 GLY A C   1 
ATOM   404  O O   . GLY A 1 57  ? 7.326   3.522   1.093   1.00 17.86 ? 307 GLY A O   1 
ATOM   405  N N   . ILE A 1 58  ? 6.910   4.058   -1.056  1.00 17.93 ? 308 ILE A N   1 
ATOM   406  C CA  . ILE A 1 58  ? 5.787   4.949   -0.804  1.00 18.58 ? 308 ILE A CA  1 
ATOM   407  C C   . ILE A 1 58  ? 4.739   4.728   -1.888  1.00 18.66 ? 308 ILE A C   1 
ATOM   408  O O   . ILE A 1 58  ? 5.069   4.653   -3.079  1.00 18.70 ? 308 ILE A O   1 
ATOM   409  C CB  . ILE A 1 58  ? 6.239   6.442   -0.792  1.00 18.36 ? 308 ILE A CB  1 
ATOM   410  C CG1 . ILE A 1 58  ? 5.075   7.369   -0.428  1.00 19.05 ? 308 ILE A CG1 1 
ATOM   411  C CG2 . ILE A 1 58  ? 6.822   6.863   -2.162  1.00 20.05 ? 308 ILE A CG2 1 
ATOM   412  C CD1 . ILE A 1 58  ? 5.437   8.855   -0.415  1.00 19.29 ? 308 ILE A CD1 1 
ATOM   413  N N   . ILE A 1 59  ? 3.481   4.607   -1.468  1.00 18.68 ? 309 ILE A N   1 
ATOM   414  C CA  . ILE A 1 59  ? 2.351   4.431   -2.370  1.00 18.75 ? 309 ILE A CA  1 
ATOM   415  C C   . ILE A 1 59  ? 1.331   5.492   -2.005  1.00 19.17 ? 309 ILE A C   1 
ATOM   416  O O   . ILE A 1 59  ? 0.560   5.315   -1.052  1.00 18.75 ? 309 ILE A O   1 
ATOM   417  C CB  . ILE A 1 59  ? 1.706   3.042   -2.241  1.00 18.71 ? 309 ILE A CB  1 
ATOM   418  C CG1 . ILE A 1 59  ? 2.723   1.927   -2.498  1.00 19.38 ? 309 ILE A CG1 1 
ATOM   419  C CG2 . ILE A 1 59  ? 0.523   2.921   -3.210  1.00 20.03 ? 309 ILE A CG2 1 
ATOM   420  C CD1 . ILE A 1 59  ? 2.321   0.622   -1.888  1.00 20.20 ? 309 ILE A CD1 1 
ATOM   421  N N   . PRO A 1 60  ? 1.332   6.603   -2.736  1.00 19.81 ? 310 PRO A N   1 
ATOM   422  C CA  . PRO A 1 60  ? 0.326   7.645   -2.523  1.00 20.34 ? 310 PRO A CA  1 
ATOM   423  C C   . PRO A 1 60  ? -1.065  7.106   -2.830  1.00 20.66 ? 310 PRO A C   1 
ATOM   424  O O   . PRO A 1 60  ? -1.235  6.321   -3.751  1.00 20.39 ? 310 PRO A O   1 
ATOM   425  C CB  . PRO A 1 60  ? 0.729   8.745   -3.512  1.00 20.44 ? 310 PRO A CB  1 
ATOM   426  C CG  . PRO A 1 60  ? 2.085   8.412   -3.958  1.00 21.13 ? 310 PRO A CG  1 
ATOM   427  C CD  . PRO A 1 60  ? 2.250   6.943   -3.830  1.00 19.81 ? 310 PRO A CD  1 
ATOM   428  N N   . LEU A 1 61  ? -2.053  7.499   -2.035  1.00 20.89 ? 311 LEU A N   1 
ATOM   429  C CA  . LEU A 1 61  ? -3.390  6.962   -2.175  1.00 21.80 ? 311 LEU A CA  1 
ATOM   430  C C   . LEU A 1 61  ? -4.299  7.844   -3.016  1.00 22.55 ? 311 LEU A C   1 
ATOM   431  O O   . LEU A 1 61  ? -5.375  7.408   -3.371  1.00 22.53 ? 311 LEU A O   1 
ATOM   432  C CB  . LEU A 1 61  ? -4.040  6.780   -0.804  1.00 21.59 ? 311 LEU A CB  1 
ATOM   433  C CG  . LEU A 1 61  ? -3.305  5.828   0.133   1.00 21.42 ? 311 LEU A CG  1 
ATOM   434  C CD1 . LEU A 1 61  ? -3.992  5.865   1.491   1.00 21.71 ? 311 LEU A CD1 1 
ATOM   435  C CD2 . LEU A 1 61  ? -3.268  4.419   -0.451  1.00 21.81 ? 311 LEU A CD2 1 
ATOM   436  N N   . GLU A 1 62  ? -3.888  9.072   -3.305  1.00 24.39 ? 312 GLU A N   1 
ATOM   437  C CA  . GLU A 1 62  ? -4.759  10.005  -4.020  1.00 26.42 ? 312 GLU A CA  1 
ATOM   438  C C   . GLU A 1 62  ? -5.265  9.348   -5.308  1.00 27.41 ? 312 GLU A C   1 
ATOM   439  O O   . GLU A 1 62  ? -4.496  8.734   -6.042  1.00 26.19 ? 312 GLU A O   1 
ATOM   440  C CB  . GLU A 1 62  ? -4.036  11.323  -4.322  1.00 26.90 ? 312 GLU A CB  1 
ATOM   441  C CG  . GLU A 1 62  ? -4.971  12.451  -4.757  1.00 28.78 ? 312 GLU A CG  1 
ATOM   442  C CD  . GLU A 1 62  ? -4.309  13.811  -4.692  1.00 29.74 ? 312 GLU A CD  1 
ATOM   443  O OE1 . GLU A 1 62  ? -4.356  14.475  -3.625  1.00 30.71 ? 312 GLU A OE1 1 
ATOM   444  O OE2 . GLU A 1 62  ? -3.730  14.227  -5.720  1.00 32.44 ? 312 GLU A OE2 1 
ATOM   445  N N   . ASN A 1 63  ? -6.574  9.443   -5.542  1.00 29.58 ? 313 ASN A N   1 
ATOM   446  C CA  . ASN A 1 63  ? -7.224  8.851   -6.723  1.00 30.99 ? 313 ASN A CA  1 
ATOM   447  C C   . ASN A 1 63  ? -7.504  7.366   -6.629  1.00 30.98 ? 313 ASN A C   1 
ATOM   448  O O   . ASN A 1 63  ? -8.238  6.846   -7.450  1.00 32.38 ? 313 ASN A O   1 
ATOM   449  C CB  . ASN A 1 63  ? -6.438  9.098   -8.033  1.00 32.16 ? 313 ASN A CB  1 
ATOM   450  C CG  . ASN A 1 63  ? -6.190  10.563  -8.301  1.00 34.47 ? 313 ASN A CG  1 
ATOM   451  O OD1 . ASN A 1 63  ? -7.085  11.399  -8.127  1.00 39.02 ? 313 ASN A OD1 1 
ATOM   452  N ND2 . ASN A 1 63  ? -4.964  10.893  -8.713  1.00 37.23 ? 313 ASN A ND2 1 
ATOM   453  N N   . LEU A 1 64  ? -6.931  6.666   -5.654  1.00 30.02 ? 314 LEU A N   1 
ATOM   454  C CA  . LEU A 1 64  ? -7.054  5.215   -5.623  1.00 29.40 ? 314 LEU A CA  1 
ATOM   455  C C   . LEU A 1 64  ? -8.351  4.760   -4.987  1.00 28.87 ? 314 LEU A C   1 
ATOM   456  O O   . LEU A 1 64  ? -9.056  5.521   -4.323  1.00 28.08 ? 314 LEU A O   1 
ATOM   457  C CB  . LEU A 1 64  ? -5.873  4.564   -4.893  1.00 29.16 ? 314 LEU A CB  1 
ATOM   458  C CG  . LEU A 1 64  ? -4.462  4.813   -5.437  1.00 29.11 ? 314 LEU A CG  1 
ATOM   459  C CD1 . LEU A 1 64  ? -3.487  3.828   -4.794  1.00 28.47 ? 314 LEU A CD1 1 
ATOM   460  C CD2 . LEU A 1 64  ? -4.411  4.723   -6.965  1.00 28.03 ? 314 LEU A CD2 1 
ATOM   461  N N   . SER A 1 65  ? -8.656  3.497   -5.223  1.00 29.06 ? 315 SER A N   1 
ATOM   462  C CA  . SER A 1 65  ? -9.776  2.826   -4.603  1.00 29.52 ? 315 SER A CA  1 
ATOM   463  C C   . SER A 1 65  ? -9.292  1.540   -3.982  1.00 29.36 ? 315 SER A C   1 
ATOM   464  O O   . SER A 1 65  ? -8.187  1.078   -4.250  1.00 28.77 ? 315 SER A O   1 
ATOM   465  C CB  . SER A 1 65  ? -10.860 2.526   -5.634  1.00 29.71 ? 315 SER A CB  1 
ATOM   466  O OG  . SER A 1 65  ? -11.324 3.730   -6.209  1.00 31.60 ? 315 SER A OG  1 
ATOM   467  N N   . ILE A 1 66  ? -10.143 0.965   -3.151  1.00 29.53 ? 316 ILE A N   1 
ATOM   468  C CA  . ILE A 1 66  ? -9.846  -0.276  -2.469  1.00 30.03 ? 316 ILE A CA  1 
ATOM   469  C C   . ILE A 1 66  ? -11.013 -1.252  -2.662  1.00 30.37 ? 316 ILE A C   1 
ATOM   470  O O   . ILE A 1 66  ? -12.173 -0.839  -2.722  1.00 30.01 ? 316 ILE A O   1 
ATOM   471  C CB  . ILE A 1 66  ? -9.550  0.017   -0.967  1.00 30.34 ? 316 ILE A CB  1 
ATOM   472  C CG1 . ILE A 1 66  ? -8.910  -1.184  -0.278  1.00 31.25 ? 316 ILE A CG1 1 
ATOM   473  C CG2 . ILE A 1 66  ? -10.800 0.445   -0.226  1.00 30.65 ? 316 ILE A CG2 1 
ATOM   474  C CD1 . ILE A 1 66  ? -8.287  -0.812  1.066   1.00 31.98 ? 316 ILE A CD1 1 
ATOM   475  N N   . ARG A 1 67  ? -10.689 -2.534  -2.788  1.00 30.75 ? 317 ARG A N   1 
ATOM   476  C CA  . ARG A 1 67  ? -11.680 -3.600  -2.919  1.00 31.23 ? 317 ARG A CA  1 
ATOM   477  C C   . ARG A 1 67  ? -11.173 -4.860  -2.229  1.00 31.36 ? 317 ARG A C   1 
ATOM   478  O O   . ARG A 1 67  ? -9.965  -5.114  -2.182  1.00 31.04 ? 317 ARG A O   1 
ATOM   479  C CB  . ARG A 1 67  ? -11.974 -3.891  -4.400  1.00 31.47 ? 317 ARG A CB  1 
ATOM   480  C CG  . ARG A 1 67  ? -10.803 -4.483  -5.167  1.00 32.44 ? 317 ARG A CG  1 
ATOM   481  C CD  . ARG A 1 67  ? -11.042 -4.680  -6.661  1.00 33.94 ? 317 ARG A CD  1 
ATOM   482  N NE  . ARG A 1 67  ? -9.768  -4.805  -7.375  1.00 34.43 ? 317 ARG A NE  1 
ATOM   483  C CZ  . ARG A 1 67  ? -9.537  -4.412  -8.629  1.00 35.14 ? 317 ARG A CZ  1 
ATOM   484  N NH1 . ARG A 1 67  ? -10.495 -3.862  -9.374  1.00 35.19 ? 317 ARG A NH1 1 
ATOM   485  N NH2 . ARG A 1 67  ? -8.330  -4.575  -9.151  1.00 34.99 ? 317 ARG A NH2 1 
ATOM   486  N N   . GLU A 1 68  ? -12.096 -5.648  -1.690  1.00 31.44 ? 318 GLU A N   1 
ATOM   487  C CA  . GLU A 1 68  ? -11.767 -6.958  -1.163  1.00 31.99 ? 318 GLU A CA  1 
ATOM   488  C C   . GLU A 1 68  ? -11.497 -7.908  -2.329  1.00 31.84 ? 318 GLU A C   1 
ATOM   489  O O   . GLU A 1 68  ? -12.093 -7.776  -3.400  1.00 31.88 ? 318 GLU A O   1 
ATOM   490  C CB  . GLU A 1 68  ? -12.905 -7.498  -0.300  1.00 32.34 ? 318 GLU A CB  1 
ATOM   491  C CG  . GLU A 1 68  ? -13.190 -6.656  0.941   1.00 34.18 ? 318 GLU A CG  1 
ATOM   492  C CD  . GLU A 1 68  ? -13.987 -7.391  2.001   1.00 36.28 ? 318 GLU A CD  1 
ATOM   493  O OE1 . GLU A 1 68  ? -13.985 -8.636  2.021   1.00 38.76 ? 318 GLU A OE1 1 
ATOM   494  O OE2 . GLU A 1 68  ? -14.618 -6.718  2.834   1.00 39.82 ? 318 GLU A OE2 1 
ATOM   495  N N   . VAL A 1 69  ? -10.558 -8.826  -2.127  1.00 31.80 ? 319 VAL A N   1 
ATOM   496  C CA  . VAL A 1 69  ? -10.329 -9.936  -3.056  1.00 31.69 ? 319 VAL A CA  1 
ATOM   497  C C   . VAL A 1 69  ? -10.089 -11.220 -2.278  1.00 31.65 ? 319 VAL A C   1 
ATOM   498  O O   . VAL A 1 69  ? -9.819  -11.193 -1.076  1.00 31.39 ? 319 VAL A O   1 
ATOM   499  C CB  . VAL A 1 69  ? -9.131  -9.694  -4.015  1.00 31.66 ? 319 VAL A CB  1 
ATOM   500  C CG1 . VAL A 1 69  ? -9.330  -8.427  -4.839  1.00 31.90 ? 319 VAL A CG1 1 
ATOM   501  C CG2 . VAL A 1 69  ? -7.797  -9.662  -3.262  1.00 31.66 ? 319 VAL A CG2 1 
ATOM   502  N N   . GLU A 1 70  ? -10.202 -12.350 -2.974  1.00 31.62 ? 320 GLU A N   1 
ATOM   503  C CA  . GLU A 1 70  ? -9.854  -13.648 -2.403  1.00 31.88 ? 320 GLU A CA  1 
ATOM   504  C C   . GLU A 1 70  ? -8.578  -14.148 -3.080  1.00 31.37 ? 320 GLU A C   1 
ATOM   505  O O   . GLU A 1 70  ? -8.390  -13.969 -4.276  1.00 31.79 ? 320 GLU A O   1 
ATOM   506  C CB  . GLU A 1 70  ? -11.000 -14.661 -2.579  1.00 32.18 ? 320 GLU A CB  1 
ATOM   507  C CG  . GLU A 1 70  ? -12.034 -14.645 -1.460  1.00 34.30 ? 320 GLU A CG  1 
ATOM   508  C CD  . GLU A 1 70  ? -13.320 -15.382 -1.828  1.00 38.01 ? 320 GLU A CD  1 
ATOM   509  O OE1 . GLU A 1 70  ? -13.249 -16.421 -2.528  1.00 38.68 ? 320 GLU A OE1 1 
ATOM   510  O OE2 . GLU A 1 70  ? -14.409 -14.924 -1.410  1.00 40.70 ? 320 GLU A OE2 1 
ATOM   511  N N   . ASP A 1 71  ? -7.702  -14.762 -2.296  1.00 31.10 ? 321 ASP A N   1 
ATOM   512  C CA  . ASP A 1 71  ? -6.413  -15.241 -2.784  1.00 30.69 ? 321 ASP A CA  1 
ATOM   513  C C   . ASP A 1 71  ? -6.287  -16.728 -2.487  1.00 30.71 ? 321 ASP A C   1 
ATOM   514  O O   . ASP A 1 71  ? -6.792  -17.184 -1.465  1.00 30.40 ? 321 ASP A O   1 
ATOM   515  C CB  . ASP A 1 71  ? -5.284  -14.462 -2.100  1.00 30.50 ? 321 ASP A CB  1 
ATOM   516  C CG  . ASP A 1 71  ? -3.943  -14.654 -2.771  1.00 28.35 ? 321 ASP A CG  1 
ATOM   517  O OD1 . ASP A 1 71  ? -3.193  -15.562 -2.379  1.00 27.62 ? 321 ASP A OD1 1 
ATOM   518  O OD2 . ASP A 1 71  ? -3.545  -13.947 -3.701  1.00 26.07 ? 321 ASP A OD2 1 
ATOM   519  N N   . PRO A 1 72  ? -5.622  -17.489 -3.366  1.00 31.22 ? 322 PRO A N   1 
ATOM   520  C CA  . PRO A 1 72  ? -5.407  -18.928 -3.135  1.00 31.45 ? 322 PRO A CA  1 
ATOM   521  C C   . PRO A 1 72  ? -4.573  -19.304 -1.908  1.00 31.77 ? 322 PRO A C   1 
ATOM   522  O O   . PRO A 1 72  ? -4.784  -20.382 -1.355  1.00 32.33 ? 322 PRO A O   1 
ATOM   523  C CB  . PRO A 1 72  ? -4.680  -19.395 -4.407  1.00 31.61 ? 322 PRO A CB  1 
ATOM   524  C CG  . PRO A 1 72  ? -4.879  -18.333 -5.414  1.00 31.46 ? 322 PRO A CG  1 
ATOM   525  C CD  . PRO A 1 72  ? -5.071  -17.055 -4.664  1.00 31.02 ? 322 PRO A CD  1 
ATOM   526  N N   . ARG A 1 73  ? -3.643  -18.443 -1.498  1.00 31.48 ? 323 ARG A N   1 
ATOM   527  C CA  . ARG A 1 73  ? -2.685  -18.778 -0.444  1.00 31.18 ? 323 ARG A CA  1 
ATOM   528  C C   . ARG A 1 73  ? -2.721  -17.852 0.784   1.00 30.73 ? 323 ARG A C   1 
ATOM   529  O O   . ARG A 1 73  ? -2.395  -18.294 1.894   1.00 31.34 ? 323 ARG A O   1 
ATOM   530  C CB  . ARG A 1 73  ? -1.255  -18.739 -0.988  1.00 31.37 ? 323 ARG A CB  1 
ATOM   531  C CG  . ARG A 1 73  ? -0.998  -19.707 -2.129  0.00 20.00 ? 323 ARG A CG  1 
ATOM   532  C CD  . ARG A 1 73  ? 0.483   -19.795 -2.456  0.00 20.00 ? 323 ARG A CD  1 
ATOM   533  N NE  . ARG A 1 73  ? 0.748   -20.722 -3.553  0.00 20.00 ? 323 ARG A NE  1 
ATOM   534  C CZ  . ARG A 1 73  ? 1.959   -20.984 -4.035  0.00 20.00 ? 323 ARG A CZ  1 
ATOM   535  N NH1 . ARG A 1 73  ? 3.022   -20.385 -3.516  0.00 20.00 ? 323 ARG A NH1 1 
ATOM   536  N NH2 . ARG A 1 73  ? 2.104   -21.842 -5.035  0.00 20.00 ? 323 ARG A NH2 1 
ATOM   537  N N   . LYS A 1 74  ? -3.100  -16.589 0.596   1.00 29.82 ? 324 LYS A N   1 
ATOM   538  C CA  . LYS A 1 74  ? -3.046  -15.601 1.676   1.00 29.18 ? 324 LYS A CA  1 
ATOM   539  C C   . LYS A 1 74  ? -4.446  -15.171 2.124   1.00 28.39 ? 324 LYS A C   1 
ATOM   540  O O   . LYS A 1 74  ? -5.288  -14.858 1.291   1.00 28.07 ? 324 LYS A O   1 
ATOM   541  C CB  . LYS A 1 74  ? -2.243  -14.369 1.233   1.00 29.09 ? 324 LYS A CB  1 
ATOM   542  C CG  . LYS A 1 74  ? -0.774  -14.626 0.864   1.00 29.57 ? 324 LYS A CG  1 
ATOM   543  C CD  . LYS A 1 74  ? -0.034  -15.467 1.869   1.00 30.69 ? 324 LYS A CD  1 
ATOM   544  C CE  . LYS A 1 74  ? 1.404   -15.687 1.440   1.00 32.37 ? 324 LYS A CE  1 
ATOM   545  N NZ  . LYS A 1 74  ? 2.164   -16.396 2.505   1.00 34.06 ? 324 LYS A NZ  1 
ATOM   546  N N   . PRO A 1 75  ? -4.692  -15.144 3.432   1.00 27.86 ? 325 PRO A N   1 
ATOM   547  C CA  . PRO A 1 75  ? -5.990  -14.716 3.964   1.00 27.48 ? 325 PRO A CA  1 
ATOM   548  C C   . PRO A 1 75  ? -6.106  -13.194 4.083   1.00 26.80 ? 325 PRO A C   1 
ATOM   549  O O   . PRO A 1 75  ? -5.103  -12.482 4.013   1.00 26.27 ? 325 PRO A O   1 
ATOM   550  C CB  . PRO A 1 75  ? -5.999  -15.333 5.359   1.00 27.86 ? 325 PRO A CB  1 
ATOM   551  C CG  . PRO A 1 75  ? -4.577  -15.295 5.785   1.00 27.78 ? 325 PRO A CG  1 
ATOM   552  C CD  . PRO A 1 75  ? -3.768  -15.522 4.519   1.00 28.37 ? 325 PRO A CD  1 
ATOM   553  N N   . ASN A 1 76  ? -7.331  -12.706 4.256   1.00 25.81 ? 326 ASN A N   1 
ATOM   554  C CA  . ASN A 1 76  ? -7.561  -11.317 4.636   1.00 25.17 ? 326 ASN A CA  1 
ATOM   555  C C   . ASN A 1 76  ? -6.980  -10.312 3.640   1.00 24.38 ? 326 ASN A C   1 
ATOM   556  O O   . ASN A 1 76  ? -6.271  -9.381  4.027   1.00 23.38 ? 326 ASN A O   1 
ATOM   557  C CB  . ASN A 1 76  ? -6.967  -11.070 6.028   1.00 24.81 ? 326 ASN A CB  1 
ATOM   558  C CG  . ASN A 1 76  ? -7.287  -12.174 7.012   1.00 25.55 ? 326 ASN A CG  1 
ATOM   559  O OD1 . ASN A 1 76  ? -8.437  -12.607 7.124   1.00 26.10 ? 326 ASN A OD1 1 
ATOM   560  N ND2 . ASN A 1 76  ? -6.273  -12.626 7.752   1.00 25.34 ? 326 ASN A ND2 1 
ATOM   561  N N   . CYS A 1 77  ? -7.280  -10.492 2.356   1.00 23.64 ? 327 CYS A N   1 
ATOM   562  C CA  . CYS A 1 77  ? -6.688  -9.676  1.309   1.00 23.47 ? 327 CYS A CA  1 
ATOM   563  C C   . CYS A 1 77  ? -7.602  -8.568  0.803   1.00 23.61 ? 327 CYS A C   1 
ATOM   564  O O   . CYS A 1 77  ? -8.827  -8.678  0.840   1.00 24.25 ? 327 CYS A O   1 
ATOM   565  C CB  . CYS A 1 77  ? -6.266  -10.527 0.104   1.00 23.85 ? 327 CYS A CB  1 
ATOM   566  S SG  . CYS A 1 77  ? -4.890  -11.637 0.392   1.00 23.71 ? 327 CYS A SG  1 
ATOM   567  N N   . PHE A 1 78  ? -6.969  -7.495  0.349   1.00 23.32 ? 328 PHE A N   1 
ATOM   568  C CA  . PHE A 1 78  ? -7.606  -6.437  -0.409  1.00 23.38 ? 328 PHE A CA  1 
ATOM   569  C C   . PHE A 1 78  ? -6.629  -5.932  -1.471  1.00 23.77 ? 328 PHE A C   1 
ATOM   570  O O   . PHE A 1 78  ? -5.447  -6.302  -1.468  1.00 23.20 ? 328 PHE A O   1 
ATOM   571  C CB  . PHE A 1 78  ? -8.099  -5.304  0.510   1.00 23.15 ? 328 PHE A CB  1 
ATOM   572  C CG  . PHE A 1 78  ? -7.010  -4.616  1.292   1.00 22.52 ? 328 PHE A CG  1 
ATOM   573  C CD1 . PHE A 1 78  ? -6.346  -3.521  0.763   1.00 23.61 ? 328 PHE A CD1 1 
ATOM   574  C CD2 . PHE A 1 78  ? -6.676  -5.042  2.560   1.00 22.71 ? 328 PHE A CD2 1 
ATOM   575  C CE1 . PHE A 1 78  ? -5.346  -2.862  1.491   1.00 25.25 ? 328 PHE A CE1 1 
ATOM   576  C CE2 . PHE A 1 78  ? -5.680  -4.397  3.290   1.00 24.07 ? 328 PHE A CE2 1 
ATOM   577  C CZ  . PHE A 1 78  ? -5.017  -3.305  2.753   1.00 24.03 ? 328 PHE A CZ  1 
ATOM   578  N N   . GLU A 1 79  ? -7.134  -5.106  -2.380  1.00 23.86 ? 329 GLU A N   1 
ATOM   579  C CA  . GLU A 1 79  ? -6.348  -4.534  -3.466  1.00 24.88 ? 329 GLU A CA  1 
ATOM   580  C C   . GLU A 1 79  ? -6.559  -3.039  -3.553  1.00 25.58 ? 329 GLU A C   1 
ATOM   581  O O   . GLU A 1 79  ? -7.679  -2.549  -3.388  1.00 25.61 ? 329 GLU A O   1 
ATOM   582  C CB  . GLU A 1 79  ? -6.735  -5.154  -4.823  1.00 24.62 ? 329 GLU A CB  1 
ATOM   583  C CG  . GLU A 1 79  ? -6.060  -6.479  -5.110  1.00 25.89 ? 329 GLU A CG  1 
ATOM   584  C CD  . GLU A 1 79  ? -6.399  -7.035  -6.490  1.00 27.21 ? 329 GLU A CD  1 
ATOM   585  O OE1 . GLU A 1 79  ? -7.331  -6.530  -7.133  1.00 27.43 ? 329 GLU A OE1 1 
ATOM   586  O OE2 . GLU A 1 79  ? -5.721  -7.966  -6.934  1.00 28.95 ? 329 GLU A OE2 1 
ATOM   587  N N   . LEU A 1 80  ? -5.474  -2.323  -3.809  1.00 26.66 ? 330 LEU A N   1 
ATOM   588  C CA  . LEU A 1 80  ? -5.519  -0.932  -4.208  1.00 27.84 ? 330 LEU A CA  1 
ATOM   589  C C   . LEU A 1 80  ? -5.439  -0.911  -5.725  1.00 29.22 ? 330 LEU A C   1 
ATOM   590  O O   . LEU A 1 80  ? -4.672  -1.666  -6.314  1.00 28.59 ? 330 LEU A O   1 
ATOM   591  C CB  . LEU A 1 80  ? -4.330  -0.165  -3.627  1.00 27.91 ? 330 LEU A CB  1 
ATOM   592  C CG  . LEU A 1 80  ? -4.203  -0.239  -2.102  1.00 28.85 ? 330 LEU A CG  1 
ATOM   593  C CD1 . LEU A 1 80  ? -2.920  0.423   -1.650  1.00 28.38 ? 330 LEU A CD1 1 
ATOM   594  C CD2 . LEU A 1 80  ? -5.410  0.397   -1.444  1.00 29.78 ? 330 LEU A CD2 1 
ATOM   595  N N   . TYR A 1 81  ? -6.237  -0.058  -6.350  1.00 31.08 ? 331 TYR A N   1 
ATOM   596  C CA  . TYR A 1 81  ? -6.224  0.085   -7.807  1.00 32.76 ? 331 TYR A CA  1 
ATOM   597  C C   . TYR A 1 81  ? -6.720  1.473   -8.199  1.00 34.48 ? 331 TYR A C   1 
ATOM   598  O O   . TYR A 1 81  ? -7.327  2.175   -7.394  1.00 34.03 ? 331 TYR A O   1 
ATOM   599  C CB  . TYR A 1 81  ? -7.081  -1.008  -8.453  1.00 32.93 ? 331 TYR A CB  1 
ATOM   600  C CG  . TYR A 1 81  ? -8.558  -0.847  -8.178  1.00 32.75 ? 331 TYR A CG  1 
ATOM   601  C CD1 . TYR A 1 81  ? -9.410  -0.272  -9.130  1.00 33.49 ? 331 TYR A CD1 1 
ATOM   602  C CD2 . TYR A 1 81  ? -9.106  -1.252  -6.962  1.00 32.76 ? 331 TYR A CD2 1 
ATOM   603  C CE1 . TYR A 1 81  ? -10.762 -0.104  -8.871  1.00 33.56 ? 331 TYR A CE1 1 
ATOM   604  C CE2 . TYR A 1 81  ? -10.458 -1.088  -6.691  1.00 33.15 ? 331 TYR A CE2 1 
ATOM   605  C CZ  . TYR A 1 81  ? -11.284 -0.515  -7.651  1.00 33.68 ? 331 TYR A CZ  1 
ATOM   606  O OH  . TYR A 1 81  ? -12.626 -0.355  -7.388  1.00 33.65 ? 331 TYR A OH  1 
ATOM   607  N N   . ASN A 1 82  ? -6.446  1.865   -9.439  1.00 36.80 ? 332 ASN A N   1 
ATOM   608  C CA  . ASN A 1 82  ? -6.819  3.185   -9.943  1.00 38.43 ? 332 ASN A CA  1 
ATOM   609  C C   . ASN A 1 82  ? -8.048  3.046   -10.833 1.00 39.88 ? 332 ASN A C   1 
ATOM   610  O O   . ASN A 1 82  ? -7.953  2.488   -11.923 1.00 40.01 ? 332 ASN A O   1 
ATOM   611  C CB  . ASN A 1 82  ? -5.664  3.810   -10.731 1.00 38.60 ? 332 ASN A CB  1 
ATOM   612  C CG  . ASN A 1 82  ? -5.841  5.303   -10.928 1.00 39.64 ? 332 ASN A CG  1 
ATOM   613  O OD1 . ASN A 1 82  ? -6.904  5.762   -11.348 1.00 39.81 ? 332 ASN A OD1 1 
ATOM   614  N ND2 . ASN A 1 82  ? -4.808  6.075   -10.594 1.00 41.33 ? 332 ASN A ND2 1 
ATOM   615  N N   . PRO A 1 83  ? -9.191  3.555   -10.378 1.00 41.55 ? 333 PRO A N   1 
ATOM   616  C CA  . PRO A 1 83  ? -10.461 3.375   -11.089 1.00 42.65 ? 333 PRO A CA  1 
ATOM   617  C C   . PRO A 1 83  ? -10.634 4.331   -12.283 1.00 43.64 ? 333 PRO A C   1 
ATOM   618  O O   . PRO A 1 83  ? -11.407 4.021   -13.189 1.00 44.05 ? 333 PRO A O   1 
ATOM   619  C CB  . PRO A 1 83  ? -11.493 3.682   -10.003 1.00 42.63 ? 333 PRO A CB  1 
ATOM   620  C CG  . PRO A 1 83  ? -10.841 4.739   -9.192  1.00 42.43 ? 333 PRO A CG  1 
ATOM   621  C CD  . PRO A 1 83  ? -9.369  4.378   -9.167  1.00 41.79 ? 333 PRO A CD  1 
ATOM   622  N N   . SER A 1 84  ? -9.927  5.462   -12.279 1.00 44.76 ? 334 SER A N   1 
ATOM   623  C CA  . SER A 1 84  ? -10.002 6.459   -13.357 1.00 45.40 ? 334 SER A CA  1 
ATOM   624  C C   . SER A 1 84  ? -9.723  5.882   -14.754 1.00 46.05 ? 334 SER A C   1 
ATOM   625  O O   . SER A 1 84  ? -10.325 6.324   -15.736 1.00 46.28 ? 334 SER A O   1 
ATOM   626  C CB  . SER A 1 84  ? -9.013  7.599   -13.103 1.00 45.46 ? 334 SER A CB  1 
ATOM   627  O OG  . SER A 1 84  ? -7.678  7.126   -13.111 0.00 20.00 ? 334 SER A OG  1 
ATOM   628  N N   . HIS A 1 85  ? -8.812  4.912   -14.841 1.00 46.61 ? 335 HIS A N   1 
ATOM   629  C CA  . HIS A 1 85  ? -8.559  4.195   -16.097 1.00 47.02 ? 335 HIS A CA  1 
ATOM   630  C C   . HIS A 1 85  ? -8.057  2.777   -15.826 1.00 47.33 ? 335 HIS A C   1 
ATOM   631  O O   . HIS A 1 85  ? -7.142  2.583   -15.028 1.00 47.55 ? 335 HIS A O   1 
ATOM   632  C CB  . HIS A 1 85  ? -7.557  4.964   -16.961 1.00 47.25 ? 335 HIS A CB  1 
ATOM   633  C CG  . HIS A 1 85  ? -8.028  6.387   -17.348 0.00 20.00 ? 335 HIS A CG  1 
ATOM   634  N ND1 . HIS A 1 85  ? -9.059  6.615   -18.232 0.00 20.00 ? 335 HIS A ND1 1 
ATOM   635  C CD2 . HIS A 1 85  ? -7.589  7.607   -16.955 0.00 20.00 ? 335 HIS A CD2 1 
ATOM   636  C CE1 . HIS A 1 85  ? -9.238  7.917   -18.370 0.00 20.00 ? 335 HIS A CE1 1 
ATOM   637  N NE2 . HIS A 1 85  ? -8.360  8.541   -17.606 0.00 20.00 ? 335 HIS A NE2 1 
ATOM   638  N N   . LYS A 1 86  ? -8.653  1.789   -16.497 1.00 47.51 ? 336 LYS A N   1 
ATOM   639  C CA  . LYS A 1 86  ? -8.280  0.381   -16.287 1.00 47.44 ? 336 LYS A CA  1 
ATOM   640  C C   . LYS A 1 86  ? -6.849  0.110   -16.764 1.00 47.17 ? 336 LYS A C   1 
ATOM   641  O O   . LYS A 1 86  ? -6.420  0.633   -17.798 1.00 47.16 ? 336 LYS A O   1 
ATOM   642  C CB  . LYS A 1 86  ? -9.266  -0.547  -17.000 1.00 47.60 ? 336 LYS A CB  1 
ATOM   643  C CG  . LYS A 1 86  ? -10.704 -0.405  -16.529 0.00 20.00 ? 336 LYS A CG  1 
ATOM   644  C CD  . LYS A 1 86  ? -11.582 -1.510  -17.092 0.00 20.00 ? 336 LYS A CD  1 
ATOM   645  C CE  . LYS A 1 86  ? -13.020 -1.368  -16.621 0.00 20.00 ? 336 LYS A CE  1 
ATOM   646  N NZ  . LYS A 1 86  ? -13.892 -2.444  -17.166 0.00 20.00 ? 336 LYS A NZ  1 
ATOM   647  N N   . GLY A 1 87  ? -6.114  -0.688  -15.992 1.00 46.56 ? 337 GLY A N   1 
ATOM   648  C CA  . GLY A 1 87  ? -4.728  -0.999  -16.299 1.00 46.11 ? 337 GLY A CA  1 
ATOM   649  C C   . GLY A 1 87  ? -3.793  0.195   -16.192 1.00 45.56 ? 337 GLY A C   1 
ATOM   650  O O   . GLY A 1 87  ? -2.678  0.153   -16.712 1.00 45.52 ? 337 GLY A O   1 
ATOM   651  N N   . GLN A 1 88  ? -4.239  1.264   -15.531 1.00 44.72 ? 338 GLN A N   1 
ATOM   652  C CA  . GLN A 1 88  ? -3.391  2.433   -15.333 1.00 44.15 ? 338 GLN A CA  1 
ATOM   653  C C   . GLN A 1 88  ? -2.403  2.116   -14.217 1.00 42.87 ? 338 GLN A C   1 
ATOM   654  O O   . GLN A 1 88  ? -2.779  1.518   -13.203 1.00 42.91 ? 338 GLN A O   1 
ATOM   655  C CB  . GLN A 1 88  ? -4.212  3.669   -14.968 1.00 44.47 ? 338 GLN A CB  1 
ATOM   656  C CG  . GLN A 1 88  ? -3.355  4.899   -14.642 1.00 45.77 ? 338 GLN A CG  1 
ATOM   657  C CD  . GLN A 1 88  ? -3.936  6.196   -15.165 1.00 47.90 ? 338 GLN A CD  1 
ATOM   658  O OE1 . GLN A 1 88  ? -3.201  7.044   -15.682 1.00 50.19 ? 338 GLN A OE1 1 
ATOM   659  N NE2 . GLN A 1 88  ? -5.254  6.361   -15.035 1.00 48.57 ? 338 GLN A NE2 1 
ATOM   660  N N   . VAL A 1 89  ? -1.148  2.512   -14.416 1.00 41.14 ? 339 VAL A N   1 
ATOM   661  C CA  . VAL A 1 89  ? -0.090  2.255   -13.439 1.00 39.73 ? 339 VAL A CA  1 
ATOM   662  C C   . VAL A 1 89  ? -0.282  3.171   -12.238 1.00 38.16 ? 339 VAL A C   1 
ATOM   663  O O   . VAL A 1 89  ? -0.566  4.363   -12.388 1.00 37.72 ? 339 VAL A O   1 
ATOM   664  C CB  . VAL A 1 89  ? 1.326   2.446   -14.057 1.00 39.76 ? 339 VAL A CB  1 
ATOM   665  C CG1 . VAL A 1 89  ? 2.395   2.607   -12.983 1.00 39.80 ? 339 VAL A CG1 1 
ATOM   666  C CG2 . VAL A 1 89  ? 1.667   1.268   -14.955 1.00 39.77 ? 339 VAL A CG2 1 
ATOM   667  N N   . ILE A 1 90  ? -0.129  2.598   -11.047 1.00 36.24 ? 340 ILE A N   1 
ATOM   668  C CA  . ILE A 1 90  ? -0.251  3.350   -9.812  1.00 34.56 ? 340 ILE A CA  1 
ATOM   669  C C   . ILE A 1 90  ? 1.048   4.106   -9.571  1.00 33.40 ? 340 ILE A C   1 
ATOM   670  O O   . ILE A 1 90  ? 2.140   3.518   -9.581  1.00 33.21 ? 340 ILE A O   1 
ATOM   671  C CB  . ILE A 1 90  ? -0.561  2.395   -8.634  1.00 34.53 ? 340 ILE A CB  1 
ATOM   672  C CG1 . ILE A 1 90  ? -1.917  1.716   -8.843  1.00 34.21 ? 340 ILE A CG1 1 
ATOM   673  C CG2 . ILE A 1 90  ? -0.533  3.147   -7.302  1.00 34.24 ? 340 ILE A CG2 1 
ATOM   674  C CD1 . ILE A 1 90  ? -2.089  0.425   -8.074  1.00 33.65 ? 340 ILE A CD1 1 
ATOM   675  N N   . LYS A 1 91  ? 0.935   5.411   -9.379  1.00 31.69 ? 341 LYS A N   1 
ATOM   676  C CA  . LYS A 1 91  ? 2.067   6.214   -8.973  1.00 30.78 ? 341 LYS A CA  1 
ATOM   677  C C   . LYS A 1 91  ? 2.574   5.661   -7.649  1.00 29.47 ? 341 LYS A C   1 
ATOM   678  O O   . LYS A 1 91  ? 1.793   5.428   -6.728  1.00 28.55 ? 341 LYS A O   1 
ATOM   679  C CB  . LYS A 1 91  ? 1.664   7.671   -8.812  1.00 31.08 ? 341 LYS A CB  1 
ATOM   680  C CG  . LYS A 1 91  ? 2.806   8.603   -8.453  1.00 32.62 ? 341 LYS A CG  1 
ATOM   681  C CD  . LYS A 1 91  ? 2.273   9.991   -8.103  1.00 35.00 ? 341 LYS A CD  1 
ATOM   682  C CE  . LYS A 1 91  ? 3.353   10.874  -7.512  1.00 35.80 ? 341 LYS A CE  1 
ATOM   683  N NZ  . LYS A 1 91  ? 2.760   12.118  -6.940  1.00 37.20 ? 341 LYS A NZ  1 
ATOM   684  N N   . ALA A 1 92  ? 3.878   5.432   -7.592  1.00 27.81 ? 342 ALA A N   1 
ATOM   685  C CA  . ALA A 1 92  ? 4.546   4.917   -6.399  1.00 26.80 ? 342 ALA A CA  1 
ATOM   686  C C   . ALA A 1 92  ? 6.044   5.004   -6.634  1.00 26.36 ? 342 ALA A C   1 
ATOM   687  O O   . ALA A 1 92  ? 6.487   5.151   -7.774  1.00 25.36 ? 342 ALA A O   1 
ATOM   688  C CB  . ALA A 1 92  ? 4.137   3.490   -6.135  1.00 26.32 ? 342 ALA A CB  1 
ATOM   689  N N   . CYS A 1 93  ? 6.819   4.915   -5.559  1.00 25.56 ? 343 CYS A N   1 
ATOM   690  C CA  . CYS A 1 93  ? 8.269   4.977   -5.641  1.00 25.80 ? 343 CYS A CA  1 
ATOM   691  C C   . CYS A 1 93  ? 8.866   3.973   -4.655  1.00 25.27 ? 343 CYS A C   1 
ATOM   692  O O   . CYS A 1 93  ? 8.288   3.716   -3.603  1.00 23.74 ? 343 CYS A O   1 
ATOM   693  C CB  . CYS A 1 93  ? 8.733   6.396   -5.327  1.00 25.78 ? 343 CYS A CB  1 
ATOM   694  S SG  . CYS A 1 93  ? 10.477  6.734   -5.595  1.00 30.48 ? 343 CYS A SG  1 
ATOM   695  N N   . LYS A 1 94  ? 10.004  3.391   -5.002  1.00 25.06 ? 344 LYS A N   1 
ATOM   696  C CA  . LYS A 1 94  ? 10.717  2.511   -4.072  1.00 25.56 ? 344 LYS A CA  1 
ATOM   697  C C   . LYS A 1 94  ? 12.226  2.654   -4.200  1.00 25.86 ? 344 LYS A C   1 
ATOM   698  O O   . LYS A 1 94  ? 12.724  3.214   -5.175  1.00 25.18 ? 344 LYS A O   1 
ATOM   699  C CB  . LYS A 1 94  ? 10.308  1.050   -4.289  1.00 26.26 ? 344 LYS A CB  1 
ATOM   700  C CG  . LYS A 1 94  ? 10.615  0.516   -5.674  1.00 28.20 ? 344 LYS A CG  1 
ATOM   701  C CD  . LYS A 1 94  ? 10.369  -0.989  -5.765  1.00 32.45 ? 344 LYS A CD  1 
ATOM   702  C CE  . LYS A 1 94  ? 10.723  -1.535  -7.153  1.00 34.74 ? 344 LYS A CE  1 
ATOM   703  N NZ  . LYS A 1 94  ? 11.321  -2.904  -7.092  1.00 37.58 ? 344 LYS A NZ  1 
ATOM   704  N N   . THR A 1 95  ? 12.950  2.159   -3.200  1.00 26.28 ? 345 THR A N   1 
ATOM   705  C CA  . THR A 1 95  ? 14.407  2.036   -3.293  1.00 27.19 ? 345 THR A CA  1 
ATOM   706  C C   . THR A 1 95  ? 14.812  0.611   -3.662  1.00 28.07 ? 345 THR A C   1 
ATOM   707  O O   . THR A 1 95  ? 14.066  -0.340  -3.438  1.00 27.73 ? 345 THR A O   1 
ATOM   708  C CB  . THR A 1 95  ? 15.087  2.421   -1.981  1.00 27.19 ? 345 THR A CB  1 
ATOM   709  O OG1 . THR A 1 95  ? 14.687  1.517   -0.933  1.00 28.71 ? 345 THR A OG1 1 
ATOM   710  C CG2 . THR A 1 95  ? 14.638  3.788   -1.512  1.00 27.28 ? 345 THR A CG2 1 
ATOM   711  N N   . GLU A 1 96  ? 15.998  0.490   -4.256  1.00 29.01 ? 346 GLU A N   1 
ATOM   712  C CA  . GLU A 1 96  ? 16.653  -0.787  -4.485  1.00 29.67 ? 346 GLU A CA  1 
ATOM   713  C C   . GLU A 1 96  ? 17.921  -0.784  -3.648  1.00 29.56 ? 346 GLU A C   1 
ATOM   714  O O   . GLU A 1 96  ? 18.402  0.277   -3.260  1.00 29.16 ? 346 GLU A O   1 
ATOM   715  C CB  . GLU A 1 96  ? 16.977  -0.954  -5.970  1.00 30.18 ? 346 GLU A CB  1 
ATOM   716  C CG  . GLU A 1 96  ? 15.787  -0.734  -6.902  1.00 30.79 ? 346 GLU A CG  1 
ATOM   717  C CD  . GLU A 1 96  ? 14.830  -1.909  -6.949  1.00 34.10 ? 346 GLU A CD  1 
ATOM   718  O OE1 . GLU A 1 96  ? 15.037  -2.900  -6.216  1.00 35.24 ? 346 GLU A OE1 1 
ATOM   719  O OE2 . GLU A 1 96  ? 13.868  -1.846  -7.743  1.00 37.68 ? 346 GLU A OE2 1 
ATOM   720  N N   . ALA A 1 97  ? 18.457  -1.964  -3.354  1.00 30.29 ? 347 ALA A N   1 
ATOM   721  C CA  . ALA A 1 97  ? 19.632  -2.070  -2.481  1.00 30.59 ? 347 ALA A CA  1 
ATOM   722  C C   . ALA A 1 97  ? 20.854  -1.324  -3.044  1.00 30.42 ? 347 ALA A C   1 
ATOM   723  O O   . ALA A 1 97  ? 21.659  -0.765  -2.287  1.00 30.70 ? 347 ALA A O   1 
ATOM   724  C CB  . ALA A 1 97  ? 19.973  -3.544  -2.213  1.00 31.20 ? 347 ALA A CB  1 
ATOM   725  N N   . ASP A 1 98  ? 20.983  -1.281  -4.367  1.00 30.20 ? 348 ASP A N   1 
ATOM   726  C CA  . ASP A 1 98  ? 22.123  -0.583  -4.983  1.00 29.62 ? 348 ASP A CA  1 
ATOM   727  C C   . ASP A 1 98  ? 21.992  0.945   -4.967  1.00 29.34 ? 348 ASP A C   1 
ATOM   728  O O   . ASP A 1 98  ? 22.872  1.648   -5.467  1.00 29.74 ? 348 ASP A O   1 
ATOM   729  C CB  . ASP A 1 98  ? 22.361  -1.079  -6.409  1.00 29.75 ? 348 ASP A CB  1 
ATOM   730  C CG  . ASP A 1 98  ? 21.216  -0.757  -7.347  1.00 29.26 ? 348 ASP A CG  1 
ATOM   731  O OD1 . ASP A 1 98  ? 20.348  0.074   -6.994  1.00 27.63 ? 348 ASP A OD1 1 
ATOM   732  O OD2 . ASP A 1 98  ? 21.094  -1.310  -8.456  1.00 29.20 ? 348 ASP A OD2 1 
ATOM   733  N N   . GLY A 1 99  ? 20.887  1.449   -4.424  1.00 27.96 ? 349 GLY A N   1 
ATOM   734  C CA  . GLY A 1 99  ? 20.707  2.873   -4.220  1.00 27.16 ? 349 GLY A CA  1 
ATOM   735  C C   . GLY A 1 99  ? 19.765  3.551   -5.209  1.00 26.16 ? 349 GLY A C   1 
ATOM   736  O O   . GLY A 1 99  ? 19.407  4.708   -4.998  1.00 25.75 ? 349 GLY A O   1 
ATOM   737  N N   . ARG A 1 100 ? 19.362  2.843   -6.266  1.00 25.31 ? 350 ARG A N   1 
ATOM   738  C CA  . ARG A 1 100 ? 18.374  3.358   -7.224  1.00 24.97 ? 350 ARG A CA  1 
ATOM   739  C C   . ARG A 1 100 ? 17.062  3.742   -6.537  1.00 24.70 ? 350 ARG A C   1 
ATOM   740  O O   . ARG A 1 100 ? 16.585  3.032   -5.652  1.00 24.03 ? 350 ARG A O   1 
ATOM   741  C CB  . ARG A 1 100 ? 18.031  2.316   -8.284  1.00 24.85 ? 350 ARG A CB  1 
ATOM   742  C CG  . ARG A 1 100 ? 18.924  2.284   -9.519  1.00 26.40 ? 350 ARG A CG  1 
ATOM   743  C CD  . ARG A 1 100 ? 18.475  1.216   -10.521 1.00 28.20 ? 350 ARG A CD  1 
ATOM   744  N NE  . ARG A 1 100 ? 18.537  -0.111  -9.897  1.00 30.66 ? 350 ARG A NE  1 
ATOM   745  C CZ  . ARG A 1 100 ? 17.703  -1.131  -10.119 1.00 32.43 ? 350 ARG A CZ  1 
ATOM   746  N NH1 . ARG A 1 100 ? 16.711  -1.049  -10.998 1.00 33.57 ? 350 ARG A NH1 1 
ATOM   747  N NH2 . ARG A 1 100 ? 17.889  -2.265  -9.451  1.00 34.20 ? 350 ARG A NH2 1 
ATOM   748  N N   . VAL A 1 101 ? 16.487  4.857   -6.970  1.00 24.39 ? 351 VAL A N   1 
ATOM   749  C CA  . VAL A 1 101 ? 15.161  5.283   -6.555  1.00 24.53 ? 351 VAL A CA  1 
ATOM   750  C C   . VAL A 1 101 ? 14.297  5.187   -7.811  1.00 25.19 ? 351 VAL A C   1 
ATOM   751  O O   . VAL A 1 101 ? 14.506  5.936   -8.768  1.00 24.62 ? 351 VAL A O   1 
ATOM   752  C CB  . VAL A 1 101 ? 15.199  6.715   -5.990  1.00 24.55 ? 351 VAL A CB  1 
ATOM   753  C CG1 . VAL A 1 101 ? 13.820  7.180   -5.567  1.00 24.21 ? 351 VAL A CG1 1 
ATOM   754  C CG2 . VAL A 1 101 ? 16.188  6.797   -4.812  1.00 24.61 ? 351 VAL A CG2 1 
ATOM   755  N N   . VAL A 1 102 ? 13.355  4.249   -7.821  1.00 25.70 ? 352 VAL A N   1 
ATOM   756  C CA  . VAL A 1 102 ? 12.601  3.925   -9.032  1.00 26.94 ? 352 VAL A CA  1 
ATOM   757  C C   . VAL A 1 102 ? 11.089  4.054   -8.872  1.00 27.52 ? 352 VAL A C   1 
ATOM   758  O O   . VAL A 1 102 ? 10.560  3.876   -7.781  1.00 26.62 ? 352 VAL A O   1 
ATOM   759  C CB  . VAL A 1 102 ? 12.928  2.501   -9.517  1.00 27.33 ? 352 VAL A CB  1 
ATOM   760  C CG1 . VAL A 1 102 ? 14.444  2.326   -9.666  1.00 28.75 ? 352 VAL A CG1 1 
ATOM   761  C CG2 . VAL A 1 102 ? 12.366  1.451   -8.570  1.00 28.14 ? 352 VAL A CG2 1 
ATOM   762  N N   . GLU A 1 103 ? 10.398  4.365   -9.970  1.00 28.29 ? 353 GLU A N   1 
ATOM   763  C CA  . GLU A 1 103 ? 8.936   4.399   -9.972  1.00 28.85 ? 353 GLU A CA  1 
ATOM   764  C C   . GLU A 1 103 ? 8.394   2.974   -9.961  1.00 29.24 ? 353 GLU A C   1 
ATOM   765  O O   . GLU A 1 103 ? 9.012   2.062   -10.505 1.00 29.17 ? 353 GLU A O   1 
ATOM   766  C CB  . GLU A 1 103 ? 8.419   5.202   -11.166 1.00 29.20 ? 353 GLU A CB  1 
ATOM   767  C CG  . GLU A 1 103 ? 8.885   6.649   -11.189 0.00 20.00 ? 353 GLU A CG  1 
ATOM   768  C CD  . GLU A 1 103 ? 8.355   7.413   -12.386 0.00 20.00 ? 353 GLU A CD  1 
ATOM   769  O OE1 . GLU A 1 103 ? 7.622   6.811   -13.198 0.00 20.00 ? 353 GLU A OE1 1 
ATOM   770  O OE2 . GLU A 1 103 ? 8.671   8.615   -12.512 0.00 20.00 ? 353 GLU A OE2 1 
ATOM   771  N N   . GLY A 1 104 ? 7.236   2.775   -9.341  1.00 29.77 ? 354 GLY A N   1 
ATOM   772  C CA  . GLY A 1 104 ? 6.618   1.467   -9.302  1.00 30.26 ? 354 GLY A CA  1 
ATOM   773  C C   . GLY A 1 104 ? 6.007   1.128   -10.652 1.00 30.89 ? 354 GLY A C   1 
ATOM   774  O O   . GLY A 1 104 ? 5.753   2.021   -11.453 1.00 30.81 ? 354 GLY A O   1 
ATOM   775  N N   . ASN A 1 105 ? 5.771   -0.157  -10.888 1.00 31.69 ? 355 ASN A N   1 
ATOM   776  C CA  . ASN A 1 105 ? 5.173   -0.633  -12.137 1.00 32.57 ? 355 ASN A CA  1 
ATOM   777  C C   . ASN A 1 105 ? 3.899   -1.451  -11.900 1.00 33.02 ? 355 ASN A C   1 
ATOM   778  O O   . ASN A 1 105 ? 3.551   -2.308  -12.715 1.00 33.44 ? 355 ASN A O   1 
ATOM   779  C CB  . ASN A 1 105 ? 6.174   -1.486  -12.920 1.00 32.80 ? 355 ASN A CB  1 
ATOM   780  C CG  . ASN A 1 105 ? 7.432   -0.722  -13.283 0.00 20.00 ? 355 ASN A CG  1 
ATOM   781  O OD1 . ASN A 1 105 ? 7.372   0.451   -13.650 0.00 20.00 ? 355 ASN A OD1 1 
ATOM   782  N ND2 . ASN A 1 105 ? 8.577   -1.386  -13.181 0.00 20.00 ? 355 ASN A ND2 1 
ATOM   783  N N   . HIS A 1 106 ? 3.208   -1.210  -10.787 1.00 33.22 ? 356 HIS A N   1 
ATOM   784  C CA  . HIS A 1 106 ? 2.010   -1.989  -10.462 1.00 33.52 ? 356 HIS A CA  1 
ATOM   785  C C   . HIS A 1 106 ? 0.771   -1.365  -11.064 1.00 33.33 ? 356 HIS A C   1 
ATOM   786  O O   . HIS A 1 106 ? 0.650   -0.146  -11.088 1.00 33.38 ? 356 HIS A O   1 
ATOM   787  C CB  . HIS A 1 106 ? 1.797   -2.082  -8.949  1.00 33.68 ? 356 HIS A CB  1 
ATOM   788  C CG  . HIS A 1 106 ? 2.647   -3.114  -8.279  1.00 34.32 ? 356 HIS A CG  1 
ATOM   789  N ND1 . HIS A 1 106 ? 2.211   -3.845  -7.198  1.00 35.12 ? 356 HIS A ND1 1 
ATOM   790  C CD2 . HIS A 1 106 ? 3.906   -3.538  -8.538  1.00 35.97 ? 356 HIS A CD2 1 
ATOM   791  C CE1 . HIS A 1 106 ? 3.173   -4.659  -6.802  1.00 35.49 ? 356 HIS A CE1 1 
ATOM   792  N NE2 . HIS A 1 106 ? 4.211   -4.494  -7.601  1.00 36.19 ? 356 HIS A NE2 1 
ATOM   793  N N   . VAL A 1 107 ? -0.146  -2.210  -11.534 1.00 33.44 ? 357 VAL A N   1 
ATOM   794  C CA  . VAL A 1 107 ? -1.496  -1.768  -11.864 1.00 33.46 ? 357 VAL A CA  1 
ATOM   795  C C   . VAL A 1 107 ? -2.406  -1.999  -10.663 1.00 32.90 ? 357 VAL A C   1 
ATOM   796  O O   . VAL A 1 107 ? -3.346  -1.229  -10.453 1.00 33.46 ? 357 VAL A O   1 
ATOM   797  C CB  . VAL A 1 107 ? -2.068  -2.430  -13.156 1.00 33.74 ? 357 VAL A CB  1 
ATOM   798  C CG1 . VAL A 1 107 ? -1.461  -1.774  -14.387 1.00 34.18 ? 357 VAL A CG1 1 
ATOM   799  C CG2 . VAL A 1 107 ? -1.828  -3.937  -13.191 1.00 34.59 ? 357 VAL A CG2 1 
ATOM   800  N N   . VAL A 1 108 ? -2.116  -3.044  -9.880  1.00 31.95 ? 358 VAL A N   1 
ATOM   801  C CA  . VAL A 1 108 ? -2.744  -3.261  -8.570  1.00 31.03 ? 358 VAL A CA  1 
ATOM   802  C C   . VAL A 1 108 ? -1.708  -3.563  -7.475  1.00 29.58 ? 358 VAL A C   1 
ATOM   803  O O   . VAL A 1 108 ? -0.628  -4.082  -7.760  1.00 29.00 ? 358 VAL A O   1 
ATOM   804  C CB  . VAL A 1 108 ? -3.770  -4.427  -8.592  1.00 31.23 ? 358 VAL A CB  1 
ATOM   805  C CG1 . VAL A 1 108 ? -4.762  -4.261  -9.745  1.00 32.07 ? 358 VAL A CG1 1 
ATOM   806  C CG2 . VAL A 1 108 ? -3.073  -5.781  -8.679  1.00 32.18 ? 358 VAL A CG2 1 
ATOM   807  N N   . TYR A 1 109 ? -2.051  -3.230  -6.231  1.00 27.79 ? 359 TYR A N   1 
ATOM   808  C CA  . TYR A 1 109 ? -1.312  -3.693  -5.059  1.00 26.37 ? 359 TYR A CA  1 
ATOM   809  C C   . TYR A 1 109 ? -2.233  -4.608  -4.285  1.00 25.72 ? 359 TYR A C   1 
ATOM   810  O O   . TYR A 1 109 ? -3.239  -4.158  -3.742  1.00 25.52 ? 359 TYR A O   1 
ATOM   811  C CB  . TYR A 1 109 ? -0.870  -2.529  -4.159  1.00 26.14 ? 359 TYR A CB  1 
ATOM   812  C CG  . TYR A 1 109 ? 0.303   -1.780  -4.708  1.00 25.20 ? 359 TYR A CG  1 
ATOM   813  C CD1 . TYR A 1 109 ? 0.130   -0.567  -5.356  1.00 25.30 ? 359 TYR A CD1 1 
ATOM   814  C CD2 . TYR A 1 109 ? 1.591   -2.293  -4.604  1.00 25.38 ? 359 TYR A CD2 1 
ATOM   815  C CE1 . TYR A 1 109 ? 1.204   0.119   -5.888  1.00 26.60 ? 359 TYR A CE1 1 
ATOM   816  C CE2 . TYR A 1 109 ? 2.680   -1.617  -5.134  1.00 25.85 ? 359 TYR A CE2 1 
ATOM   817  C CZ  . TYR A 1 109 ? 2.474   -0.406  -5.782  1.00 26.65 ? 359 TYR A CZ  1 
ATOM   818  O OH  . TYR A 1 109 ? 3.526   0.301   -6.305  1.00 25.86 ? 359 TYR A OH  1 
ATOM   819  N N   . ARG A 1 110 ? -1.904  -5.892  -4.259  1.00 24.89 ? 360 ARG A N   1 
ATOM   820  C CA  . ARG A 1 110 ? -2.599  -6.851  -3.438  1.00 24.46 ? 360 ARG A CA  1 
ATOM   821  C C   . ARG A 1 110 ? -1.888  -6.967  -2.093  1.00 24.01 ? 360 ARG A C   1 
ATOM   822  O O   . ARG A 1 110 ? -0.678  -7.167  -2.039  1.00 23.53 ? 360 ARG A O   1 
ATOM   823  C CB  . ARG A 1 110 ? -2.645  -8.222  -4.109  1.00 24.78 ? 360 ARG A CB  1 
ATOM   824  C CG  . ARG A 1 110 ? -3.523  -9.193  -3.354  1.00 25.98 ? 360 ARG A CG  1 
ATOM   825  C CD  . ARG A 1 110 ? -3.806  -10.499 -4.077  1.00 28.31 ? 360 ARG A CD  1 
ATOM   826  N NE  . ARG A 1 110 ? -4.692  -10.292 -5.219  1.00 30.03 ? 360 ARG A NE  1 
ATOM   827  C CZ  . ARG A 1 110 ? -5.404  -11.249 -5.804  1.00 31.63 ? 360 ARG A CZ  1 
ATOM   828  N NH1 . ARG A 1 110 ? -5.354  -12.494 -5.360  1.00 31.27 ? 360 ARG A NH1 1 
ATOM   829  N NH2 . ARG A 1 110 ? -6.179  -10.957 -6.842  1.00 32.37 ? 360 ARG A NH2 1 
ATOM   830  N N   . ILE A 1 111 ? -2.673  -6.866  -1.026  1.00 23.22 ? 361 ILE A N   1 
ATOM   831  C CA  . ILE A 1 111 ? -2.189  -6.801  0.347   1.00 23.08 ? 361 ILE A CA  1 
ATOM   832  C C   . ILE A 1 111 ? -2.932  -7.837  1.167   1.00 22.12 ? 361 ILE A C   1 
ATOM   833  O O   . ILE A 1 111 ? -4.142  -7.996  1.007   1.00 22.61 ? 361 ILE A O   1 
ATOM   834  C CB  . ILE A 1 111 ? -2.488  -5.400  0.943   1.00 23.13 ? 361 ILE A CB  1 
ATOM   835  C CG1 . ILE A 1 111 ? -1.932  -4.275  0.063   1.00 24.38 ? 361 ILE A CG1 1 
ATOM   836  C CG2 . ILE A 1 111 ? -1.951  -5.296  2.365   1.00 23.66 ? 361 ILE A CG2 1 
ATOM   837  C CD1 . ILE A 1 111 ? -0.453  -4.239  -0.041  1.00 26.32 ? 361 ILE A CD1 1 
ATOM   838  N N   . SER A 1 112 ? -2.211  -8.528  2.045   1.00 21.13 ? 362 SER A N   1 
ATOM   839  C CA  . SER A 1 112 ? -2.784  -9.458  3.005   1.00 20.55 ? 362 SER A CA  1 
ATOM   840  C C   . SER A 1 112 ? -2.531  -8.979  4.426   1.00 20.67 ? 362 SER A C   1 
ATOM   841  O O   . SER A 1 112 ? -1.386  -8.787  4.830   1.00 19.96 ? 362 SER A O   1 
ATOM   842  C CB  . SER A 1 112 ? -2.169  -10.847 2.815   1.00 20.61 ? 362 SER A CB  1 
ATOM   843  O OG  . SER A 1 112 ? -2.549  -11.754 3.831   1.00 19.86 ? 362 SER A OG  1 
ATOM   844  N N   . ALA A 1 113 ? -3.604  -8.832  5.195   1.00 20.65 ? 363 ALA A N   1 
ATOM   845  C CA  . ALA A 1 113 ? -3.511  -8.406  6.585   1.00 21.18 ? 363 ALA A CA  1 
ATOM   846  C C   . ALA A 1 113 ? -3.413  -9.610  7.530   1.00 21.93 ? 363 ALA A C   1 
ATOM   847  O O   . ALA A 1 113 ? -3.855  -10.713 7.190   1.00 22.08 ? 363 ALA A O   1 
ATOM   848  C CB  . ALA A 1 113 ? -4.708  -7.543  6.940   1.00 20.96 ? 363 ALA A CB  1 
ATOM   849  N N   . PRO A 1 114 ? -2.838  -9.416  8.718   1.00 22.42 ? 364 PRO A N   1 
ATOM   850  C CA  . PRO A 1 114 ? -2.616  -10.537 9.648   1.00 22.86 ? 364 PRO A CA  1 
ATOM   851  C C   . PRO A 1 114 ? -3.887  -11.188 10.226  1.00 23.21 ? 364 PRO A C   1 
ATOM   852  O O   . PRO A 1 114 ? -3.802  -12.317 10.693  1.00 24.05 ? 364 PRO A O   1 
ATOM   853  C CB  . PRO A 1 114 ? -1.766  -9.914  10.771  1.00 23.17 ? 364 PRO A CB  1 
ATOM   854  C CG  . PRO A 1 114 ? -1.285  -8.601  10.237  1.00 22.83 ? 364 PRO A CG  1 
ATOM   855  C CD  . PRO A 1 114 ? -2.308  -8.142  9.247   1.00 22.40 ? 364 PRO A CD  1 
ATOM   856  N N   . SER A 1 115 ? -5.023  -10.495 10.190  1.00 23.07 ? 365 SER A N   1 
ATOM   857  C CA  . SER A 1 115 ? -6.289  -11.025 10.677  1.00 22.92 ? 365 SER A CA  1 
ATOM   858  C C   . SER A 1 115 ? -7.450  -10.363 9.950   1.00 22.98 ? 365 SER A C   1 
ATOM   859  O O   . SER A 1 115 ? -7.273  -9.313  9.322   1.00 21.94 ? 365 SER A O   1 
ATOM   860  C CB  . SER A 1 115 ? -6.419  -10.813 12.198  1.00 23.34 ? 365 SER A CB  1 
ATOM   861  O OG  . SER A 1 115 ? -6.549  -9.438  12.527  1.00 23.46 ? 365 SER A OG  1 
ATOM   862  N N   . PRO A 1 116 ? -8.647  -10.955 10.012  1.00 23.04 ? 366 PRO A N   1 
ATOM   863  C CA  . PRO A 1 116 ? -9.827  -10.293 9.444   1.00 23.12 ? 366 PRO A CA  1 
ATOM   864  C C   . PRO A 1 116 ? -10.069 -8.925  10.082  1.00 22.72 ? 366 PRO A C   1 
ATOM   865  O O   . PRO A 1 116 ? -10.435 -7.991  9.389   1.00 22.52 ? 366 PRO A O   1 
ATOM   866  C CB  . PRO A 1 116 ? -10.976 -11.266 9.764   1.00 23.49 ? 366 PRO A CB  1 
ATOM   867  C CG  . PRO A 1 116 ? -10.317 -12.571 10.012  1.00 23.62 ? 366 PRO A CG  1 
ATOM   868  C CD  . PRO A 1 116 ? -8.974  -12.276 10.586  1.00 23.64 ? 366 PRO A CD  1 
ATOM   869  N N   . GLU A 1 117 ? -9.846  -8.817  11.387  1.00 22.61 ? 367 GLU A N   1 
ATOM   870  C CA  . GLU A 1 117 ? -10.067 -7.554  12.110  1.00 22.57 ? 367 GLU A CA  1 
ATOM   871  C C   . GLU A 1 117 ? -9.124  -6.467  11.593  1.00 21.01 ? 367 GLU A C   1 
ATOM   872  O O   . GLU A 1 117 ? -9.526  -5.325  11.352  1.00 19.80 ? 367 GLU A O   1 
ATOM   873  C CB  . GLU A 1 117 ? -9.845  -7.760  13.603  1.00 23.40 ? 367 GLU A CB  1 
ATOM   874  C CG  . GLU A 1 117 ? -10.908 -8.610  14.283  1.00 27.23 ? 367 GLU A CG  1 
ATOM   875  C CD  . GLU A 1 117 ? -10.765 -10.106 14.044  1.00 30.81 ? 367 GLU A CD  1 
ATOM   876  O OE1 . GLU A 1 117 ? -9.667  -10.585 13.670  1.00 31.78 ? 367 GLU A OE1 1 
ATOM   877  O OE2 . GLU A 1 117 ? -11.776 -10.814 14.248  1.00 35.32 ? 367 GLU A OE2 1 
ATOM   878  N N   . GLU A 1 118 ? -7.860  -6.822  11.424  1.00 19.92 ? 368 GLU A N   1 
ATOM   879  C CA  . GLU A 1 118 ? -6.885  -5.867  10.898  1.00 19.56 ? 368 GLU A CA  1 
ATOM   880  C C   . GLU A 1 118 ? -7.167  -5.507  9.452   1.00 18.63 ? 368 GLU A C   1 
ATOM   881  O O   . GLU A 1 118 ? -6.976  -4.373  9.049   1.00 17.13 ? 368 GLU A O   1 
ATOM   882  C CB  . GLU A 1 118 ? -5.467  -6.382  11.081  1.00 19.80 ? 368 GLU A CB  1 
ATOM   883  C CG  . GLU A 1 118 ? -5.062  -6.383  12.555  1.00 22.36 ? 368 GLU A CG  1 
ATOM   884  C CD  . GLU A 1 118 ? -3.769  -7.116  12.810  1.00 26.20 ? 368 GLU A CD  1 
ATOM   885  O OE1 . GLU A 1 118 ? -3.831  -8.300  13.208  1.00 29.31 ? 368 GLU A OE1 1 
ATOM   886  O OE2 . GLU A 1 118 ? -2.695  -6.506  12.599  1.00 28.72 ? 368 GLU A OE2 1 
ATOM   887  N N   . LYS A 1 119 ? -7.650  -6.462  8.652   1.00 18.09 ? 369 LYS A N   1 
ATOM   888  C CA  . LYS A 1 119 ? -8.058  -6.127  7.293   1.00 17.99 ? 369 LYS A CA  1 
ATOM   889  C C   . LYS A 1 119 ? -9.138  -5.064  7.310   1.00 17.76 ? 369 LYS A C   1 
ATOM   890  O O   . LYS A 1 119 ? -9.067  -4.098  6.571   1.00 17.36 ? 369 LYS A O   1 
ATOM   891  C CB  . LYS A 1 119 ? -8.568  -7.363  6.533   1.00 18.30 ? 369 LYS A CB  1 
ATOM   892  C CG  . LYS A 1 119 ? -8.971  -7.067  5.088   1.00 20.86 ? 369 LYS A CG  1 
ATOM   893  C CD  . LYS A 1 119 ? -9.680  -8.264  4.438   1.00 22.35 ? 369 LYS A CD  1 
ATOM   894  C CE  . LYS A 1 119 ? -11.187 -8.040  4.320   1.00 25.78 ? 369 LYS A CE  1 
ATOM   895  N NZ  . LYS A 1 119 ? -11.961 -9.322  4.439   1.00 26.25 ? 369 LYS A NZ  1 
ATOM   896  N N   . GLU A 1 120 ? -10.145 -5.230  8.160   1.00 17.81 ? 370 GLU A N   1 
ATOM   897  C CA  . GLU A 1 120 ? -11.254 -4.279  8.191   1.00 17.74 ? 370 GLU A CA  1 
ATOM   898  C C   . GLU A 1 120 ? -10.781 -2.903  8.665   1.00 17.08 ? 370 GLU A C   1 
ATOM   899  O O   . GLU A 1 120 ? -11.156 -1.897  8.103   1.00 17.07 ? 370 GLU A O   1 
ATOM   900  C CB  . GLU A 1 120 ? -12.380 -4.798  9.087   1.00 18.76 ? 370 GLU A CB  1 
ATOM   901  C CG  . GLU A 1 120 ? -12.964 -6.129  8.641   0.00 20.00 ? 370 GLU A CG  1 
ATOM   902  C CD  . GLU A 1 120 ? -14.076 -6.612  9.552   0.00 20.00 ? 370 GLU A CD  1 
ATOM   903  O OE1 . GLU A 1 120 ? -14.389 -5.904  10.532  0.00 20.00 ? 370 GLU A OE1 1 
ATOM   904  O OE2 . GLU A 1 120 ? -14.633 -7.697  9.285   0.00 20.00 ? 370 GLU A OE2 1 
ATOM   905  N N   . GLU A 1 121 ? -9.937  -2.884  9.681   1.00 17.34 ? 371 GLU A N   1 
ATOM   906  C CA  . GLU A 1 121 ? -9.351  -1.650  10.209  1.00 16.37 ? 371 GLU A CA  1 
ATOM   907  C C   . GLU A 1 121 ? -8.519  -0.904  9.163   1.00 16.33 ? 371 GLU A C   1 
ATOM   908  O O   . GLU A 1 121 ? -8.684  0.300   8.983   1.00 16.25 ? 371 GLU A O   1 
ATOM   909  C CB  . GLU A 1 121 ? -8.504  -1.970  11.451  1.00 16.65 ? 371 GLU A CB  1 
ATOM   910  C CG  . GLU A 1 121 ? -9.316  -2.402  12.678  1.00 16.74 ? 371 GLU A CG  1 
ATOM   911  C CD  . GLU A 1 121 ? -8.473  -2.955  13.800  1.00 17.91 ? 371 GLU A CD  1 
ATOM   912  O OE1 . GLU A 1 121 ? -7.306  -3.310  13.556  1.00 19.65 ? 371 GLU A OE1 1 
ATOM   913  O OE2 . GLU A 1 121 ? -8.969  -3.032  14.951  1.00 19.95 ? 371 GLU A OE2 1 
ATOM   914  N N   . TRP A 1 122 ? -7.624  -1.615  8.486   1.00 15.88 ? 372 TRP A N   1 
ATOM   915  C CA  . TRP A 1 122 ? -6.828  -1.037  7.404   1.00 16.08 ? 372 TRP A CA  1 
ATOM   916  C C   . TRP A 1 122 ? -7.679  -0.496  6.253   1.00 16.54 ? 372 TRP A C   1 
ATOM   917  O O   . TRP A 1 122 ? -7.436  0.590   5.746   1.00 16.38 ? 372 TRP A O   1 
ATOM   918  C CB  . TRP A 1 122 ? -5.830  -2.054  6.862   1.00 15.82 ? 372 TRP A CB  1 
ATOM   919  C CG  . TRP A 1 122 ? -4.527  -2.094  7.625   1.00 14.63 ? 372 TRP A CG  1 
ATOM   920  C CD1 . TRP A 1 122 ? -4.116  -3.050  8.514   1.00 14.94 ? 372 TRP A CD1 1 
ATOM   921  C CD2 . TRP A 1 122 ? -3.464  -1.136  7.548   1.00 13.46 ? 372 TRP A CD2 1 
ATOM   922  N NE1 . TRP A 1 122 ? -2.865  -2.745  8.992   1.00 13.95 ? 372 TRP A NE1 1 
ATOM   923  C CE2 . TRP A 1 122 ? -2.437  -1.574  8.413   1.00 14.07 ? 372 TRP A CE2 1 
ATOM   924  C CE3 . TRP A 1 122 ? -3.273  0.055   6.831   1.00 13.59 ? 372 TRP A CE3 1 
ATOM   925  C CZ2 . TRP A 1 122 ? -1.244  -0.865  8.585   1.00 14.35 ? 372 TRP A CZ2 1 
ATOM   926  C CZ3 . TRP A 1 122 ? -2.090  0.761   7.007   1.00 13.68 ? 372 TRP A CZ3 1 
ATOM   927  C CH2 . TRP A 1 122 ? -1.089  0.298   7.871   1.00 12.83 ? 372 TRP A CH2 1 
ATOM   928  N N   . MET A 1 123 ? -8.671  -1.262  5.818   1.00 17.44 ? 373 MET A N   1 
ATOM   929  C CA  . MET A 1 123 ? -9.517  -0.797  4.730   1.00 17.81 ? 373 MET A CA  1 
ATOM   930  C C   . MET A 1 123 ? -10.249 0.471   5.122   1.00 17.74 ? 373 MET A C   1 
ATOM   931  O O   . MET A 1 123 ? -10.316 1.413   4.337   1.00 18.36 ? 373 MET A O   1 
ATOM   932  C CB  . MET A 1 123 ? -10.495 -1.891  4.305   1.00 18.46 ? 373 MET A CB  1 
ATOM   933  C CG  . MET A 1 123 ? -9.775  -3.032  3.625   1.00 19.10 ? 373 MET A CG  1 
ATOM   934  S SD  . MET A 1 123 ? -10.899 -4.289  2.932   1.00 21.42 ? 373 MET A SD  1 
ATOM   935  C CE  . MET A 1 123 ? -11.525 -3.423  1.677   1.00 21.97 ? 373 MET A CE  1 
ATOM   936  N N   . LYS A 1 124 ? -10.759 0.507   6.349   1.00 17.99 ? 374 LYS A N   1 
ATOM   937  C CA  . LYS A 1 124 ? -11.476 1.661   6.853   1.00 18.01 ? 374 LYS A CA  1 
ATOM   938  C C   . LYS A 1 124 ? -10.573 2.877   6.955   1.00 16.90 ? 374 LYS A C   1 
ATOM   939  O O   . LYS A 1 124 ? -10.990 3.959   6.583   1.00 16.09 ? 374 LYS A O   1 
ATOM   940  C CB  . LYS A 1 124 ? -12.094 1.363   8.216   1.00 18.87 ? 374 LYS A CB  1 
ATOM   941  C CG  . LYS A 1 124 ? -13.285 0.399   8.167   1.00 22.15 ? 374 LYS A CG  1 
ATOM   942  C CD  . LYS A 1 124 ? -13.750 -0.002  9.559   1.00 26.57 ? 374 LYS A CD  1 
ATOM   943  C CE  . LYS A 1 124 ? -14.760 0.983   10.114  1.00 29.59 ? 374 LYS A CE  1 
ATOM   944  N NZ  . LYS A 1 124 ? -14.261 2.380   10.112  1.00 31.48 ? 374 LYS A NZ  1 
ATOM   945  N N   . SER A 1 125 ? -9.348  2.685   7.456   1.00 16.23 ? 375 SER A N   1 
ATOM   946  C CA  . SER A 1 125 ? -8.379  3.774   7.617   1.00 16.05 ? 375 SER A CA  1 
ATOM   947  C C   . SER A 1 125 ? -7.982  4.353   6.262   1.00 16.21 ? 375 SER A C   1 
ATOM   948  O O   . SER A 1 125 ? -7.886  5.574   6.096   1.00 15.85 ? 375 SER A O   1 
ATOM   949  C CB  . SER A 1 125 ? -7.119  3.292   8.347   1.00 16.17 ? 375 SER A CB  1 
ATOM   950  O OG  . SER A 1 125 ? -7.414  2.897   9.685   1.00 14.88 ? 375 SER A OG  1 
ATOM   951  N N   . ILE A 1 126 ? -7.763  3.465   5.298   1.00 16.46 ? 376 ILE A N   1 
ATOM   952  C CA  . ILE A 1 126 ? -7.350  3.867   3.949   1.00 16.88 ? 376 ILE A CA  1 
ATOM   953  C C   . ILE A 1 126 ? -8.481  4.634   3.266   1.00 17.41 ? 376 ILE A C   1 
ATOM   954  O O   . ILE A 1 126 ? -8.260  5.711   2.736   1.00 17.37 ? 376 ILE A O   1 
ATOM   955  C CB  . ILE A 1 126 ? -6.901  2.650   3.131   1.00 16.93 ? 376 ILE A CB  1 
ATOM   956  C CG1 . ILE A 1 126 ? -5.554  2.153   3.661   1.00 16.83 ? 376 ILE A CG1 1 
ATOM   957  C CG2 . ILE A 1 126 ? -6.785  2.990   1.628   1.00 17.05 ? 376 ILE A CG2 1 
ATOM   958  C CD1 . ILE A 1 126 ? -5.197  0.780   3.208   1.00 17.15 ? 376 ILE A CD1 1 
ATOM   959  N N   . LYS A 1 127 ? -9.689  4.095   3.325   1.00 18.56 ? 377 LYS A N   1 
ATOM   960  C CA  . LYS A 1 127 ? -10.852 4.752   2.736   1.00 19.67 ? 377 LYS A CA  1 
ATOM   961  C C   . LYS A 1 127 ? -11.037 6.143   3.332   1.00 19.42 ? 377 LYS A C   1 
ATOM   962  O O   . LYS A 1 127 ? -11.321 7.084   2.612   1.00 19.86 ? 377 LYS A O   1 
ATOM   963  C CB  . LYS A 1 127 ? -12.120 3.933   2.951   1.00 20.61 ? 377 LYS A CB  1 
ATOM   964  C CG  . LYS A 1 127 ? -12.262 2.711   2.045   1.00 24.60 ? 377 LYS A CG  1 
ATOM   965  C CD  . LYS A 1 127 ? -13.659 2.060   2.182   1.00 29.09 ? 377 LYS A CD  1 
ATOM   966  C CE  . LYS A 1 127 ? -13.594 0.544   2.370   1.00 31.64 ? 377 LYS A CE  1 
ATOM   967  N NZ  . LYS A 1 127 ? -14.632 -0.195  1.566   1.00 34.28 ? 377 LYS A NZ  1 
ATOM   968  N N   . ALA A 1 128 ? -10.872 6.270   4.646   1.00 18.85 ? 378 ALA A N   1 
ATOM   969  C CA  . ALA A 1 128 ? -11.107 7.544   5.322   1.00 18.90 ? 378 ALA A CA  1 
ATOM   970  C C   . ALA A 1 128 ? -10.051 8.580   4.921   1.00 19.03 ? 378 ALA A C   1 
ATOM   971  O O   . ALA A 1 128 ? -10.343 9.767   4.771   1.00 18.60 ? 378 ALA A O   1 
ATOM   972  C CB  . ALA A 1 128 ? -11.124 7.346   6.831   1.00 19.09 ? 378 ALA A CB  1 
ATOM   973  N N   . SER A 1 129 ? -8.824  8.111   4.724   1.00 18.41 ? 379 SER A N   1 
ATOM   974  C CA  . SER A 1 129 ? -7.708  8.967   4.361   1.00 18.68 ? 379 SER A CA  1 
ATOM   975  C C   . SER A 1 129 ? -7.944  9.531   2.969   1.00 19.07 ? 379 SER A C   1 
ATOM   976  O O   . SER A 1 129 ? -7.797  10.727  2.744   1.00 18.81 ? 379 SER A O   1 
ATOM   977  C CB  . SER A 1 129 ? -6.408  8.167   4.389   1.00 18.28 ? 379 SER A CB  1 
ATOM   978  O OG  . SER A 1 129 ? -5.290  8.967   4.054   1.00 18.00 ? 379 SER A OG  1 
ATOM   979  N N   . ILE A 1 130 ? -8.332  8.652   2.050   1.00 19.83 ? 380 ILE A N   1 
ATOM   980  C CA  . ILE A 1 130 ? -8.594  9.043   0.662   1.00 21.01 ? 380 ILE A CA  1 
ATOM   981  C C   . ILE A 1 130 ? -9.696  10.106  0.630   1.00 21.67 ? 380 ILE A C   1 
ATOM   982  O O   . ILE A 1 130 ? -9.580  11.101  -0.067  1.00 21.95 ? 380 ILE A O   1 
ATOM   983  C CB  . ILE A 1 130 ? -8.969  7.801   -0.197  1.00 20.87 ? 380 ILE A CB  1 
ATOM   984  C CG1 . ILE A 1 130 ? -7.746  6.888   -0.381  1.00 20.46 ? 380 ILE A CG1 1 
ATOM   985  C CG2 . ILE A 1 130 ? -9.504  8.219   -1.579  1.00 22.18 ? 380 ILE A CG2 1 
ATOM   986  C CD1 . ILE A 1 130 ? -8.075  5.510   -0.914  1.00 20.33 ? 380 ILE A CD1 1 
ATOM   987  N N   . SER A 1 131 ? -10.733 9.906   1.429   1.00 23.02 ? 381 SER A N   1 
ATOM   988  C CA  . SER A 1 131 ? -11.899 10.796  1.436   1.00 24.24 ? 381 SER A CA  1 
ATOM   989  C C   . SER A 1 131 ? -11.656 12.153  2.109   1.00 24.44 ? 381 SER A C   1 
ATOM   990  O O   . SER A 1 131 ? -12.348 13.131  1.796   1.00 25.28 ? 381 SER A O   1 
ATOM   991  C CB  . SER A 1 131 ? -13.069 10.071  2.097   1.00 24.63 ? 381 SER A CB  1 
ATOM   992  O OG  . SER A 1 131 ? -13.537 9.067   1.216   1.00 27.43 ? 381 SER A OG  1 
ATOM   993  N N   . ARG A 1 132 ? -10.679 12.210  3.019   1.00 24.15 ? 382 ARG A N   1 
ATOM   994  C CA  . ARG A 1 132 ? -10.294 13.439  3.730   1.00 24.66 ? 382 ARG A CA  1 
ATOM   995  C C   . ARG A 1 132 ? -9.417  14.356  2.884   1.00 24.05 ? 382 ARG A C   1 
ATOM   996  O O   . ARG A 1 132 ? -9.303  15.549  3.165   1.00 23.79 ? 382 ARG A O   1 
ATOM   997  C CB  . ARG A 1 132 ? -9.499  13.108  5.009   1.00 24.97 ? 382 ARG A CB  1 
ATOM   998  C CG  . ARG A 1 132 ? -10.322 13.044  6.294   1.00 27.85 ? 382 ARG A CG  1 
ATOM   999  C CD  . ARG A 1 132 ? -9.494  12.926  7.592   1.00 29.05 ? 382 ARG A CD  1 
ATOM   1000 N NE  . ARG A 1 132 ? -8.221  12.203  7.441   1.00 29.64 ? 382 ARG A NE  1 
ATOM   1001 C CZ  . ARG A 1 132 ? -8.026  10.891  7.671   1.00 28.24 ? 382 ARG A CZ  1 
ATOM   1002 N NH1 . ARG A 1 132 ? -9.015  10.098  8.063   1.00 27.88 ? 382 ARG A NH1 1 
ATOM   1003 N NH2 . ARG A 1 132 ? -6.818  10.374  7.502   1.00 28.56 ? 382 ARG A NH2 1 
ATOM   1004 N N   . ASP A 1 133 ? -8.743  13.781  1.890   1.00 22.99 ? 383 ASP A N   1 
ATOM   1005 C CA  . ASP A 1 133 ? -7.881  14.530  0.989   1.00 23.07 ? 383 ASP A CA  1 
ATOM   1006 C C   . ASP A 1 133 ? -8.687  15.662  0.318   1.00 23.31 ? 383 ASP A C   1 
ATOM   1007 O O   . ASP A 1 133 ? -9.620  15.383  -0.419  1.00 23.06 ? 383 ASP A O   1 
ATOM   1008 C CB  . ASP A 1 133 ? -7.344  13.535  -0.053  1.00 22.61 ? 383 ASP A CB  1 
ATOM   1009 C CG  . ASP A 1 133 ? -6.404  14.158  -1.060  1.00 22.74 ? 383 ASP A CG  1 
ATOM   1010 O OD1 . ASP A 1 133 ? -6.099  15.359  -0.987  1.00 21.56 ? 383 ASP A OD1 1 
ATOM   1011 O OD2 . ASP A 1 133 ? -5.908  13.477  -1.976  1.00 22.20 ? 383 ASP A OD2 1 
ATOM   1012 N N   . PRO A 1 134 ? -8.334  16.929  0.552   1.00 24.07 ? 384 PRO A N   1 
ATOM   1013 C CA  . PRO A 1 134 ? -9.090  18.047  -0.051  1.00 25.14 ? 384 PRO A CA  1 
ATOM   1014 C C   . PRO A 1 134 ? -8.985  18.113  -1.580  1.00 26.55 ? 384 PRO A C   1 
ATOM   1015 O O   . PRO A 1 134 ? -9.746  18.842  -2.229  1.00 26.86 ? 384 PRO A O   1 
ATOM   1016 C CB  . PRO A 1 134 ? -8.447  19.292  0.557   1.00 24.77 ? 384 PRO A CB  1 
ATOM   1017 C CG  . PRO A 1 134 ? -7.592  18.832  1.648   1.00 25.37 ? 384 PRO A CG  1 
ATOM   1018 C CD  . PRO A 1 134 ? -7.213  17.414  1.373   1.00 24.09 ? 384 PRO A CD  1 
ATOM   1019 N N   . PHE A 1 135 ? -8.024  17.377  -2.132  1.00 27.70 ? 385 PHE A N   1 
ATOM   1020 C CA  . PHE A 1 135 ? -7.749  17.371  -3.558  1.00 28.95 ? 385 PHE A CA  1 
ATOM   1021 C C   . PHE A 1 135 ? -8.272  16.101  -4.202  1.00 31.17 ? 385 PHE A C   1 
ATOM   1022 O O   . PHE A 1 135 ? -7.954  15.794  -5.347  1.00 31.52 ? 385 PHE A O   1 
ATOM   1023 C CB  . PHE A 1 135 ? -6.244  17.537  -3.771  1.00 28.34 ? 385 PHE A CB  1 
ATOM   1024 C CG  . PHE A 1 135 ? -5.650  18.608  -2.912  1.00 26.69 ? 385 PHE A CG  1 
ATOM   1025 C CD1 . PHE A 1 135 ? -4.795  18.295  -1.869  1.00 25.37 ? 385 PHE A CD1 1 
ATOM   1026 C CD2 . PHE A 1 135 ? -6.010  19.930  -3.098  1.00 25.85 ? 385 PHE A CD2 1 
ATOM   1027 C CE1 . PHE A 1 135 ? -4.276  19.291  -1.060  1.00 25.14 ? 385 PHE A CE1 1 
ATOM   1028 C CE2 . PHE A 1 135 ? -5.487  20.932  -2.291  1.00 25.42 ? 385 PHE A CE2 1 
ATOM   1029 C CZ  . PHE A 1 135 ? -4.620  20.611  -1.277  1.00 24.48 ? 385 PHE A CZ  1 
ATOM   1030 N N   . TYR A 1 136 ? -9.109  15.383  -3.460  1.00 33.79 ? 386 TYR A N   1 
ATOM   1031 C CA  . TYR A 1 136 ? -9.663  14.109  -3.901  1.00 36.14 ? 386 TYR A CA  1 
ATOM   1032 C C   . TYR A 1 136 ? -10.566 14.338  -5.107  1.00 37.87 ? 386 TYR A C   1 
ATOM   1033 O O   . TYR A 1 136 ? -11.366 15.272  -5.101  1.00 37.94 ? 386 TYR A O   1 
ATOM   1034 C CB  . TYR A 1 136 ? -10.464 13.487  -2.751  1.00 36.48 ? 386 TYR A CB  1 
ATOM   1035 C CG  . TYR A 1 136 ? -11.231 12.222  -3.079  1.00 37.70 ? 386 TYR A CG  1 
ATOM   1036 C CD1 . TYR A 1 136 ? -12.507 12.011  -2.557  1.00 39.35 ? 386 TYR A CD1 1 
ATOM   1037 C CD2 . TYR A 1 136 ? -10.678 11.227  -3.887  1.00 39.22 ? 386 TYR A CD2 1 
ATOM   1038 C CE1 . TYR A 1 136 ? -13.220 10.847  -2.839  1.00 40.07 ? 386 TYR A CE1 1 
ATOM   1039 C CE2 . TYR A 1 136 ? -11.387 10.056  -4.178  1.00 39.93 ? 386 TYR A CE2 1 
ATOM   1040 C CZ  . TYR A 1 136 ? -12.655 9.880   -3.652  1.00 40.75 ? 386 TYR A CZ  1 
ATOM   1041 O OH  . TYR A 1 136 ? -13.362 8.732   -3.932  1.00 43.09 ? 386 TYR A OH  1 
ATOM   1042 N N   . ASP A 1 137 ? -10.409 13.500  -6.133  1.00 39.83 ? 387 ASP A N   1 
ATOM   1043 C CA  . ASP A 1 137 ? -11.296 13.486  -7.301  1.00 41.67 ? 387 ASP A CA  1 
ATOM   1044 C C   . ASP A 1 137 ? -11.360 14.856  -7.973  1.00 43.21 ? 387 ASP A C   1 
ATOM   1045 O O   . ASP A 1 137 ? -12.386 15.551  -7.905  1.00 43.87 ? 387 ASP A O   1 
ATOM   1046 C CB  . ASP A 1 137 ? -12.699 13.025  -6.902  1.00 41.56 ? 387 ASP A CB  1 
ATOM   1047 C CG  . ASP A 1 137 ? -12.708 11.629  -6.311  0.00 20.00 ? 387 ASP A CG  1 
ATOM   1048 O OD1 . ASP A 1 137 ? -11.738 10.879  -6.547  0.00 20.00 ? 387 ASP A OD1 1 
ATOM   1049 O OD2 . ASP A 1 137 ? -13.685 11.286  -5.612  0.00 20.00 ? 387 ASP A OD2 1 
ATOM   1050 N N   . MET A 1 138 ? -10.261 15.225  -8.630  1.00 44.79 ? 388 MET A N   1 
ATOM   1051 C CA  . MET A 1 138 ? -10.093 16.566  -9.204  1.00 45.57 ? 388 MET A CA  1 
ATOM   1052 C C   . MET A 1 138 ? -9.287  16.517  -10.510 1.00 45.86 ? 388 MET A C   1 
ATOM   1053 O O   . MET A 1 138 ? -9.797  16.124  -11.566 1.00 45.99 ? 388 MET A O   1 
ATOM   1054 C CB  . MET A 1 138 ? -9.373  17.471  -8.190  1.00 45.99 ? 388 MET A CB  1 
ATOM   1055 C CG  . MET A 1 138 ? -10.019 18.827  -7.961  1.00 47.53 ? 388 MET A CG  1 
ATOM   1056 S SD  . MET A 1 138 ? -10.716 19.007  -6.312  1.00 51.93 ? 388 MET A SD  1 
ATOM   1057 C CE  . MET A 1 138 ? -9.479  19.896  -5.503  1.00 50.48 ? 388 MET A CE  1 
HETATM 1058 S S   . SO4 B 2 .   ? 10.398  -4.497  -1.563  1.00 31.61 ? 501 SO4 A S   1 
HETATM 1059 O O1  . SO4 B 2 .   ? 9.248   -4.515  -0.658  1.00 29.16 ? 501 SO4 A O1  1 
HETATM 1060 O O2  . SO4 B 2 .   ? 10.568  -3.169  -2.154  1.00 32.02 ? 501 SO4 A O2  1 
HETATM 1061 O O3  . SO4 B 2 .   ? 11.624  -4.912  -0.919  1.00 28.43 ? 501 SO4 A O3  1 
HETATM 1062 O O4  . SO4 B 2 .   ? 10.107  -5.452  -2.632  1.00 33.71 ? 501 SO4 A O4  1 
HETATM 1063 S S   . SO4 C 2 .   ? 7.457   -4.239  -6.081  1.00 49.35 ? 502 SO4 A S   1 
HETATM 1064 O O1  . SO4 C 2 .   ? 8.701   -4.288  -5.320  1.00 50.16 ? 502 SO4 A O1  1 
HETATM 1065 O O2  . SO4 C 2 .   ? 6.346   -4.589  -5.209  1.00 50.28 ? 502 SO4 A O2  1 
HETATM 1066 O O3  . SO4 C 2 .   ? 7.242   -2.890  -6.596  1.00 50.34 ? 502 SO4 A O3  1 
HETATM 1067 O O4  . SO4 C 2 .   ? 7.529   -5.186  -7.191  1.00 49.95 ? 502 SO4 A O4  1 
HETATM 1068 O O   . HOH D 3 .   ? -1.520  -4.828  10.459  1.00 14.26 ? 503 HOH A O   1 
HETATM 1069 O O   . HOH D 3 .   ? -2.680  -1.701  12.594  1.00 16.45 ? 504 HOH A O   1 
HETATM 1070 O O   . HOH D 3 .   ? -3.195  9.395   5.632   1.00 17.55 ? 505 HOH A O   1 
HETATM 1071 O O   . HOH D 3 .   ? -6.136  6.816   13.238  1.00 17.17 ? 506 HOH A O   1 
HETATM 1072 O O   . HOH D 3 .   ? 10.120  -7.844  7.097   1.00 17.41 ? 507 HOH A O   1 
HETATM 1073 O O   . HOH D 3 .   ? 13.081  -0.093  5.209   1.00 18.45 ? 508 HOH A O   1 
HETATM 1074 O O   . HOH D 3 .   ? 0.790   -5.420  12.970  1.00 16.31 ? 509 HOH A O   1 
HETATM 1075 O O   . HOH D 3 .   ? -1.869  11.746  8.243   1.00 22.26 ? 510 HOH A O   1 
HETATM 1076 O O   . HOH D 3 .   ? 16.185  -2.738  6.170   1.00 18.24 ? 511 HOH A O   1 
HETATM 1077 O O   . HOH D 3 .   ? -6.748  8.909   11.518  1.00 17.35 ? 512 HOH A O   1 
HETATM 1078 O O   . HOH D 3 .   ? -1.431  9.031   15.612  1.00 15.90 ? 513 HOH A O   1 
HETATM 1079 O O   . HOH D 3 .   ? -3.851  -2.083  15.222  1.00 23.48 ? 514 HOH A O   1 
HETATM 1080 O O   . HOH D 3 .   ? -7.275  7.279   8.077   1.00 17.72 ? 515 HOH A O   1 
HETATM 1081 O O   . HOH D 3 .   ? -1.858  10.874  -1.674  1.00 19.75 ? 516 HOH A O   1 
HETATM 1082 O O   . HOH D 3 .   ? -8.488  -3.221  17.761  1.00 24.91 ? 517 HOH A O   1 
HETATM 1083 O O   . HOH D 3 .   ? -7.524  4.911   11.386  1.00 20.41 ? 518 HOH A O   1 
HETATM 1084 O O   . HOH D 3 .   ? 14.976  0.133   3.124   1.00 22.36 ? 519 HOH A O   1 
HETATM 1085 O O   . HOH D 3 .   ? 2.193   -10.127 11.274  1.00 24.55 ? 520 HOH A O   1 
HETATM 1086 O O   . HOH D 3 .   ? 0.590   -6.427  -5.805  1.00 23.75 ? 521 HOH A O   1 
HETATM 1087 O O   . HOH D 3 .   ? 3.428   1.109   -8.884  1.00 31.53 ? 522 HOH A O   1 
HETATM 1088 O O   . HOH D 3 .   ? 2.292   -10.335 8.738   1.00 25.97 ? 523 HOH A O   1 
HETATM 1089 O O   . HOH D 3 .   ? 1.092   -8.403  13.224  1.00 23.86 ? 524 HOH A O   1 
HETATM 1090 O O   . HOH D 3 .   ? 18.031  -5.312  4.103   1.00 28.44 ? 525 HOH A O   1 
HETATM 1091 O O   . HOH D 3 .   ? 10.506  7.305   -7.720  1.00 24.69 ? 526 HOH A O   1 
HETATM 1092 O O   . HOH D 3 .   ? 15.078  2.217   1.476   1.00 29.23 ? 527 HOH A O   1 
HETATM 1093 O O   . HOH D 3 .   ? -0.280  -10.024 7.116   1.00 26.57 ? 528 HOH A O   1 
HETATM 1094 O O   . HOH D 3 .   ? 9.263   -10.931 3.763   1.00 22.69 ? 529 HOH A O   1 
HETATM 1095 O O   . HOH D 3 .   ? -5.966  -3.909  15.471  1.00 29.20 ? 530 HOH A O   1 
HETATM 1096 O O   . HOH D 3 .   ? -0.715  6.329   -6.222  1.00 26.66 ? 531 HOH A O   1 
HETATM 1097 O O   . HOH D 3 .   ? -9.199  -12.453 1.422   1.00 24.99 ? 532 HOH A O   1 
HETATM 1098 O O   . HOH D 3 .   ? -7.418  11.076  -2.048  1.00 26.48 ? 533 HOH A O   1 
HETATM 1099 O O   . HOH D 3 .   ? -5.849  12.559  3.413   1.00 24.11 ? 534 HOH A O   1 
HETATM 1100 O O   . HOH D 3 .   ? 0.471   -1.366  15.228  1.00 28.97 ? 535 HOH A O   1 
HETATM 1101 O O   . HOH D 3 .   ? 6.341   -7.450  -2.317  1.00 32.04 ? 536 HOH A O   1 
HETATM 1102 O O   . HOH D 3 .   ? 6.454   1.425   -3.866  1.00 28.25 ? 537 HOH A O   1 
HETATM 1103 O O   . HOH D 3 .   ? 17.156  -8.261  5.581   1.00 25.62 ? 538 HOH A O   1 
HETATM 1104 O O   . HOH D 3 .   ? -10.765 -11.535 6.269   1.00 30.03 ? 539 HOH A O   1 
HETATM 1105 O O   . HOH D 3 .   ? -7.869  -14.687 0.782   1.00 32.50 ? 540 HOH A O   1 
HETATM 1106 O O   . HOH D 3 .   ? 6.016   -0.363  -5.897  1.00 32.27 ? 541 HOH A O   1 
HETATM 1107 O O   . HOH D 3 .   ? -3.289  11.296  12.053  1.00 23.35 ? 542 HOH A O   1 
HETATM 1108 O O   . HOH D 3 .   ? 8.040   11.094  0.976   1.00 28.32 ? 543 HOH A O   1 
HETATM 1109 O O   . HOH D 3 .   ? -4.356  12.551  5.863   1.00 39.16 ? 544 HOH A O   1 
HETATM 1110 O O   . HOH D 3 .   ? 15.320  -6.657  1.453   1.00 31.20 ? 545 HOH A O   1 
HETATM 1111 O O   . HOH D 3 .   ? 4.573   4.384   -10.620 1.00 30.52 ? 546 HOH A O   1 
HETATM 1112 O O   . HOH D 3 .   ? 16.500  -0.790  -0.915  1.00 36.38 ? 547 HOH A O   1 
HETATM 1113 O O   . HOH D 3 .   ? 3.014   -12.796 8.264   1.00 40.47 ? 548 HOH A O   1 
HETATM 1114 O O   . HOH D 3 .   ? 6.974   3.035   13.615  1.00 31.89 ? 549 HOH A O   1 
HETATM 1115 O O   . HOH D 3 .   ? -11.049 -9.670  1.898   1.00 38.33 ? 550 HOH A O   1 
HETATM 1116 O O   . HOH D 3 .   ? 13.051  -8.806  3.683   1.00 28.74 ? 551 HOH A O   1 
HETATM 1117 O O   . HOH D 3 .   ? -4.542  0.758   -11.446 1.00 37.80 ? 552 HOH A O   1 
HETATM 1118 O O   . HOH D 3 .   ? -2.769  -13.974 8.351   1.00 39.88 ? 553 HOH A O   1 
HETATM 1119 O O   . HOH D 3 .   ? 5.650   -10.008 14.681  1.00 32.18 ? 554 HOH A O   1 
HETATM 1120 O O   . HOH D 3 .   ? 3.253   -8.610  15.244  1.00 39.18 ? 555 HOH A O   1 
HETATM 1121 O O   . HOH D 3 .   ? -12.720 6.452   -0.003  1.00 36.80 ? 556 HOH A O   1 
HETATM 1122 O O   . HOH D 3 .   ? -10.324 17.200  4.750   1.00 38.20 ? 557 HOH A O   1 
HETATM 1123 O O   . HOH D 3 .   ? -1.940  6.463   -8.935  1.00 35.44 ? 558 HOH A O   1 
HETATM 1124 O O   . HOH D 3 .   ? 13.535  8.122   -9.810  1.00 33.15 ? 559 HOH A O   1 
HETATM 1125 O O   . HOH D 3 .   ? 10.073  9.683   -7.704  1.00 47.39 ? 560 HOH A O   1 
HETATM 1126 O O   . HOH D 3 .   ? -9.444  -14.728 4.516   1.00 33.45 ? 561 HOH A O   1 
HETATM 1127 O O   . HOH D 3 .   ? -12.671 10.458  5.606   1.00 35.44 ? 562 HOH A O   1 
HETATM 1128 O O   . HOH D 3 .   ? 14.963  4.171   14.004  1.00 42.39 ? 563 HOH A O   1 
HETATM 1129 O O   . HOH D 3 .   ? 5.918   6.054   14.084  1.00 44.97 ? 564 HOH A O   1 
HETATM 1130 O O   . HOH D 3 .   ? 5.761   -15.658 -2.108  1.00 31.58 ? 565 HOH A O   1 
HETATM 1131 O O   . HOH D 3 .   ? -5.881  -14.796 9.299   1.00 36.97 ? 566 HOH A O   1 
HETATM 1132 O O   . HOH D 3 .   ? -14.613 6.393   5.034   1.00 40.33 ? 567 HOH A O   1 
HETATM 1133 O O   . HOH D 3 .   ? 0.254   12.635  9.697   1.00 48.52 ? 568 HOH A O   1 
HETATM 1134 O O   . HOH D 3 .   ? -14.870 8.873   5.604   1.00 37.11 ? 569 HOH A O   1 
HETATM 1135 O O   . HOH D 3 .   ? 1.132   9.395   17.238  1.00 37.06 ? 570 HOH A O   1 
HETATM 1136 O O   . HOH D 3 .   ? -14.892 -4.770  -2.178  1.00 44.58 ? 571 HOH A O   1 
HETATM 1137 O O   . HOH D 3 .   ? 18.193  4.881   -2.507  1.00 44.29 ? 572 HOH A O   1 
HETATM 1138 O O   . HOH D 3 .   ? 16.562  -4.458  -4.595  1.00 50.95 ? 573 HOH A O   1 
HETATM 1139 O O   . HOH D 3 .   ? -8.162  -3.591  -12.435 1.00 59.80 ? 574 HOH A O   1 
HETATM 1140 O O   . HOH D 3 .   ? 19.652  4.691   7.152   1.00 51.61 ? 575 HOH A O   1 
HETATM 1141 O O   . HOH D 3 .   ? -10.951 8.791   -7.389  1.00 35.86 ? 576 HOH A O   1 
HETATM 1142 O O   . HOH D 3 .   ? 12.065  -9.753  -5.075  1.00 48.86 ? 577 HOH A O   1 
HETATM 1143 O O   . HOH D 3 .   ? 6.742   -7.796  -10.104 1.00 40.87 ? 578 HOH A O   1 
# 
loop_
_pdbx_poly_seq_scheme.asym_id 
_pdbx_poly_seq_scheme.entity_id 
_pdbx_poly_seq_scheme.seq_id 
_pdbx_poly_seq_scheme.mon_id 
_pdbx_poly_seq_scheme.ndb_seq_num 
_pdbx_poly_seq_scheme.pdb_seq_num 
_pdbx_poly_seq_scheme.auth_seq_num 
_pdbx_poly_seq_scheme.pdb_mon_id 
_pdbx_poly_seq_scheme.auth_mon_id 
_pdbx_poly_seq_scheme.pdb_strand_id 
_pdbx_poly_seq_scheme.pdb_ins_code 
_pdbx_poly_seq_scheme.hetero 
A 1 1   MET 1   251 ?   ?   ?   A . n 
A 1 2   GLY 2   252 ?   ?   ?   A . n 
A 1 3   HIS 3   253 ?   ?   ?   A . n 
A 1 4   HIS 4   254 ?   ?   ?   A . n 
A 1 5   HIS 5   255 ?   ?   ?   A . n 
A 1 6   HIS 6   256 ?   ?   ?   A . n 
A 1 7   HIS 7   257 ?   ?   ?   A . n 
A 1 8   HIS 8   258 ?   ?   ?   A . n 
A 1 9   GLY 9   259 ?   ?   ?   A . n 
A 1 10  SER 10  260 ?   ?   ?   A . n 
A 1 11  THR 11  261 261 THR THR A . n 
A 1 12  PHE 12  262 262 PHE PHE A . n 
A 1 13  PHE 13  263 263 PHE PHE A . n 
A 1 14  ASN 14  264 264 ASN ASN A . n 
A 1 15  PRO 15  265 265 PRO PRO A . n 
A 1 16  ASP 16  266 266 ASP ASP A . n 
A 1 17  ARG 17  267 267 ARG ARG A . n 
A 1 18  GLU 18  268 268 GLU GLU A . n 
A 1 19  GLY 19  269 269 GLY GLY A . n 
A 1 20  TRP 20  270 270 TRP TRP A . n 
A 1 21  LEU 21  271 271 LEU LEU A . n 
A 1 22  LEU 22  272 272 LEU LEU A . n 
A 1 23  LYS 23  273 273 LYS LYS A . n 
A 1 24  LEU 24  274 274 LEU LEU A . n 
A 1 25  GLY 25  275 275 GLY GLY A . n 
A 1 26  GLY 26  276 276 GLY GLY A . n 
A 1 27  GLY 27  277 277 GLY GLY A . n 
A 1 28  ARG 28  278 278 ARG ARG A . n 
A 1 29  VAL 29  279 279 VAL VAL A . n 
A 1 30  LYS 30  280 280 LYS LYS A . n 
A 1 31  THR 31  281 281 THR THR A . n 
A 1 32  TRP 32  282 282 TRP TRP A . n 
A 1 33  LYS 33  283 283 LYS LYS A . n 
A 1 34  ARG 34  284 284 ARG ARG A . n 
A 1 35  ARG 35  285 285 ARG ARG A . n 
A 1 36  TRP 36  286 286 TRP TRP A . n 
A 1 37  PHE 37  287 287 PHE PHE A . n 
A 1 38  ILE 38  288 288 ILE ILE A . n 
A 1 39  LEU 39  289 289 LEU LEU A . n 
A 1 40  THR 40  290 290 THR THR A . n 
A 1 41  ASP 41  291 291 ASP ASP A . n 
A 1 42  ASN 42  292 292 ASN ASN A . n 
A 1 43  CYS 43  293 293 CYS CYS A . n 
A 1 44  LEU 44  294 294 LEU LEU A . n 
A 1 45  TYR 45  295 295 TYR TYR A . n 
A 1 46  TYR 46  296 296 TYR TYR A . n 
A 1 47  PHE 47  297 297 PHE PHE A . n 
A 1 48  GLU 48  298 298 GLU GLU A . n 
A 1 49  TYR 49  299 299 TYR TYR A . n 
A 1 50  THR 50  300 300 THR THR A . n 
A 1 51  THR 51  301 301 THR THR A . n 
A 1 52  ASP 52  302 302 ASP ASP A . n 
A 1 53  LYS 53  303 303 LYS LYS A . n 
A 1 54  GLU 54  304 304 GLU GLU A . n 
A 1 55  PRO 55  305 305 PRO PRO A . n 
A 1 56  ARG 56  306 306 ARG ARG A . n 
A 1 57  GLY 57  307 307 GLY GLY A . n 
A 1 58  ILE 58  308 308 ILE ILE A . n 
A 1 59  ILE 59  309 309 ILE ILE A . n 
A 1 60  PRO 60  310 310 PRO PRO A . n 
A 1 61  LEU 61  311 311 LEU LEU A . n 
A 1 62  GLU 62  312 312 GLU GLU A . n 
A 1 63  ASN 63  313 313 ASN ASN A . n 
A 1 64  LEU 64  314 314 LEU LEU A . n 
A 1 65  SER 65  315 315 SER SER A . n 
A 1 66  ILE 66  316 316 ILE ILE A . n 
A 1 67  ARG 67  317 317 ARG ARG A . n 
A 1 68  GLU 68  318 318 GLU GLU A . n 
A 1 69  VAL 69  319 319 VAL VAL A . n 
A 1 70  GLU 70  320 320 GLU GLU A . n 
A 1 71  ASP 71  321 321 ASP ASP A . n 
A 1 72  PRO 72  322 322 PRO PRO A . n 
A 1 73  ARG 73  323 323 ARG ARG A . n 
A 1 74  LYS 74  324 324 LYS LYS A . n 
A 1 75  PRO 75  325 325 PRO PRO A . n 
A 1 76  ASN 76  326 326 ASN ASN A . n 
A 1 77  CYS 77  327 327 CYS CYS A . n 
A 1 78  PHE 78  328 328 PHE PHE A . n 
A 1 79  GLU 79  329 329 GLU GLU A . n 
A 1 80  LEU 80  330 330 LEU LEU A . n 
A 1 81  TYR 81  331 331 TYR TYR A . n 
A 1 82  ASN 82  332 332 ASN ASN A . n 
A 1 83  PRO 83  333 333 PRO PRO A . n 
A 1 84  SER 84  334 334 SER SER A . n 
A 1 85  HIS 85  335 335 HIS HIS A . n 
A 1 86  LYS 86  336 336 LYS LYS A . n 
A 1 87  GLY 87  337 337 GLY GLY A . n 
A 1 88  GLN 88  338 338 GLN GLN A . n 
A 1 89  VAL 89  339 339 VAL VAL A . n 
A 1 90  ILE 90  340 340 ILE ILE A . n 
A 1 91  LYS 91  341 341 LYS LYS A . n 
A 1 92  ALA 92  342 342 ALA ALA A . n 
A 1 93  CYS 93  343 343 CYS CYS A . n 
A 1 94  LYS 94  344 344 LYS LYS A . n 
A 1 95  THR 95  345 345 THR THR A . n 
A 1 96  GLU 96  346 346 GLU GLU A . n 
A 1 97  ALA 97  347 347 ALA ALA A . n 
A 1 98  ASP 98  348 348 ASP ASP A . n 
A 1 99  GLY 99  349 349 GLY GLY A . n 
A 1 100 ARG 100 350 350 ARG ARG A . n 
A 1 101 VAL 101 351 351 VAL VAL A . n 
A 1 102 VAL 102 352 352 VAL VAL A . n 
A 1 103 GLU 103 353 353 GLU GLU A . n 
A 1 104 GLY 104 354 354 GLY GLY A . n 
A 1 105 ASN 105 355 355 ASN ASN A . n 
A 1 106 HIS 106 356 356 HIS HIS A . n 
A 1 107 VAL 107 357 357 VAL VAL A . n 
A 1 108 VAL 108 358 358 VAL VAL A . n 
A 1 109 TYR 109 359 359 TYR TYR A . n 
A 1 110 ARG 110 360 360 ARG ARG A . n 
A 1 111 ILE 111 361 361 ILE ILE A . n 
A 1 112 SER 112 362 362 SER SER A . n 
A 1 113 ALA 113 363 363 ALA ALA A . n 
A 1 114 PRO 114 364 364 PRO PRO A . n 
A 1 115 SER 115 365 365 SER SER A . n 
A 1 116 PRO 116 366 366 PRO PRO A . n 
A 1 117 GLU 117 367 367 GLU GLU A . n 
A 1 118 GLU 118 368 368 GLU GLU A . n 
A 1 119 LYS 119 369 369 LYS LYS A . n 
A 1 120 GLU 120 370 370 GLU GLU A . n 
A 1 121 GLU 121 371 371 GLU GLU A . n 
A 1 122 TRP 122 372 372 TRP TRP A . n 
A 1 123 MET 123 373 373 MET MET A . n 
A 1 124 LYS 124 374 374 LYS LYS A . n 
A 1 125 SER 125 375 375 SER SER A . n 
A 1 126 ILE 126 376 376 ILE ILE A . n 
A 1 127 LYS 127 377 377 LYS LYS A . n 
A 1 128 ALA 128 378 378 ALA ALA A . n 
A 1 129 SER 129 379 379 SER SER A . n 
A 1 130 ILE 130 380 380 ILE ILE A . n 
A 1 131 SER 131 381 381 SER SER A . n 
A 1 132 ARG 132 382 382 ARG ARG A . n 
A 1 133 ASP 133 383 383 ASP ASP A . n 
A 1 134 PRO 134 384 384 PRO PRO A . n 
A 1 135 PHE 135 385 385 PHE PHE A . n 
A 1 136 TYR 136 386 386 TYR TYR A . n 
A 1 137 ASP 137 387 387 ASP ASP A . n 
A 1 138 MET 138 388 388 MET MET A . n 
# 
loop_
_pdbx_nonpoly_scheme.asym_id 
_pdbx_nonpoly_scheme.entity_id 
_pdbx_nonpoly_scheme.mon_id 
_pdbx_nonpoly_scheme.ndb_seq_num 
_pdbx_nonpoly_scheme.pdb_seq_num 
_pdbx_nonpoly_scheme.auth_seq_num 
_pdbx_nonpoly_scheme.pdb_mon_id 
_pdbx_nonpoly_scheme.auth_mon_id 
_pdbx_nonpoly_scheme.pdb_strand_id 
_pdbx_nonpoly_scheme.pdb_ins_code 
B 2 SO4 1  501 501 SO4 SO4 A . 
C 2 SO4 1  502 502 SO4 SO4 A . 
D 3 HOH 1  503 1   HOH HOH A . 
D 3 HOH 2  504 2   HOH HOH A . 
D 3 HOH 3  505 4   HOH HOH A . 
D 3 HOH 4  506 5   HOH HOH A . 
D 3 HOH 5  507 6   HOH HOH A . 
D 3 HOH 6  508 7   HOH HOH A . 
D 3 HOH 7  509 9   HOH HOH A . 
D 3 HOH 8  510 10  HOH HOH A . 
D 3 HOH 9  511 11  HOH HOH A . 
D 3 HOH 10 512 12  HOH HOH A . 
D 3 HOH 11 513 14  HOH HOH A . 
D 3 HOH 12 514 15  HOH HOH A . 
D 3 HOH 13 515 16  HOH HOH A . 
D 3 HOH 14 516 17  HOH HOH A . 
D 3 HOH 15 517 18  HOH HOH A . 
D 3 HOH 16 518 20  HOH HOH A . 
D 3 HOH 17 519 21  HOH HOH A . 
D 3 HOH 18 520 22  HOH HOH A . 
D 3 HOH 19 521 23  HOH HOH A . 
D 3 HOH 20 522 24  HOH HOH A . 
D 3 HOH 21 523 25  HOH HOH A . 
D 3 HOH 22 524 26  HOH HOH A . 
D 3 HOH 23 525 27  HOH HOH A . 
D 3 HOH 24 526 30  HOH HOH A . 
D 3 HOH 25 527 31  HOH HOH A . 
D 3 HOH 26 528 33  HOH HOH A . 
D 3 HOH 27 529 35  HOH HOH A . 
D 3 HOH 28 530 36  HOH HOH A . 
D 3 HOH 29 531 37  HOH HOH A . 
D 3 HOH 30 532 38  HOH HOH A . 
D 3 HOH 31 533 39  HOH HOH A . 
D 3 HOH 32 534 40  HOH HOH A . 
D 3 HOH 33 535 41  HOH HOH A . 
D 3 HOH 34 536 43  HOH HOH A . 
D 3 HOH 35 537 44  HOH HOH A . 
D 3 HOH 36 538 45  HOH HOH A . 
D 3 HOH 37 539 48  HOH HOH A . 
D 3 HOH 38 540 50  HOH HOH A . 
D 3 HOH 39 541 51  HOH HOH A . 
D 3 HOH 40 542 55  HOH HOH A . 
D 3 HOH 41 543 56  HOH HOH A . 
D 3 HOH 42 544 66  HOH HOH A . 
D 3 HOH 43 545 67  HOH HOH A . 
D 3 HOH 44 546 68  HOH HOH A . 
D 3 HOH 45 547 69  HOH HOH A . 
D 3 HOH 46 548 76  HOH HOH A . 
D 3 HOH 47 549 77  HOH HOH A . 
D 3 HOH 48 550 84  HOH HOH A . 
D 3 HOH 49 551 86  HOH HOH A . 
D 3 HOH 50 552 87  HOH HOH A . 
D 3 HOH 51 553 88  HOH HOH A . 
D 3 HOH 52 554 94  HOH HOH A . 
D 3 HOH 53 555 99  HOH HOH A . 
D 3 HOH 54 556 107 HOH HOH A . 
D 3 HOH 55 557 109 HOH HOH A . 
D 3 HOH 56 558 114 HOH HOH A . 
D 3 HOH 57 559 115 HOH HOH A . 
D 3 HOH 58 560 117 HOH HOH A . 
D 3 HOH 59 561 118 HOH HOH A . 
D 3 HOH 60 562 122 HOH HOH A . 
D 3 HOH 61 563 130 HOH HOH A . 
D 3 HOH 62 564 133 HOH HOH A . 
D 3 HOH 63 565 153 HOH HOH A . 
D 3 HOH 64 566 157 HOH HOH A . 
D 3 HOH 65 567 171 HOH HOH A . 
D 3 HOH 66 568 174 HOH HOH A . 
D 3 HOH 67 569 178 HOH HOH A . 
D 3 HOH 68 570 193 HOH HOH A . 
D 3 HOH 69 571 202 HOH HOH A . 
D 3 HOH 70 572 238 HOH HOH A . 
D 3 HOH 71 573 243 HOH HOH A . 
D 3 HOH 72 574 304 HOH HOH A . 
D 3 HOH 73 575 329 HOH HOH A . 
D 3 HOH 74 576 491 HOH HOH A . 
D 3 HOH 75 577 492 HOH HOH A . 
D 3 HOH 76 578 493 HOH HOH A . 
# 
_pdbx_struct_assembly.id                   1 
_pdbx_struct_assembly.details              author_defined_assembly 
_pdbx_struct_assembly.method_details       ? 
_pdbx_struct_assembly.oligomeric_details   monomeric 
_pdbx_struct_assembly.oligomeric_count     1 
# 
_pdbx_struct_assembly_gen.assembly_id       1 
_pdbx_struct_assembly_gen.oper_expression   1 
_pdbx_struct_assembly_gen.asym_id_list      A,B,C,D 
# 
_pdbx_struct_oper_list.id                   1 
_pdbx_struct_oper_list.type                 'identity operation' 
_pdbx_struct_oper_list.name                 1_555 
_pdbx_struct_oper_list.symmetry_operation   x,y,z 
_pdbx_struct_oper_list.matrix[1][1]         1.0000000000 
_pdbx_struct_oper_list.matrix[1][2]         0.0000000000 
_pdbx_struct_oper_list.matrix[1][3]         0.0000000000 
_pdbx_struct_oper_list.vector[1]            0.0000000000 
_pdbx_struct_oper_list.matrix[2][1]         0.0000000000 
_pdbx_struct_oper_list.matrix[2][2]         1.0000000000 
_pdbx_struct_oper_list.matrix[2][3]         0.0000000000 
_pdbx_struct_oper_list.vector[2]            0.0000000000 
_pdbx_struct_oper_list.matrix[3][1]         0.0000000000 
_pdbx_struct_oper_list.matrix[3][2]         0.0000000000 
_pdbx_struct_oper_list.matrix[3][3]         1.0000000000 
_pdbx_struct_oper_list.vector[3]            0.0000000000 
# 
loop_
_pdbx_audit_revision_history.ordinal 
_pdbx_audit_revision_history.data_content_type 
_pdbx_audit_revision_history.major_revision 
_pdbx_audit_revision_history.minor_revision 
_pdbx_audit_revision_history.revision_date 
1 'Structure model' 1 0 2005-02-01 
2 'Structure model' 1 1 2008-04-30 
3 'Structure model' 1 2 2011-07-13 
4 'Structure model' 1 3 2023-08-23 
# 
_pdbx_audit_revision_details.ordinal             1 
_pdbx_audit_revision_details.revision_ordinal    1 
_pdbx_audit_revision_details.data_content_type   'Structure model' 
_pdbx_audit_revision_details.provider            repository 
_pdbx_audit_revision_details.type                'Initial release' 
_pdbx_audit_revision_details.description         ? 
_pdbx_audit_revision_details.details             ? 
# 
loop_
_pdbx_audit_revision_group.ordinal 
_pdbx_audit_revision_group.revision_ordinal 
_pdbx_audit_revision_group.data_content_type 
_pdbx_audit_revision_group.group 
1 2 'Structure model' 'Version format compliance' 
2 3 'Structure model' 'Version format compliance' 
3 4 'Structure model' 'Data collection'           
4 4 'Structure model' 'Database references'       
5 4 'Structure model' 'Derived calculations'      
6 4 'Structure model' 'Refinement description'    
# 
loop_
_pdbx_audit_revision_category.ordinal 
_pdbx_audit_revision_category.revision_ordinal 
_pdbx_audit_revision_category.data_content_type 
_pdbx_audit_revision_category.category 
1 4 'Structure model' chem_comp_atom                
2 4 'Structure model' chem_comp_bond                
3 4 'Structure model' database_2                    
4 4 'Structure model' pdbx_initial_refinement_model 
5 4 'Structure model' struct_ref_seq_dif            
6 4 'Structure model' struct_site                   
# 
loop_
_pdbx_audit_revision_item.ordinal 
_pdbx_audit_revision_item.revision_ordinal 
_pdbx_audit_revision_item.data_content_type 
_pdbx_audit_revision_item.item 
1 4 'Structure model' '_database_2.pdbx_DOI'                
2 4 'Structure model' '_database_2.pdbx_database_accession' 
3 4 'Structure model' '_struct_ref_seq_dif.details'         
4 4 'Structure model' '_struct_site.pdbx_auth_asym_id'      
5 4 'Structure model' '_struct_site.pdbx_auth_comp_id'      
6 4 'Structure model' '_struct_site.pdbx_auth_seq_id'       
# 
loop_
_software.name 
_software.classification 
_software.version 
_software.citation_id 
_software.pdbx_ordinal 
REFMAC    refinement       5.1.19 ? 1 
DENZO     'data reduction' .      ? 2 
SCALEPACK 'data scaling'   .      ? 3 
AMoRE     phasing          .      ? 4 
# 
loop_
_pdbx_validate_close_contact.id 
_pdbx_validate_close_contact.PDB_model_num 
_pdbx_validate_close_contact.auth_atom_id_1 
_pdbx_validate_close_contact.auth_asym_id_1 
_pdbx_validate_close_contact.auth_comp_id_1 
_pdbx_validate_close_contact.auth_seq_id_1 
_pdbx_validate_close_contact.PDB_ins_code_1 
_pdbx_validate_close_contact.label_alt_id_1 
_pdbx_validate_close_contact.auth_atom_id_2 
_pdbx_validate_close_contact.auth_asym_id_2 
_pdbx_validate_close_contact.auth_comp_id_2 
_pdbx_validate_close_contact.auth_seq_id_2 
_pdbx_validate_close_contact.PDB_ins_code_2 
_pdbx_validate_close_contact.label_alt_id_2 
_pdbx_validate_close_contact.dist 
1 1 N  A GLY 277 ? ? O A HOH 578 ? ? 0.74 
2 1 CA A GLY 277 ? ? O A HOH 578 ? ? 1.36 
3 1 O  A VAL 279 ? ? N A LYS 280 ? ? 1.42 
4 1 C  A GLY 276 ? ? O A HOH 578 ? ? 1.94 
# 
_pdbx_validate_rmsd_bond.id                        1 
_pdbx_validate_rmsd_bond.PDB_model_num             1 
_pdbx_validate_rmsd_bond.auth_atom_id_1            C 
_pdbx_validate_rmsd_bond.auth_asym_id_1            A 
_pdbx_validate_rmsd_bond.auth_comp_id_1            VAL 
_pdbx_validate_rmsd_bond.auth_seq_id_1             279 
_pdbx_validate_rmsd_bond.PDB_ins_code_1            ? 
_pdbx_validate_rmsd_bond.label_alt_id_1            ? 
_pdbx_validate_rmsd_bond.auth_atom_id_2            N 
_pdbx_validate_rmsd_bond.auth_asym_id_2            A 
_pdbx_validate_rmsd_bond.auth_comp_id_2            LYS 
_pdbx_validate_rmsd_bond.auth_seq_id_2             280 
_pdbx_validate_rmsd_bond.PDB_ins_code_2            ? 
_pdbx_validate_rmsd_bond.label_alt_id_2            ? 
_pdbx_validate_rmsd_bond.bond_value                0.418 
_pdbx_validate_rmsd_bond.bond_target_value         1.336 
_pdbx_validate_rmsd_bond.bond_deviation            -0.918 
_pdbx_validate_rmsd_bond.bond_standard_deviation   0.023 
_pdbx_validate_rmsd_bond.linker_flag               Y 
# 
loop_
_pdbx_validate_rmsd_angle.id 
_pdbx_validate_rmsd_angle.PDB_model_num 
_pdbx_validate_rmsd_angle.auth_atom_id_1 
_pdbx_validate_rmsd_angle.auth_asym_id_1 
_pdbx_validate_rmsd_angle.auth_comp_id_1 
_pdbx_validate_rmsd_angle.auth_seq_id_1 
_pdbx_validate_rmsd_angle.PDB_ins_code_1 
_pdbx_validate_rmsd_angle.label_alt_id_1 
_pdbx_validate_rmsd_angle.auth_atom_id_2 
_pdbx_validate_rmsd_angle.auth_asym_id_2 
_pdbx_validate_rmsd_angle.auth_comp_id_2 
_pdbx_validate_rmsd_angle.auth_seq_id_2 
_pdbx_validate_rmsd_angle.PDB_ins_code_2 
_pdbx_validate_rmsd_angle.label_alt_id_2 
_pdbx_validate_rmsd_angle.auth_atom_id_3 
_pdbx_validate_rmsd_angle.auth_asym_id_3 
_pdbx_validate_rmsd_angle.auth_comp_id_3 
_pdbx_validate_rmsd_angle.auth_seq_id_3 
_pdbx_validate_rmsd_angle.PDB_ins_code_3 
_pdbx_validate_rmsd_angle.label_alt_id_3 
_pdbx_validate_rmsd_angle.angle_value 
_pdbx_validate_rmsd_angle.angle_target_value 
_pdbx_validate_rmsd_angle.angle_deviation 
_pdbx_validate_rmsd_angle.angle_standard_deviation 
_pdbx_validate_rmsd_angle.linker_flag 
1 1 CA A VAL 279 ? ? C A VAL 279 ? ? N  A LYS 280 ? ? 136.85 117.20 19.65  2.20 Y 
2 1 O  A VAL 279 ? ? C A VAL 279 ? ? N  A LYS 280 ? ? 101.99 122.70 -20.71 1.60 Y 
3 1 C  A VAL 279 ? ? N A LYS 280 ? ? CA A LYS 280 ? ? 140.47 121.70 18.77  2.50 Y 
# 
loop_
_pdbx_validate_torsion.id 
_pdbx_validate_torsion.PDB_model_num 
_pdbx_validate_torsion.auth_comp_id 
_pdbx_validate_torsion.auth_asym_id 
_pdbx_validate_torsion.auth_seq_id 
_pdbx_validate_torsion.PDB_ins_code 
_pdbx_validate_torsion.label_alt_id 
_pdbx_validate_torsion.phi 
_pdbx_validate_torsion.psi 
1 1 ASN A 313 ? ? 79.97 -13.06 
2 1 ASP A 387 ? ? 56.40 71.47  
# 
_pdbx_validate_main_chain_plane.id                       1 
_pdbx_validate_main_chain_plane.PDB_model_num            1 
_pdbx_validate_main_chain_plane.auth_comp_id             GLY 
_pdbx_validate_main_chain_plane.auth_asym_id             A 
_pdbx_validate_main_chain_plane.auth_seq_id              275 
_pdbx_validate_main_chain_plane.PDB_ins_code             ? 
_pdbx_validate_main_chain_plane.label_alt_id             ? 
_pdbx_validate_main_chain_plane.improper_torsion_angle   20.33 
# 
_pdbx_validate_polymer_linkage.id               1 
_pdbx_validate_polymer_linkage.PDB_model_num    1 
_pdbx_validate_polymer_linkage.auth_atom_id_1   C 
_pdbx_validate_polymer_linkage.auth_asym_id_1   A 
_pdbx_validate_polymer_linkage.auth_comp_id_1   VAL 
_pdbx_validate_polymer_linkage.auth_seq_id_1    279 
_pdbx_validate_polymer_linkage.PDB_ins_code_1   ? 
_pdbx_validate_polymer_linkage.label_alt_id_1   ? 
_pdbx_validate_polymer_linkage.auth_atom_id_2   N 
_pdbx_validate_polymer_linkage.auth_asym_id_2   A 
_pdbx_validate_polymer_linkage.auth_comp_id_2   LYS 
_pdbx_validate_polymer_linkage.auth_seq_id_2    280 
_pdbx_validate_polymer_linkage.PDB_ins_code_2   ? 
_pdbx_validate_polymer_linkage.label_alt_id_2   ? 
_pdbx_validate_polymer_linkage.dist             0.42 
# 
loop_
_pdbx_unobs_or_zero_occ_atoms.id 
_pdbx_unobs_or_zero_occ_atoms.PDB_model_num 
_pdbx_unobs_or_zero_occ_atoms.polymer_flag 
_pdbx_unobs_or_zero_occ_atoms.occupancy_flag 
_pdbx_unobs_or_zero_occ_atoms.auth_asym_id 
_pdbx_unobs_or_zero_occ_atoms.auth_comp_id 
_pdbx_unobs_or_zero_occ_atoms.auth_seq_id 
_pdbx_unobs_or_zero_occ_atoms.PDB_ins_code 
_pdbx_unobs_or_zero_occ_atoms.auth_atom_id 
_pdbx_unobs_or_zero_occ_atoms.label_alt_id 
_pdbx_unobs_or_zero_occ_atoms.label_asym_id 
_pdbx_unobs_or_zero_occ_atoms.label_comp_id 
_pdbx_unobs_or_zero_occ_atoms.label_seq_id 
_pdbx_unobs_or_zero_occ_atoms.label_atom_id 
1  1 Y 1 A PHE 263 ? CG  ? A PHE 13  CG  
2  1 Y 1 A PHE 263 ? CD1 ? A PHE 13  CD1 
3  1 Y 1 A PHE 263 ? CD2 ? A PHE 13  CD2 
4  1 Y 1 A PHE 263 ? CE1 ? A PHE 13  CE1 
5  1 Y 1 A PHE 263 ? CE2 ? A PHE 13  CE2 
6  1 Y 1 A PHE 263 ? CZ  ? A PHE 13  CZ  
7  1 Y 0 A LYS 280 ? CG  ? A LYS 30  CG  
8  1 Y 0 A LYS 280 ? CD  ? A LYS 30  CD  
9  1 Y 0 A LYS 280 ? CE  ? A LYS 30  CE  
10 1 Y 0 A LYS 280 ? NZ  ? A LYS 30  NZ  
11 1 Y 0 A ARG 323 ? CG  ? A ARG 73  CG  
12 1 Y 0 A ARG 323 ? CD  ? A ARG 73  CD  
13 1 Y 0 A ARG 323 ? NE  ? A ARG 73  NE  
14 1 Y 0 A ARG 323 ? CZ  ? A ARG 73  CZ  
15 1 Y 0 A ARG 323 ? NH1 ? A ARG 73  NH1 
16 1 Y 0 A ARG 323 ? NH2 ? A ARG 73  NH2 
17 1 Y 0 A SER 334 ? OG  ? A SER 84  OG  
18 1 Y 0 A HIS 335 ? CG  ? A HIS 85  CG  
19 1 Y 0 A HIS 335 ? ND1 ? A HIS 85  ND1 
20 1 Y 0 A HIS 335 ? CD2 ? A HIS 85  CD2 
21 1 Y 0 A HIS 335 ? CE1 ? A HIS 85  CE1 
22 1 Y 0 A HIS 335 ? NE2 ? A HIS 85  NE2 
23 1 Y 0 A LYS 336 ? CG  ? A LYS 86  CG  
24 1 Y 0 A LYS 336 ? CD  ? A LYS 86  CD  
25 1 Y 0 A LYS 336 ? CE  ? A LYS 86  CE  
26 1 Y 0 A LYS 336 ? NZ  ? A LYS 86  NZ  
27 1 Y 0 A GLU 353 ? CG  ? A GLU 103 CG  
28 1 Y 0 A GLU 353 ? CD  ? A GLU 103 CD  
29 1 Y 0 A GLU 353 ? OE1 ? A GLU 103 OE1 
30 1 Y 0 A GLU 353 ? OE2 ? A GLU 103 OE2 
31 1 Y 0 A ASN 355 ? CG  ? A ASN 105 CG  
32 1 Y 0 A ASN 355 ? OD1 ? A ASN 105 OD1 
33 1 Y 0 A ASN 355 ? ND2 ? A ASN 105 ND2 
34 1 Y 0 A GLU 370 ? CG  ? A GLU 120 CG  
35 1 Y 0 A GLU 370 ? CD  ? A GLU 120 CD  
36 1 Y 0 A GLU 370 ? OE1 ? A GLU 120 OE1 
37 1 Y 0 A GLU 370 ? OE2 ? A GLU 120 OE2 
38 1 Y 0 A ASP 387 ? CG  ? A ASP 137 CG  
39 1 Y 0 A ASP 387 ? OD1 ? A ASP 137 OD1 
40 1 Y 0 A ASP 387 ? OD2 ? A ASP 137 OD2 
# 
loop_
_pdbx_unobs_or_zero_occ_residues.id 
_pdbx_unobs_or_zero_occ_residues.PDB_model_num 
_pdbx_unobs_or_zero_occ_residues.polymer_flag 
_pdbx_unobs_or_zero_occ_residues.occupancy_flag 
_pdbx_unobs_or_zero_occ_residues.auth_asym_id 
_pdbx_unobs_or_zero_occ_residues.auth_comp_id 
_pdbx_unobs_or_zero_occ_residues.auth_seq_id 
_pdbx_unobs_or_zero_occ_residues.PDB_ins_code 
_pdbx_unobs_or_zero_occ_residues.label_asym_id 
_pdbx_unobs_or_zero_occ_residues.label_comp_id 
_pdbx_unobs_or_zero_occ_residues.label_seq_id 
1  1 Y 1 A MET 251 ? A MET 1  
2  1 Y 1 A GLY 252 ? A GLY 2  
3  1 Y 1 A HIS 253 ? A HIS 3  
4  1 Y 1 A HIS 254 ? A HIS 4  
5  1 Y 1 A HIS 255 ? A HIS 5  
6  1 Y 1 A HIS 256 ? A HIS 6  
7  1 Y 1 A HIS 257 ? A HIS 7  
8  1 Y 1 A HIS 258 ? A HIS 8  
9  1 Y 1 A GLY 259 ? A GLY 9  
10 1 Y 1 A SER 260 ? A SER 10 
11 1 Y 0 A GLY 276 ? A GLY 26 
12 1 Y 0 A GLY 277 ? A GLY 27 
13 1 Y 0 A ARG 278 ? A ARG 28 
14 1 Y 0 A VAL 279 ? A VAL 29 
# 
loop_
_chem_comp_atom.comp_id 
_chem_comp_atom.atom_id 
_chem_comp_atom.type_symbol 
_chem_comp_atom.pdbx_aromatic_flag 
_chem_comp_atom.pdbx_stereo_config 
_chem_comp_atom.pdbx_ordinal 
ALA N    N N N 1   
ALA CA   C N S 2   
ALA C    C N N 3   
ALA O    O N N 4   
ALA CB   C N N 5   
ALA OXT  O N N 6   
ALA H    H N N 7   
ALA H2   H N N 8   
ALA HA   H N N 9   
ALA HB1  H N N 10  
ALA HB2  H N N 11  
ALA HB3  H N N 12  
ALA HXT  H N N 13  
ARG N    N N N 14  
ARG CA   C N S 15  
ARG C    C N N 16  
ARG O    O N N 17  
ARG CB   C N N 18  
ARG CG   C N N 19  
ARG CD   C N N 20  
ARG NE   N N N 21  
ARG CZ   C N N 22  
ARG NH1  N N N 23  
ARG NH2  N N N 24  
ARG OXT  O N N 25  
ARG H    H N N 26  
ARG H2   H N N 27  
ARG HA   H N N 28  
ARG HB2  H N N 29  
ARG HB3  H N N 30  
ARG HG2  H N N 31  
ARG HG3  H N N 32  
ARG HD2  H N N 33  
ARG HD3  H N N 34  
ARG HE   H N N 35  
ARG HH11 H N N 36  
ARG HH12 H N N 37  
ARG HH21 H N N 38  
ARG HH22 H N N 39  
ARG HXT  H N N 40  
ASN N    N N N 41  
ASN CA   C N S 42  
ASN C    C N N 43  
ASN O    O N N 44  
ASN CB   C N N 45  
ASN CG   C N N 46  
ASN OD1  O N N 47  
ASN ND2  N N N 48  
ASN OXT  O N N 49  
ASN H    H N N 50  
ASN H2   H N N 51  
ASN HA   H N N 52  
ASN HB2  H N N 53  
ASN HB3  H N N 54  
ASN HD21 H N N 55  
ASN HD22 H N N 56  
ASN HXT  H N N 57  
ASP N    N N N 58  
ASP CA   C N S 59  
ASP C    C N N 60  
ASP O    O N N 61  
ASP CB   C N N 62  
ASP CG   C N N 63  
ASP OD1  O N N 64  
ASP OD2  O N N 65  
ASP OXT  O N N 66  
ASP H    H N N 67  
ASP H2   H N N 68  
ASP HA   H N N 69  
ASP HB2  H N N 70  
ASP HB3  H N N 71  
ASP HD2  H N N 72  
ASP HXT  H N N 73  
CYS N    N N N 74  
CYS CA   C N R 75  
CYS C    C N N 76  
CYS O    O N N 77  
CYS CB   C N N 78  
CYS SG   S N N 79  
CYS OXT  O N N 80  
CYS H    H N N 81  
CYS H2   H N N 82  
CYS HA   H N N 83  
CYS HB2  H N N 84  
CYS HB3  H N N 85  
CYS HG   H N N 86  
CYS HXT  H N N 87  
GLN N    N N N 88  
GLN CA   C N S 89  
GLN C    C N N 90  
GLN O    O N N 91  
GLN CB   C N N 92  
GLN CG   C N N 93  
GLN CD   C N N 94  
GLN OE1  O N N 95  
GLN NE2  N N N 96  
GLN OXT  O N N 97  
GLN H    H N N 98  
GLN H2   H N N 99  
GLN HA   H N N 100 
GLN HB2  H N N 101 
GLN HB3  H N N 102 
GLN HG2  H N N 103 
GLN HG3  H N N 104 
GLN HE21 H N N 105 
GLN HE22 H N N 106 
GLN HXT  H N N 107 
GLU N    N N N 108 
GLU CA   C N S 109 
GLU C    C N N 110 
GLU O    O N N 111 
GLU CB   C N N 112 
GLU CG   C N N 113 
GLU CD   C N N 114 
GLU OE1  O N N 115 
GLU OE2  O N N 116 
GLU OXT  O N N 117 
GLU H    H N N 118 
GLU H2   H N N 119 
GLU HA   H N N 120 
GLU HB2  H N N 121 
GLU HB3  H N N 122 
GLU HG2  H N N 123 
GLU HG3  H N N 124 
GLU HE2  H N N 125 
GLU HXT  H N N 126 
GLY N    N N N 127 
GLY CA   C N N 128 
GLY C    C N N 129 
GLY O    O N N 130 
GLY OXT  O N N 131 
GLY H    H N N 132 
GLY H2   H N N 133 
GLY HA2  H N N 134 
GLY HA3  H N N 135 
GLY HXT  H N N 136 
HIS N    N N N 137 
HIS CA   C N S 138 
HIS C    C N N 139 
HIS O    O N N 140 
HIS CB   C N N 141 
HIS CG   C Y N 142 
HIS ND1  N Y N 143 
HIS CD2  C Y N 144 
HIS CE1  C Y N 145 
HIS NE2  N Y N 146 
HIS OXT  O N N 147 
HIS H    H N N 148 
HIS H2   H N N 149 
HIS HA   H N N 150 
HIS HB2  H N N 151 
HIS HB3  H N N 152 
HIS HD1  H N N 153 
HIS HD2  H N N 154 
HIS HE1  H N N 155 
HIS HE2  H N N 156 
HIS HXT  H N N 157 
HOH O    O N N 158 
HOH H1   H N N 159 
HOH H2   H N N 160 
ILE N    N N N 161 
ILE CA   C N S 162 
ILE C    C N N 163 
ILE O    O N N 164 
ILE CB   C N S 165 
ILE CG1  C N N 166 
ILE CG2  C N N 167 
ILE CD1  C N N 168 
ILE OXT  O N N 169 
ILE H    H N N 170 
ILE H2   H N N 171 
ILE HA   H N N 172 
ILE HB   H N N 173 
ILE HG12 H N N 174 
ILE HG13 H N N 175 
ILE HG21 H N N 176 
ILE HG22 H N N 177 
ILE HG23 H N N 178 
ILE HD11 H N N 179 
ILE HD12 H N N 180 
ILE HD13 H N N 181 
ILE HXT  H N N 182 
LEU N    N N N 183 
LEU CA   C N S 184 
LEU C    C N N 185 
LEU O    O N N 186 
LEU CB   C N N 187 
LEU CG   C N N 188 
LEU CD1  C N N 189 
LEU CD2  C N N 190 
LEU OXT  O N N 191 
LEU H    H N N 192 
LEU H2   H N N 193 
LEU HA   H N N 194 
LEU HB2  H N N 195 
LEU HB3  H N N 196 
LEU HG   H N N 197 
LEU HD11 H N N 198 
LEU HD12 H N N 199 
LEU HD13 H N N 200 
LEU HD21 H N N 201 
LEU HD22 H N N 202 
LEU HD23 H N N 203 
LEU HXT  H N N 204 
LYS N    N N N 205 
LYS CA   C N S 206 
LYS C    C N N 207 
LYS O    O N N 208 
LYS CB   C N N 209 
LYS CG   C N N 210 
LYS CD   C N N 211 
LYS CE   C N N 212 
LYS NZ   N N N 213 
LYS OXT  O N N 214 
LYS H    H N N 215 
LYS H2   H N N 216 
LYS HA   H N N 217 
LYS HB2  H N N 218 
LYS HB3  H N N 219 
LYS HG2  H N N 220 
LYS HG3  H N N 221 
LYS HD2  H N N 222 
LYS HD3  H N N 223 
LYS HE2  H N N 224 
LYS HE3  H N N 225 
LYS HZ1  H N N 226 
LYS HZ2  H N N 227 
LYS HZ3  H N N 228 
LYS HXT  H N N 229 
MET N    N N N 230 
MET CA   C N S 231 
MET C    C N N 232 
MET O    O N N 233 
MET CB   C N N 234 
MET CG   C N N 235 
MET SD   S N N 236 
MET CE   C N N 237 
MET OXT  O N N 238 
MET H    H N N 239 
MET H2   H N N 240 
MET HA   H N N 241 
MET HB2  H N N 242 
MET HB3  H N N 243 
MET HG2  H N N 244 
MET HG3  H N N 245 
MET HE1  H N N 246 
MET HE2  H N N 247 
MET HE3  H N N 248 
MET HXT  H N N 249 
PHE N    N N N 250 
PHE CA   C N S 251 
PHE C    C N N 252 
PHE O    O N N 253 
PHE CB   C N N 254 
PHE CG   C Y N 255 
PHE CD1  C Y N 256 
PHE CD2  C Y N 257 
PHE CE1  C Y N 258 
PHE CE2  C Y N 259 
PHE CZ   C Y N 260 
PHE OXT  O N N 261 
PHE H    H N N 262 
PHE H2   H N N 263 
PHE HA   H N N 264 
PHE HB2  H N N 265 
PHE HB3  H N N 266 
PHE HD1  H N N 267 
PHE HD2  H N N 268 
PHE HE1  H N N 269 
PHE HE2  H N N 270 
PHE HZ   H N N 271 
PHE HXT  H N N 272 
PRO N    N N N 273 
PRO CA   C N S 274 
PRO C    C N N 275 
PRO O    O N N 276 
PRO CB   C N N 277 
PRO CG   C N N 278 
PRO CD   C N N 279 
PRO OXT  O N N 280 
PRO H    H N N 281 
PRO HA   H N N 282 
PRO HB2  H N N 283 
PRO HB3  H N N 284 
PRO HG2  H N N 285 
PRO HG3  H N N 286 
PRO HD2  H N N 287 
PRO HD3  H N N 288 
PRO HXT  H N N 289 
SER N    N N N 290 
SER CA   C N S 291 
SER C    C N N 292 
SER O    O N N 293 
SER CB   C N N 294 
SER OG   O N N 295 
SER OXT  O N N 296 
SER H    H N N 297 
SER H2   H N N 298 
SER HA   H N N 299 
SER HB2  H N N 300 
SER HB3  H N N 301 
SER HG   H N N 302 
SER HXT  H N N 303 
SO4 S    S N N 304 
SO4 O1   O N N 305 
SO4 O2   O N N 306 
SO4 O3   O N N 307 
SO4 O4   O N N 308 
THR N    N N N 309 
THR CA   C N S 310 
THR C    C N N 311 
THR O    O N N 312 
THR CB   C N R 313 
THR OG1  O N N 314 
THR CG2  C N N 315 
THR OXT  O N N 316 
THR H    H N N 317 
THR H2   H N N 318 
THR HA   H N N 319 
THR HB   H N N 320 
THR HG1  H N N 321 
THR HG21 H N N 322 
THR HG22 H N N 323 
THR HG23 H N N 324 
THR HXT  H N N 325 
TRP N    N N N 326 
TRP CA   C N S 327 
TRP C    C N N 328 
TRP O    O N N 329 
TRP CB   C N N 330 
TRP CG   C Y N 331 
TRP CD1  C Y N 332 
TRP CD2  C Y N 333 
TRP NE1  N Y N 334 
TRP CE2  C Y N 335 
TRP CE3  C Y N 336 
TRP CZ2  C Y N 337 
TRP CZ3  C Y N 338 
TRP CH2  C Y N 339 
TRP OXT  O N N 340 
TRP H    H N N 341 
TRP H2   H N N 342 
TRP HA   H N N 343 
TRP HB2  H N N 344 
TRP HB3  H N N 345 
TRP HD1  H N N 346 
TRP HE1  H N N 347 
TRP HE3  H N N 348 
TRP HZ2  H N N 349 
TRP HZ3  H N N 350 
TRP HH2  H N N 351 
TRP HXT  H N N 352 
TYR N    N N N 353 
TYR CA   C N S 354 
TYR C    C N N 355 
TYR O    O N N 356 
TYR CB   C N N 357 
TYR CG   C Y N 358 
TYR CD1  C Y N 359 
TYR CD2  C Y N 360 
TYR CE1  C Y N 361 
TYR CE2  C Y N 362 
TYR CZ   C Y N 363 
TYR OH   O N N 364 
TYR OXT  O N N 365 
TYR H    H N N 366 
TYR H2   H N N 367 
TYR HA   H N N 368 
TYR HB2  H N N 369 
TYR HB3  H N N 370 
TYR HD1  H N N 371 
TYR HD2  H N N 372 
TYR HE1  H N N 373 
TYR HE2  H N N 374 
TYR HH   H N N 375 
TYR HXT  H N N 376 
VAL N    N N N 377 
VAL CA   C N S 378 
VAL C    C N N 379 
VAL O    O N N 380 
VAL CB   C N N 381 
VAL CG1  C N N 382 
VAL CG2  C N N 383 
VAL OXT  O N N 384 
VAL H    H N N 385 
VAL H2   H N N 386 
VAL HA   H N N 387 
VAL HB   H N N 388 
VAL HG11 H N N 389 
VAL HG12 H N N 390 
VAL HG13 H N N 391 
VAL HG21 H N N 392 
VAL HG22 H N N 393 
VAL HG23 H N N 394 
VAL HXT  H N N 395 
# 
loop_
_chem_comp_bond.comp_id 
_chem_comp_bond.atom_id_1 
_chem_comp_bond.atom_id_2 
_chem_comp_bond.value_order 
_chem_comp_bond.pdbx_aromatic_flag 
_chem_comp_bond.pdbx_stereo_config 
_chem_comp_bond.pdbx_ordinal 
ALA N   CA   sing N N 1   
ALA N   H    sing N N 2   
ALA N   H2   sing N N 3   
ALA CA  C    sing N N 4   
ALA CA  CB   sing N N 5   
ALA CA  HA   sing N N 6   
ALA C   O    doub N N 7   
ALA C   OXT  sing N N 8   
ALA CB  HB1  sing N N 9   
ALA CB  HB2  sing N N 10  
ALA CB  HB3  sing N N 11  
ALA OXT HXT  sing N N 12  
ARG N   CA   sing N N 13  
ARG N   H    sing N N 14  
ARG N   H2   sing N N 15  
ARG CA  C    sing N N 16  
ARG CA  CB   sing N N 17  
ARG CA  HA   sing N N 18  
ARG C   O    doub N N 19  
ARG C   OXT  sing N N 20  
ARG CB  CG   sing N N 21  
ARG CB  HB2  sing N N 22  
ARG CB  HB3  sing N N 23  
ARG CG  CD   sing N N 24  
ARG CG  HG2  sing N N 25  
ARG CG  HG3  sing N N 26  
ARG CD  NE   sing N N 27  
ARG CD  HD2  sing N N 28  
ARG CD  HD3  sing N N 29  
ARG NE  CZ   sing N N 30  
ARG NE  HE   sing N N 31  
ARG CZ  NH1  sing N N 32  
ARG CZ  NH2  doub N N 33  
ARG NH1 HH11 sing N N 34  
ARG NH1 HH12 sing N N 35  
ARG NH2 HH21 sing N N 36  
ARG NH2 HH22 sing N N 37  
ARG OXT HXT  sing N N 38  
ASN N   CA   sing N N 39  
ASN N   H    sing N N 40  
ASN N   H2   sing N N 41  
ASN CA  C    sing N N 42  
ASN CA  CB   sing N N 43  
ASN CA  HA   sing N N 44  
ASN C   O    doub N N 45  
ASN C   OXT  sing N N 46  
ASN CB  CG   sing N N 47  
ASN CB  HB2  sing N N 48  
ASN CB  HB3  sing N N 49  
ASN CG  OD1  doub N N 50  
ASN CG  ND2  sing N N 51  
ASN ND2 HD21 sing N N 52  
ASN ND2 HD22 sing N N 53  
ASN OXT HXT  sing N N 54  
ASP N   CA   sing N N 55  
ASP N   H    sing N N 56  
ASP N   H2   sing N N 57  
ASP CA  C    sing N N 58  
ASP CA  CB   sing N N 59  
ASP CA  HA   sing N N 60  
ASP C   O    doub N N 61  
ASP C   OXT  sing N N 62  
ASP CB  CG   sing N N 63  
ASP CB  HB2  sing N N 64  
ASP CB  HB3  sing N N 65  
ASP CG  OD1  doub N N 66  
ASP CG  OD2  sing N N 67  
ASP OD2 HD2  sing N N 68  
ASP OXT HXT  sing N N 69  
CYS N   CA   sing N N 70  
CYS N   H    sing N N 71  
CYS N   H2   sing N N 72  
CYS CA  C    sing N N 73  
CYS CA  CB   sing N N 74  
CYS CA  HA   sing N N 75  
CYS C   O    doub N N 76  
CYS C   OXT  sing N N 77  
CYS CB  SG   sing N N 78  
CYS CB  HB2  sing N N 79  
CYS CB  HB3  sing N N 80  
CYS SG  HG   sing N N 81  
CYS OXT HXT  sing N N 82  
GLN N   CA   sing N N 83  
GLN N   H    sing N N 84  
GLN N   H2   sing N N 85  
GLN CA  C    sing N N 86  
GLN CA  CB   sing N N 87  
GLN CA  HA   sing N N 88  
GLN C   O    doub N N 89  
GLN C   OXT  sing N N 90  
GLN CB  CG   sing N N 91  
GLN CB  HB2  sing N N 92  
GLN CB  HB3  sing N N 93  
GLN CG  CD   sing N N 94  
GLN CG  HG2  sing N N 95  
GLN CG  HG3  sing N N 96  
GLN CD  OE1  doub N N 97  
GLN CD  NE2  sing N N 98  
GLN NE2 HE21 sing N N 99  
GLN NE2 HE22 sing N N 100 
GLN OXT HXT  sing N N 101 
GLU N   CA   sing N N 102 
GLU N   H    sing N N 103 
GLU N   H2   sing N N 104 
GLU CA  C    sing N N 105 
GLU CA  CB   sing N N 106 
GLU CA  HA   sing N N 107 
GLU C   O    doub N N 108 
GLU C   OXT  sing N N 109 
GLU CB  CG   sing N N 110 
GLU CB  HB2  sing N N 111 
GLU CB  HB3  sing N N 112 
GLU CG  CD   sing N N 113 
GLU CG  HG2  sing N N 114 
GLU CG  HG3  sing N N 115 
GLU CD  OE1  doub N N 116 
GLU CD  OE2  sing N N 117 
GLU OE2 HE2  sing N N 118 
GLU OXT HXT  sing N N 119 
GLY N   CA   sing N N 120 
GLY N   H    sing N N 121 
GLY N   H2   sing N N 122 
GLY CA  C    sing N N 123 
GLY CA  HA2  sing N N 124 
GLY CA  HA3  sing N N 125 
GLY C   O    doub N N 126 
GLY C   OXT  sing N N 127 
GLY OXT HXT  sing N N 128 
HIS N   CA   sing N N 129 
HIS N   H    sing N N 130 
HIS N   H2   sing N N 131 
HIS CA  C    sing N N 132 
HIS CA  CB   sing N N 133 
HIS CA  HA   sing N N 134 
HIS C   O    doub N N 135 
HIS C   OXT  sing N N 136 
HIS CB  CG   sing N N 137 
HIS CB  HB2  sing N N 138 
HIS CB  HB3  sing N N 139 
HIS CG  ND1  sing Y N 140 
HIS CG  CD2  doub Y N 141 
HIS ND1 CE1  doub Y N 142 
HIS ND1 HD1  sing N N 143 
HIS CD2 NE2  sing Y N 144 
HIS CD2 HD2  sing N N 145 
HIS CE1 NE2  sing Y N 146 
HIS CE1 HE1  sing N N 147 
HIS NE2 HE2  sing N N 148 
HIS OXT HXT  sing N N 149 
HOH O   H1   sing N N 150 
HOH O   H2   sing N N 151 
ILE N   CA   sing N N 152 
ILE N   H    sing N N 153 
ILE N   H2   sing N N 154 
ILE CA  C    sing N N 155 
ILE CA  CB   sing N N 156 
ILE CA  HA   sing N N 157 
ILE C   O    doub N N 158 
ILE C   OXT  sing N N 159 
ILE CB  CG1  sing N N 160 
ILE CB  CG2  sing N N 161 
ILE CB  HB   sing N N 162 
ILE CG1 CD1  sing N N 163 
ILE CG1 HG12 sing N N 164 
ILE CG1 HG13 sing N N 165 
ILE CG2 HG21 sing N N 166 
ILE CG2 HG22 sing N N 167 
ILE CG2 HG23 sing N N 168 
ILE CD1 HD11 sing N N 169 
ILE CD1 HD12 sing N N 170 
ILE CD1 HD13 sing N N 171 
ILE OXT HXT  sing N N 172 
LEU N   CA   sing N N 173 
LEU N   H    sing N N 174 
LEU N   H2   sing N N 175 
LEU CA  C    sing N N 176 
LEU CA  CB   sing N N 177 
LEU CA  HA   sing N N 178 
LEU C   O    doub N N 179 
LEU C   OXT  sing N N 180 
LEU CB  CG   sing N N 181 
LEU CB  HB2  sing N N 182 
LEU CB  HB3  sing N N 183 
LEU CG  CD1  sing N N 184 
LEU CG  CD2  sing N N 185 
LEU CG  HG   sing N N 186 
LEU CD1 HD11 sing N N 187 
LEU CD1 HD12 sing N N 188 
LEU CD1 HD13 sing N N 189 
LEU CD2 HD21 sing N N 190 
LEU CD2 HD22 sing N N 191 
LEU CD2 HD23 sing N N 192 
LEU OXT HXT  sing N N 193 
LYS N   CA   sing N N 194 
LYS N   H    sing N N 195 
LYS N   H2   sing N N 196 
LYS CA  C    sing N N 197 
LYS CA  CB   sing N N 198 
LYS CA  HA   sing N N 199 
LYS C   O    doub N N 200 
LYS C   OXT  sing N N 201 
LYS CB  CG   sing N N 202 
LYS CB  HB2  sing N N 203 
LYS CB  HB3  sing N N 204 
LYS CG  CD   sing N N 205 
LYS CG  HG2  sing N N 206 
LYS CG  HG3  sing N N 207 
LYS CD  CE   sing N N 208 
LYS CD  HD2  sing N N 209 
LYS CD  HD3  sing N N 210 
LYS CE  NZ   sing N N 211 
LYS CE  HE2  sing N N 212 
LYS CE  HE3  sing N N 213 
LYS NZ  HZ1  sing N N 214 
LYS NZ  HZ2  sing N N 215 
LYS NZ  HZ3  sing N N 216 
LYS OXT HXT  sing N N 217 
MET N   CA   sing N N 218 
MET N   H    sing N N 219 
MET N   H2   sing N N 220 
MET CA  C    sing N N 221 
MET CA  CB   sing N N 222 
MET CA  HA   sing N N 223 
MET C   O    doub N N 224 
MET C   OXT  sing N N 225 
MET CB  CG   sing N N 226 
MET CB  HB2  sing N N 227 
MET CB  HB3  sing N N 228 
MET CG  SD   sing N N 229 
MET CG  HG2  sing N N 230 
MET CG  HG3  sing N N 231 
MET SD  CE   sing N N 232 
MET CE  HE1  sing N N 233 
MET CE  HE2  sing N N 234 
MET CE  HE3  sing N N 235 
MET OXT HXT  sing N N 236 
PHE N   CA   sing N N 237 
PHE N   H    sing N N 238 
PHE N   H2   sing N N 239 
PHE CA  C    sing N N 240 
PHE CA  CB   sing N N 241 
PHE CA  HA   sing N N 242 
PHE C   O    doub N N 243 
PHE C   OXT  sing N N 244 
PHE CB  CG   sing N N 245 
PHE CB  HB2  sing N N 246 
PHE CB  HB3  sing N N 247 
PHE CG  CD1  doub Y N 248 
PHE CG  CD2  sing Y N 249 
PHE CD1 CE1  sing Y N 250 
PHE CD1 HD1  sing N N 251 
PHE CD2 CE2  doub Y N 252 
PHE CD2 HD2  sing N N 253 
PHE CE1 CZ   doub Y N 254 
PHE CE1 HE1  sing N N 255 
PHE CE2 CZ   sing Y N 256 
PHE CE2 HE2  sing N N 257 
PHE CZ  HZ   sing N N 258 
PHE OXT HXT  sing N N 259 
PRO N   CA   sing N N 260 
PRO N   CD   sing N N 261 
PRO N   H    sing N N 262 
PRO CA  C    sing N N 263 
PRO CA  CB   sing N N 264 
PRO CA  HA   sing N N 265 
PRO C   O    doub N N 266 
PRO C   OXT  sing N N 267 
PRO CB  CG   sing N N 268 
PRO CB  HB2  sing N N 269 
PRO CB  HB3  sing N N 270 
PRO CG  CD   sing N N 271 
PRO CG  HG2  sing N N 272 
PRO CG  HG3  sing N N 273 
PRO CD  HD2  sing N N 274 
PRO CD  HD3  sing N N 275 
PRO OXT HXT  sing N N 276 
SER N   CA   sing N N 277 
SER N   H    sing N N 278 
SER N   H2   sing N N 279 
SER CA  C    sing N N 280 
SER CA  CB   sing N N 281 
SER CA  HA   sing N N 282 
SER C   O    doub N N 283 
SER C   OXT  sing N N 284 
SER CB  OG   sing N N 285 
SER CB  HB2  sing N N 286 
SER CB  HB3  sing N N 287 
SER OG  HG   sing N N 288 
SER OXT HXT  sing N N 289 
SO4 S   O1   doub N N 290 
SO4 S   O2   doub N N 291 
SO4 S   O3   sing N N 292 
SO4 S   O4   sing N N 293 
THR N   CA   sing N N 294 
THR N   H    sing N N 295 
THR N   H2   sing N N 296 
THR CA  C    sing N N 297 
THR CA  CB   sing N N 298 
THR CA  HA   sing N N 299 
THR C   O    doub N N 300 
THR C   OXT  sing N N 301 
THR CB  OG1  sing N N 302 
THR CB  CG2  sing N N 303 
THR CB  HB   sing N N 304 
THR OG1 HG1  sing N N 305 
THR CG2 HG21 sing N N 306 
THR CG2 HG22 sing N N 307 
THR CG2 HG23 sing N N 308 
THR OXT HXT  sing N N 309 
TRP N   CA   sing N N 310 
TRP N   H    sing N N 311 
TRP N   H2   sing N N 312 
TRP CA  C    sing N N 313 
TRP CA  CB   sing N N 314 
TRP CA  HA   sing N N 315 
TRP C   O    doub N N 316 
TRP C   OXT  sing N N 317 
TRP CB  CG   sing N N 318 
TRP CB  HB2  sing N N 319 
TRP CB  HB3  sing N N 320 
TRP CG  CD1  doub Y N 321 
TRP CG  CD2  sing Y N 322 
TRP CD1 NE1  sing Y N 323 
TRP CD1 HD1  sing N N 324 
TRP CD2 CE2  doub Y N 325 
TRP CD2 CE3  sing Y N 326 
TRP NE1 CE2  sing Y N 327 
TRP NE1 HE1  sing N N 328 
TRP CE2 CZ2  sing Y N 329 
TRP CE3 CZ3  doub Y N 330 
TRP CE3 HE3  sing N N 331 
TRP CZ2 CH2  doub Y N 332 
TRP CZ2 HZ2  sing N N 333 
TRP CZ3 CH2  sing Y N 334 
TRP CZ3 HZ3  sing N N 335 
TRP CH2 HH2  sing N N 336 
TRP OXT HXT  sing N N 337 
TYR N   CA   sing N N 338 
TYR N   H    sing N N 339 
TYR N   H2   sing N N 340 
TYR CA  C    sing N N 341 
TYR CA  CB   sing N N 342 
TYR CA  HA   sing N N 343 
TYR C   O    doub N N 344 
TYR C   OXT  sing N N 345 
TYR CB  CG   sing N N 346 
TYR CB  HB2  sing N N 347 
TYR CB  HB3  sing N N 348 
TYR CG  CD1  doub Y N 349 
TYR CG  CD2  sing Y N 350 
TYR CD1 CE1  sing Y N 351 
TYR CD1 HD1  sing N N 352 
TYR CD2 CE2  doub Y N 353 
TYR CD2 HD2  sing N N 354 
TYR CE1 CZ   doub Y N 355 
TYR CE1 HE1  sing N N 356 
TYR CE2 CZ   sing Y N 357 
TYR CE2 HE2  sing N N 358 
TYR CZ  OH   sing N N 359 
TYR OH  HH   sing N N 360 
TYR OXT HXT  sing N N 361 
VAL N   CA   sing N N 362 
VAL N   H    sing N N 363 
VAL N   H2   sing N N 364 
VAL CA  C    sing N N 365 
VAL CA  CB   sing N N 366 
VAL CA  HA   sing N N 367 
VAL C   O    doub N N 368 
VAL C   OXT  sing N N 369 
VAL CB  CG1  sing N N 370 
VAL CB  CG2  sing N N 371 
VAL CB  HB   sing N N 372 
VAL CG1 HG11 sing N N 373 
VAL CG1 HG12 sing N N 374 
VAL CG1 HG13 sing N N 375 
VAL CG2 HG21 sing N N 376 
VAL CG2 HG22 sing N N 377 
VAL CG2 HG23 sing N N 378 
VAL OXT HXT  sing N N 379 
# 
loop_
_pdbx_entity_nonpoly.entity_id 
_pdbx_entity_nonpoly.name 
_pdbx_entity_nonpoly.comp_id 
2 'SULFATE ION' SO4 
3 water         HOH 
# 
_pdbx_initial_refinement_model.id               1 
_pdbx_initial_refinement_model.entity_id_list   ? 
_pdbx_initial_refinement_model.type             'experimental model' 
_pdbx_initial_refinement_model.source_name      PDB 
_pdbx_initial_refinement_model.accession_code   1FGY 
_pdbx_initial_refinement_model.details          ? 
# 
